data_2ECV
#
_entry.id   2ECV
#
loop_
_entity.id
_entity.type
_entity.pdbx_description
1 polymer 'Tripartite motif-containing protein 5'
2 non-polymer 'ZINC ION'
#
_entity_poly.entity_id   1
_entity_poly.type   'polypeptide(L)'
_entity_poly.pdbx_seq_one_letter_code
;GSSGSSGMASGILVNVKEEVTCPICLELLTQPLSLDCGHSFCQACLTANHKKSMLDKGESSCPVCRISYQPENIRPNRHV
ANIVE
;
_entity_poly.pdbx_strand_id   A
#
# COMPACT_ATOMS: atom_id res chain seq x y z
N GLY A 1 43.65 -14.96 -4.68
CA GLY A 1 42.57 -15.59 -3.95
C GLY A 1 41.62 -14.58 -3.34
N SER A 2 41.14 -13.65 -4.14
CA SER A 2 40.23 -12.61 -3.67
C SER A 2 39.27 -12.19 -4.78
N SER A 3 38.02 -11.96 -4.41
CA SER A 3 37.00 -11.56 -5.37
C SER A 3 35.78 -10.96 -4.66
N GLY A 4 35.31 -9.81 -5.15
CA GLY A 4 34.17 -9.17 -4.56
C GLY A 4 34.28 -7.65 -4.58
N SER A 5 33.71 -7.02 -5.61
CA SER A 5 33.76 -5.57 -5.74
C SER A 5 32.44 -4.95 -5.32
N SER A 6 32.28 -4.73 -4.02
CA SER A 6 31.07 -4.13 -3.48
C SER A 6 31.28 -2.66 -3.14
N GLY A 7 30.46 -1.80 -3.73
CA GLY A 7 30.58 -0.37 -3.48
C GLY A 7 30.30 -0.02 -2.03
N MET A 8 30.74 1.17 -1.62
CA MET A 8 30.53 1.63 -0.26
C MET A 8 29.07 1.45 0.16
N ALA A 9 28.86 0.91 1.36
CA ALA A 9 27.52 0.69 1.88
C ALA A 9 26.95 1.95 2.51
N SER A 10 27.02 3.06 1.76
CA SER A 10 26.51 4.34 2.25
C SER A 10 25.05 4.53 1.87
N GLY A 11 24.18 3.73 2.46
CA GLY A 11 22.76 3.83 2.17
C GLY A 11 22.12 5.06 2.78
N ILE A 12 22.95 5.96 3.31
CA ILE A 12 22.46 7.19 3.92
C ILE A 12 21.83 8.10 2.88
N LEU A 13 20.68 8.68 3.23
CA LEU A 13 19.98 9.58 2.33
C LEU A 13 19.36 10.75 3.10
N VAL A 14 19.55 11.96 2.57
CA VAL A 14 19.01 13.15 3.20
C VAL A 14 17.72 13.61 2.53
N ASN A 15 16.59 13.24 3.12
CA ASN A 15 15.28 13.61 2.57
C ASN A 15 14.27 13.85 3.69
N VAL A 16 13.16 14.49 3.35
CA VAL A 16 12.11 14.78 4.32
C VAL A 16 11.32 13.53 4.66
N LYS A 17 10.60 13.59 5.79
CA LYS A 17 9.79 12.46 6.23
C LYS A 17 8.69 12.15 5.23
N GLU A 18 8.00 11.04 5.43
CA GLU A 18 6.91 10.63 4.54
C GLU A 18 5.55 10.88 5.21
N GLU A 19 4.60 11.35 4.40
CA GLU A 19 3.26 11.63 4.91
C GLU A 19 2.29 10.51 4.54
N VAL A 20 2.46 9.97 3.34
CA VAL A 20 1.61 8.89 2.87
C VAL A 20 2.04 7.54 3.44
N THR A 21 1.21 7.00 4.32
CA THR A 21 1.51 5.71 4.94
C THR A 21 0.47 4.65 4.56
N CYS A 22 0.90 3.40 4.55
CA CYS A 22 0.00 2.30 4.20
C CYS A 22 -0.82 1.86 5.40
N PRO A 23 -2.15 1.86 5.23
CA PRO A 23 -3.08 1.46 6.30
C PRO A 23 -3.02 -0.04 6.61
N ILE A 24 -2.15 -0.75 5.88
CA ILE A 24 -1.99 -2.18 6.08
C ILE A 24 -0.70 -2.48 6.85
N CYS A 25 0.43 -2.30 6.18
CA CYS A 25 1.73 -2.55 6.80
C CYS A 25 2.13 -1.41 7.73
N LEU A 26 1.48 -0.25 7.54
CA LEU A 26 1.77 0.91 8.37
C LEU A 26 3.26 1.23 8.38
N GLU A 27 3.90 1.09 7.22
CA GLU A 27 5.32 1.36 7.08
C GLU A 27 5.56 2.62 6.28
N LEU A 28 5.29 2.56 4.99
CA LEU A 28 5.47 3.70 4.10
C LEU A 28 4.80 3.47 2.75
N LEU A 29 4.36 4.54 2.12
CA LEU A 29 3.69 4.45 0.82
C LEU A 29 4.35 5.39 -0.20
N THR A 30 5.45 4.94 -0.78
CA THR A 30 6.17 5.74 -1.76
C THR A 30 5.53 5.62 -3.14
N GLN A 31 5.15 4.40 -3.51
CA GLN A 31 4.52 4.16 -4.80
C GLN A 31 3.23 3.36 -4.64
N PRO A 32 2.30 3.90 -3.84
CA PRO A 32 1.01 3.25 -3.58
C PRO A 32 0.10 3.27 -4.81
N LEU A 33 -1.05 2.62 -4.69
CA LEU A 33 -2.01 2.56 -5.79
C LEU A 33 -3.26 3.38 -5.46
N SER A 34 -4.08 3.62 -6.49
CA SER A 34 -5.30 4.39 -6.32
C SER A 34 -6.53 3.54 -6.62
N LEU A 35 -7.58 3.74 -5.83
CA LEU A 35 -8.83 2.99 -6.01
C LEU A 35 -9.99 3.94 -6.29
N ASP A 36 -11.19 3.38 -6.37
CA ASP A 36 -12.39 4.16 -6.62
C ASP A 36 -12.92 4.77 -5.33
N CYS A 37 -12.12 4.70 -4.27
CA CYS A 37 -12.52 5.25 -2.98
C CYS A 37 -11.60 6.40 -2.57
N GLY A 38 -10.35 6.34 -3.02
CA GLY A 38 -9.39 7.38 -2.70
C GLY A 38 -8.23 6.86 -1.89
N HIS A 39 -8.52 6.01 -0.92
CA HIS A 39 -7.49 5.43 -0.07
C HIS A 39 -6.44 4.70 -0.89
N SER A 40 -5.17 4.92 -0.59
CA SER A 40 -4.08 4.29 -1.32
C SER A 40 -3.56 3.07 -0.55
N PHE A 41 -2.81 2.23 -1.25
CA PHE A 41 -2.25 1.01 -0.64
C PHE A 41 -1.05 0.51 -1.43
N CYS A 42 -0.44 -0.55 -0.94
CA CYS A 42 0.73 -1.14 -1.60
C CYS A 42 0.30 -2.12 -2.69
N GLN A 43 0.99 -2.06 -3.83
CA GLN A 43 0.67 -2.94 -4.95
C GLN A 43 0.66 -4.40 -4.50
N ALA A 44 1.23 -4.67 -3.33
CA ALA A 44 1.27 -6.02 -2.79
C ALA A 44 0.24 -6.21 -1.70
N CYS A 45 0.23 -5.29 -0.73
CA CYS A 45 -0.71 -5.37 0.39
C CYS A 45 -2.14 -5.51 -0.12
N LEU A 46 -2.43 -4.87 -1.24
CA LEU A 46 -3.77 -4.94 -1.84
C LEU A 46 -4.06 -6.35 -2.35
N THR A 47 -3.11 -6.93 -3.05
CA THR A 47 -3.27 -8.28 -3.60
C THR A 47 -3.54 -9.29 -2.48
N ALA A 48 -2.82 -9.14 -1.37
CA ALA A 48 -2.99 -10.04 -0.24
C ALA A 48 -4.32 -9.80 0.46
N ASN A 49 -4.64 -8.54 0.71
CA ASN A 49 -5.89 -8.18 1.37
C ASN A 49 -7.08 -8.77 0.63
N HIS A 50 -7.08 -8.62 -0.69
CA HIS A 50 -8.17 -9.13 -1.52
C HIS A 50 -8.44 -10.60 -1.21
N LYS A 51 -7.37 -11.38 -1.14
CA LYS A 51 -7.49 -12.81 -0.85
C LYS A 51 -8.11 -13.05 0.51
N LYS A 52 -7.70 -12.24 1.50
CA LYS A 52 -8.23 -12.35 2.86
C LYS A 52 -9.75 -12.42 2.84
N SER A 53 -10.38 -11.41 2.27
CA SER A 53 -11.83 -11.36 2.20
C SER A 53 -12.35 -12.19 1.02
N MET A 54 -11.72 -13.33 0.78
CA MET A 54 -12.11 -14.21 -0.31
C MET A 54 -12.65 -15.54 0.23
N LEU A 55 -12.17 -15.92 1.42
CA LEU A 55 -12.60 -17.16 2.04
C LEU A 55 -13.82 -16.94 2.92
N ASP A 56 -13.96 -15.72 3.44
CA ASP A 56 -15.09 -15.37 4.30
C ASP A 56 -16.31 -14.98 3.47
N LYS A 57 -16.12 -14.00 2.59
CA LYS A 57 -17.20 -13.52 1.74
C LYS A 57 -16.95 -13.89 0.28
N GLY A 58 -15.75 -13.62 -0.20
CA GLY A 58 -15.40 -13.93 -1.58
C GLY A 58 -14.96 -12.71 -2.36
N GLU A 59 -15.69 -11.61 -2.19
CA GLU A 59 -15.36 -10.38 -2.90
C GLU A 59 -14.47 -9.48 -2.04
N SER A 60 -13.50 -8.84 -2.68
CA SER A 60 -12.57 -7.96 -1.98
C SER A 60 -13.13 -6.54 -1.91
N SER A 61 -12.48 -5.71 -1.10
CA SER A 61 -12.91 -4.33 -0.93
C SER A 61 -11.92 -3.54 -0.07
N CYS A 62 -12.01 -2.22 -0.11
CA CYS A 62 -11.12 -1.36 0.65
C CYS A 62 -11.16 -1.73 2.14
N PRO A 63 -9.99 -2.14 2.67
CA PRO A 63 -9.86 -2.54 4.07
C PRO A 63 -9.99 -1.36 5.02
N VAL A 64 -10.26 -0.19 4.47
CA VAL A 64 -10.41 1.03 5.26
C VAL A 64 -11.86 1.46 5.33
N CYS A 65 -12.45 1.75 4.16
CA CYS A 65 -13.84 2.18 4.08
C CYS A 65 -14.73 1.05 3.57
N ARG A 66 -14.12 0.10 2.88
CA ARG A 66 -14.86 -1.04 2.34
C ARG A 66 -15.98 -0.57 1.42
N ILE A 67 -15.67 0.38 0.54
CA ILE A 67 -16.64 0.91 -0.40
C ILE A 67 -16.95 -0.09 -1.50
N SER A 68 -18.01 0.18 -2.26
CA SER A 68 -18.41 -0.70 -3.35
C SER A 68 -17.70 -0.32 -4.65
N TYR A 69 -16.99 -1.28 -5.22
CA TYR A 69 -16.25 -1.04 -6.47
C TYR A 69 -15.63 -2.33 -6.98
N GLN A 70 -14.85 -2.22 -8.06
CA GLN A 70 -14.21 -3.38 -8.66
C GLN A 70 -12.71 -3.37 -8.38
N PRO A 71 -12.25 -4.31 -7.55
CA PRO A 71 -10.83 -4.42 -7.17
C PRO A 71 -9.98 -4.91 -8.34
N GLU A 72 -10.61 -5.09 -9.50
CA GLU A 72 -9.89 -5.56 -10.68
C GLU A 72 -9.86 -4.47 -11.75
N ASN A 73 -8.78 -4.45 -12.53
CA ASN A 73 -8.61 -3.46 -13.59
C ASN A 73 -8.48 -2.06 -13.01
N ILE A 74 -7.68 -1.95 -11.94
CA ILE A 74 -7.46 -0.66 -11.30
C ILE A 74 -6.09 -0.09 -11.66
N ARG A 75 -6.03 1.22 -11.83
CA ARG A 75 -4.78 1.90 -12.18
C ARG A 75 -4.47 3.01 -11.19
N PRO A 76 -3.17 3.17 -10.87
CA PRO A 76 -2.71 4.19 -9.93
C PRO A 76 -2.86 5.60 -10.49
N ASN A 77 -2.32 6.58 -9.77
CA ASN A 77 -2.40 7.98 -10.19
C ASN A 77 -1.73 8.17 -11.55
N ARG A 78 -0.52 7.61 -11.70
CA ARG A 78 0.22 7.72 -12.95
C ARG A 78 0.97 6.43 -13.24
N HIS A 79 0.77 5.90 -14.45
CA HIS A 79 1.43 4.66 -14.86
C HIS A 79 2.17 4.85 -16.19
N VAL A 80 3.46 5.15 -16.09
CA VAL A 80 4.28 5.36 -17.28
C VAL A 80 5.49 4.43 -17.28
N ALA A 81 5.74 3.80 -18.43
CA ALA A 81 6.88 2.88 -18.56
C ALA A 81 8.13 3.64 -18.98
N ASN A 82 8.34 4.81 -18.41
CA ASN A 82 9.50 5.62 -18.73
C ASN A 82 10.47 5.68 -17.55
N ILE A 83 11.64 5.08 -17.72
CA ILE A 83 12.66 5.07 -16.68
C ILE A 83 13.82 6.00 -17.01
N VAL A 84 14.02 7.00 -16.17
CA VAL A 84 15.10 7.97 -16.39
C VAL A 84 16.45 7.26 -16.46
N GLU A 85 17.31 7.75 -17.35
CA GLU A 85 18.63 7.16 -17.53
C GLU A 85 19.73 8.19 -17.24
N GLY A 1 -1.86 -6.17 -15.01
CA GLY A 1 -0.68 -6.88 -15.45
C GLY A 1 -0.08 -7.72 -14.35
N SER A 2 1.08 -8.32 -14.63
CA SER A 2 1.76 -9.16 -13.66
C SER A 2 3.14 -8.60 -13.33
N SER A 3 3.22 -7.86 -12.22
CA SER A 3 4.48 -7.26 -11.79
C SER A 3 4.72 -7.52 -10.30
N GLY A 4 5.87 -8.10 -9.99
CA GLY A 4 6.21 -8.40 -8.62
C GLY A 4 7.13 -7.37 -8.00
N SER A 5 8.14 -7.83 -7.28
CA SER A 5 9.10 -6.94 -6.64
C SER A 5 10.31 -7.71 -6.13
N SER A 6 11.40 -7.01 -5.87
CA SER A 6 12.62 -7.63 -5.37
C SER A 6 13.53 -6.60 -4.72
N GLY A 7 14.61 -7.08 -4.11
CA GLY A 7 15.55 -6.18 -3.45
C GLY A 7 15.49 -6.29 -1.94
N MET A 8 16.66 -6.24 -1.30
CA MET A 8 16.74 -6.34 0.15
C MET A 8 15.82 -5.32 0.82
N ALA A 9 15.46 -5.59 2.07
CA ALA A 9 14.58 -4.70 2.82
C ALA A 9 15.27 -3.37 3.12
N SER A 10 15.27 -2.47 2.14
CA SER A 10 15.90 -1.17 2.29
C SER A 10 14.87 -0.05 2.24
N GLY A 11 13.86 -0.14 3.11
CA GLY A 11 12.82 0.87 3.14
C GLY A 11 13.38 2.28 3.23
N ILE A 12 14.66 2.38 3.58
CA ILE A 12 15.31 3.69 3.70
C ILE A 12 15.50 4.34 2.34
N LEU A 13 15.04 5.59 2.22
CA LEU A 13 15.16 6.32 0.97
C LEU A 13 15.16 7.83 1.22
N VAL A 14 15.85 8.57 0.36
CA VAL A 14 15.93 10.01 0.49
C VAL A 14 14.64 10.68 0.03
N ASN A 15 13.90 11.25 0.98
CA ASN A 15 12.63 11.91 0.68
C ASN A 15 12.07 12.60 1.91
N VAL A 16 11.57 13.82 1.73
CA VAL A 16 11.00 14.59 2.82
C VAL A 16 10.02 13.73 3.63
N LYS A 17 9.83 14.10 4.90
CA LYS A 17 8.93 13.38 5.78
C LYS A 17 7.75 12.80 4.99
N GLU A 18 7.42 11.54 5.28
CA GLU A 18 6.31 10.88 4.59
C GLU A 18 4.99 11.14 5.32
N GLU A 19 3.97 11.51 4.55
CA GLU A 19 2.65 11.79 5.12
C GLU A 19 1.69 10.63 4.87
N VAL A 20 1.76 10.07 3.67
CA VAL A 20 0.89 8.96 3.30
C VAL A 20 1.40 7.65 3.91
N THR A 21 0.51 6.95 4.60
CA THR A 21 0.85 5.69 5.23
C THR A 21 -0.12 4.58 4.82
N CYS A 22 0.38 3.35 4.74
CA CYS A 22 -0.43 2.20 4.36
C CYS A 22 -1.26 1.71 5.54
N PRO A 23 -2.58 1.62 5.34
CA PRO A 23 -3.52 1.17 6.37
C PRO A 23 -3.36 -0.33 6.66
N ILE A 24 -2.45 -0.97 5.94
CA ILE A 24 -2.21 -2.40 6.14
C ILE A 24 -0.94 -2.64 6.93
N CYS A 25 0.21 -2.40 6.29
CA CYS A 25 1.50 -2.59 6.94
C CYS A 25 1.79 -1.46 7.91
N LEU A 26 1.14 -0.31 7.69
CA LEU A 26 1.33 0.85 8.54
C LEU A 26 2.80 1.27 8.59
N GLU A 27 3.47 1.16 7.44
CA GLU A 27 4.87 1.52 7.34
C GLU A 27 5.05 2.83 6.58
N LEU A 28 4.85 2.78 5.27
CA LEU A 28 4.98 3.96 4.42
C LEU A 28 4.34 3.72 3.05
N LEU A 29 3.89 4.81 2.43
CA LEU A 29 3.26 4.72 1.12
C LEU A 29 3.83 5.77 0.16
N THR A 30 4.85 5.38 -0.60
CA THR A 30 5.48 6.28 -1.55
C THR A 30 4.91 6.09 -2.95
N GLN A 31 4.61 4.85 -3.31
CA GLN A 31 4.06 4.53 -4.62
C GLN A 31 2.84 3.63 -4.49
N PRO A 32 1.87 4.04 -3.66
CA PRO A 32 0.64 3.29 -3.43
C PRO A 32 -0.28 3.29 -4.65
N LEU A 33 -1.37 2.54 -4.58
CA LEU A 33 -2.33 2.45 -5.67
C LEU A 33 -3.58 3.26 -5.36
N SER A 34 -4.33 3.61 -6.40
CA SER A 34 -5.55 4.38 -6.24
C SER A 34 -6.78 3.48 -6.34
N LEU A 35 -7.86 3.88 -5.67
CA LEU A 35 -9.10 3.11 -5.69
C LEU A 35 -10.29 4.01 -5.97
N ASP A 36 -11.41 3.39 -6.34
CA ASP A 36 -12.63 4.14 -6.64
C ASP A 36 -13.42 4.43 -5.36
N CYS A 37 -12.80 4.15 -4.21
CA CYS A 37 -13.44 4.38 -2.93
C CYS A 37 -12.83 5.59 -2.22
N GLY A 38 -11.52 5.74 -2.33
CA GLY A 38 -10.83 6.86 -1.72
C GLY A 38 -9.81 6.41 -0.68
N HIS A 39 -9.04 5.38 -1.02
CA HIS A 39 -8.02 4.86 -0.13
C HIS A 39 -6.87 4.24 -0.92
N SER A 40 -5.64 4.57 -0.52
CA SER A 40 -4.46 4.06 -1.19
C SER A 40 -3.89 2.85 -0.44
N PHE A 41 -3.09 2.06 -1.14
CA PHE A 41 -2.48 0.87 -0.54
C PHE A 41 -1.23 0.45 -1.31
N CYS A 42 -0.59 -0.61 -0.85
CA CYS A 42 0.63 -1.11 -1.48
C CYS A 42 0.28 -2.13 -2.57
N GLN A 43 0.92 -1.98 -3.73
CA GLN A 43 0.69 -2.90 -4.84
C GLN A 43 0.72 -4.35 -4.39
N ALA A 44 1.38 -4.58 -3.25
CA ALA A 44 1.49 -5.93 -2.71
C ALA A 44 0.43 -6.18 -1.64
N CYS A 45 0.42 -5.34 -0.62
CA CYS A 45 -0.55 -5.47 0.46
C CYS A 45 -1.95 -5.74 -0.08
N LEU A 46 -2.32 -5.00 -1.13
CA LEU A 46 -3.63 -5.16 -1.75
C LEU A 46 -3.86 -6.60 -2.21
N THR A 47 -2.88 -7.13 -2.95
CA THR A 47 -2.97 -8.50 -3.45
C THR A 47 -3.26 -9.48 -2.33
N ALA A 48 -2.62 -9.26 -1.18
CA ALA A 48 -2.81 -10.13 -0.02
C ALA A 48 -4.15 -9.85 0.66
N ASN A 49 -4.66 -8.64 0.47
CA ASN A 49 -5.93 -8.25 1.06
C ASN A 49 -7.11 -8.81 0.26
N HIS A 50 -7.01 -8.70 -1.06
CA HIS A 50 -8.06 -9.20 -1.94
C HIS A 50 -8.29 -10.69 -1.74
N LYS A 51 -7.21 -11.43 -1.55
CA LYS A 51 -7.29 -12.88 -1.33
C LYS A 51 -7.68 -13.19 0.11
N LYS A 52 -7.56 -12.19 0.97
CA LYS A 52 -7.91 -12.37 2.39
C LYS A 52 -9.40 -12.17 2.61
N SER A 53 -10.00 -11.30 1.80
CA SER A 53 -11.43 -11.01 1.91
C SER A 53 -12.25 -11.97 1.03
N MET A 54 -11.70 -13.16 0.80
CA MET A 54 -12.37 -14.16 -0.02
C MET A 54 -13.13 -15.16 0.84
N LEU A 55 -12.44 -15.69 1.85
CA LEU A 55 -13.05 -16.66 2.76
C LEU A 55 -14.37 -16.14 3.31
N ASP A 56 -14.48 -14.82 3.43
CA ASP A 56 -15.70 -14.20 3.94
C ASP A 56 -16.59 -13.73 2.80
N LYS A 57 -16.07 -12.82 1.98
CA LYS A 57 -16.82 -12.29 0.84
C LYS A 57 -16.14 -12.66 -0.47
N GLY A 58 -16.70 -13.66 -1.15
CA GLY A 58 -16.14 -14.10 -2.42
C GLY A 58 -15.51 -12.97 -3.20
N GLU A 59 -16.10 -11.78 -3.08
CA GLU A 59 -15.59 -10.60 -3.79
C GLU A 59 -14.77 -9.73 -2.85
N SER A 60 -13.69 -9.16 -3.37
CA SER A 60 -12.81 -8.30 -2.58
C SER A 60 -13.59 -7.12 -2.01
N SER A 61 -12.99 -6.44 -1.04
CA SER A 61 -13.62 -5.29 -0.41
C SER A 61 -12.60 -4.47 0.38
N CYS A 62 -12.45 -3.20 0.00
CA CYS A 62 -11.51 -2.32 0.67
C CYS A 62 -11.44 -2.62 2.16
N PRO A 63 -10.21 -2.85 2.66
CA PRO A 63 -9.98 -3.15 4.07
C PRO A 63 -10.23 -1.96 4.97
N VAL A 64 -10.63 -0.83 4.38
CA VAL A 64 -10.91 0.38 5.12
C VAL A 64 -12.40 0.67 5.19
N CYS A 65 -13.02 0.72 4.01
CA CYS A 65 -14.46 0.98 3.93
C CYS A 65 -15.22 -0.27 3.46
N ARG A 66 -14.51 -1.17 2.80
CA ARG A 66 -15.11 -2.40 2.31
C ARG A 66 -16.23 -2.10 1.32
N ILE A 67 -15.94 -1.22 0.36
CA ILE A 67 -16.92 -0.85 -0.65
C ILE A 67 -16.95 -1.86 -1.78
N SER A 68 -18.02 -1.82 -2.57
CA SER A 68 -18.17 -2.75 -3.69
C SER A 68 -17.38 -2.26 -4.91
N TYR A 69 -16.37 -3.03 -5.29
CA TYR A 69 -15.54 -2.68 -6.43
C TYR A 69 -14.75 -3.89 -6.92
N GLN A 70 -14.43 -3.90 -8.22
CA GLN A 70 -13.69 -5.00 -8.81
C GLN A 70 -12.22 -4.64 -8.98
N PRO A 71 -11.33 -5.53 -8.51
CA PRO A 71 -9.89 -5.32 -8.58
C PRO A 71 -9.37 -5.41 -10.02
N GLU A 72 -10.23 -5.82 -10.93
CA GLU A 72 -9.86 -5.94 -12.33
C GLU A 72 -9.71 -4.57 -12.98
N ASN A 73 -10.82 -3.85 -13.08
CA ASN A 73 -10.82 -2.51 -13.67
C ASN A 73 -9.69 -1.66 -13.09
N ILE A 74 -9.58 -1.66 -11.77
CA ILE A 74 -8.54 -0.89 -11.10
C ILE A 74 -7.22 -0.95 -11.86
N ARG A 75 -6.47 0.14 -11.83
CA ARG A 75 -5.19 0.21 -12.52
C ARG A 75 -4.27 1.24 -11.87
N PRO A 76 -2.96 1.01 -11.96
CA PRO A 76 -1.95 1.91 -11.39
C PRO A 76 -1.87 3.23 -12.13
N ASN A 77 -1.40 4.26 -11.43
CA ASN A 77 -1.28 5.59 -12.03
C ASN A 77 -0.68 5.50 -13.44
N ARG A 78 0.47 4.86 -13.54
CA ARG A 78 1.14 4.70 -14.82
C ARG A 78 2.16 3.57 -14.77
N HIS A 79 2.03 2.61 -15.69
CA HIS A 79 2.94 1.48 -15.74
C HIS A 79 3.72 1.48 -17.04
N VAL A 80 4.19 2.64 -17.45
CA VAL A 80 4.96 2.78 -18.68
C VAL A 80 6.40 3.20 -18.40
N ALA A 81 7.35 2.57 -19.10
CA ALA A 81 8.75 2.88 -18.92
C ALA A 81 9.02 4.37 -19.11
N ASN A 82 8.42 4.95 -20.14
CA ASN A 82 8.60 6.37 -20.44
C ASN A 82 7.88 7.23 -19.40
N ILE A 83 8.14 8.53 -19.44
CA ILE A 83 7.52 9.46 -18.51
C ILE A 83 6.22 10.03 -19.08
N VAL A 84 5.62 10.96 -18.35
CA VAL A 84 4.37 11.59 -18.78
C VAL A 84 4.64 12.69 -19.80
N GLU A 85 5.55 12.42 -20.74
CA GLU A 85 5.90 13.39 -21.77
C GLU A 85 5.20 13.05 -23.09
N GLY A 1 13.46 -4.13 -3.73
CA GLY A 1 14.85 -4.51 -3.96
C GLY A 1 15.15 -5.92 -3.51
N SER A 2 16.40 -6.17 -3.13
CA SER A 2 16.82 -7.48 -2.69
C SER A 2 16.81 -7.57 -1.16
N SER A 3 17.35 -6.54 -0.52
CA SER A 3 17.40 -6.49 0.93
C SER A 3 16.27 -5.64 1.51
N GLY A 4 15.55 -6.19 2.46
CA GLY A 4 14.45 -5.47 3.08
C GLY A 4 13.24 -6.35 3.35
N SER A 5 13.21 -6.97 4.51
CA SER A 5 12.11 -7.85 4.89
C SER A 5 11.97 -7.92 6.41
N SER A 6 10.84 -8.48 6.86
CA SER A 6 10.58 -8.61 8.29
C SER A 6 11.39 -9.75 8.89
N GLY A 7 12.61 -9.43 9.33
CA GLY A 7 13.48 -10.43 9.92
C GLY A 7 14.74 -9.84 10.52
N MET A 8 15.32 -8.86 9.82
CA MET A 8 16.53 -8.22 10.29
C MET A 8 16.28 -7.47 11.60
N ALA A 9 17.35 -7.28 12.37
CA ALA A 9 17.24 -6.58 13.65
C ALA A 9 17.35 -5.07 13.47
N SER A 10 16.20 -4.40 13.52
CA SER A 10 16.16 -2.95 13.35
C SER A 10 15.43 -2.29 14.51
N GLY A 11 14.26 -2.84 14.86
CA GLY A 11 13.48 -2.30 15.95
C GLY A 11 13.56 -0.78 16.02
N ILE A 12 13.25 -0.12 14.91
CA ILE A 12 13.29 1.34 14.86
C ILE A 12 11.92 1.94 15.13
N LEU A 13 11.91 3.09 15.81
CA LEU A 13 10.67 3.77 16.14
C LEU A 13 10.54 5.08 15.38
N VAL A 14 9.31 5.44 15.01
CA VAL A 14 9.06 6.68 14.28
C VAL A 14 8.09 7.57 15.03
N ASN A 15 8.30 8.88 14.94
CA ASN A 15 7.43 9.84 15.62
C ASN A 15 6.31 10.31 14.69
N VAL A 16 6.67 11.05 13.65
CA VAL A 16 5.70 11.55 12.69
C VAL A 16 5.65 10.68 11.44
N LYS A 17 4.52 10.00 11.25
CA LYS A 17 4.34 9.12 10.10
C LYS A 17 4.53 9.89 8.80
N GLU A 18 5.16 9.26 7.82
CA GLU A 18 5.41 9.89 6.53
C GLU A 18 4.13 10.52 5.99
N GLU A 19 4.29 11.39 5.00
CA GLU A 19 3.14 12.07 4.40
C GLU A 19 2.07 11.07 3.97
N VAL A 20 2.51 9.96 3.39
CA VAL A 20 1.60 8.92 2.94
C VAL A 20 2.00 7.55 3.49
N THR A 21 1.15 7.01 4.37
CA THR A 21 1.42 5.71 4.97
C THR A 21 0.37 4.69 4.56
N CYS A 22 0.77 3.42 4.54
CA CYS A 22 -0.16 2.34 4.17
C CYS A 22 -1.02 1.93 5.35
N PRO A 23 -2.35 1.96 5.15
CA PRO A 23 -3.31 1.59 6.19
C PRO A 23 -3.29 0.10 6.50
N ILE A 24 -2.40 -0.62 5.84
CA ILE A 24 -2.28 -2.06 6.04
C ILE A 24 -0.99 -2.40 6.80
N CYS A 25 0.14 -2.20 6.15
CA CYS A 25 1.44 -2.48 6.75
C CYS A 25 1.89 -1.32 7.63
N LEU A 26 1.13 -0.23 7.60
CA LEU A 26 1.45 0.95 8.40
C LEU A 26 2.87 1.43 8.11
N GLU A 27 3.34 1.17 6.90
CA GLU A 27 4.68 1.58 6.50
C GLU A 27 4.63 2.68 5.45
N LEU A 28 5.76 3.35 5.25
CA LEU A 28 5.84 4.43 4.27
C LEU A 28 5.33 3.98 2.90
N LEU A 29 4.44 4.76 2.31
CA LEU A 29 3.87 4.44 1.01
C LEU A 29 4.55 5.25 -0.08
N THR A 30 5.58 4.67 -0.69
CA THR A 30 6.31 5.34 -1.76
C THR A 30 5.50 5.39 -3.04
N GLN A 31 5.34 4.23 -3.69
CA GLN A 31 4.58 4.14 -4.93
C GLN A 31 3.30 3.34 -4.72
N PRO A 32 2.41 3.87 -3.86
CA PRO A 32 1.13 3.22 -3.57
C PRO A 32 0.16 3.25 -4.74
N LEU A 33 -0.92 2.50 -4.64
CA LEU A 33 -1.92 2.44 -5.71
C LEU A 33 -3.10 3.35 -5.38
N SER A 34 -3.98 3.55 -6.37
CA SER A 34 -5.15 4.40 -6.20
C SER A 34 -6.44 3.60 -6.39
N LEU A 35 -7.56 4.23 -6.09
CA LEU A 35 -8.86 3.58 -6.23
C LEU A 35 -9.96 4.60 -6.52
N ASP A 36 -11.19 4.13 -6.63
CA ASP A 36 -12.33 5.00 -6.89
C ASP A 36 -12.68 5.82 -5.67
N CYS A 37 -12.12 5.44 -4.52
CA CYS A 37 -12.39 6.13 -3.28
C CYS A 37 -11.25 7.10 -2.94
N GLY A 38 -10.06 6.80 -3.43
CA GLY A 38 -8.91 7.65 -3.18
C GLY A 38 -7.85 6.96 -2.34
N HIS A 39 -8.26 6.42 -1.20
CA HIS A 39 -7.35 5.73 -0.30
C HIS A 39 -6.27 4.99 -1.08
N SER A 40 -5.02 5.10 -0.63
CA SER A 40 -3.90 4.46 -1.30
C SER A 40 -3.47 3.21 -0.55
N PHE A 41 -2.69 2.36 -1.21
CA PHE A 41 -2.21 1.13 -0.60
C PHE A 41 -0.98 0.59 -1.34
N CYS A 42 -0.48 -0.55 -0.89
CA CYS A 42 0.69 -1.16 -1.51
C CYS A 42 0.28 -2.14 -2.60
N GLN A 43 1.03 -2.15 -3.70
CA GLN A 43 0.75 -3.04 -4.82
C GLN A 43 0.61 -4.48 -4.34
N ALA A 44 1.18 -4.77 -3.18
CA ALA A 44 1.12 -6.12 -2.62
C ALA A 44 0.01 -6.23 -1.58
N CYS A 45 0.05 -5.34 -0.59
CA CYS A 45 -0.96 -5.34 0.48
C CYS A 45 -2.36 -5.43 -0.11
N LEU A 46 -2.57 -4.80 -1.26
CA LEU A 46 -3.87 -4.81 -1.92
C LEU A 46 -4.19 -6.20 -2.46
N THR A 47 -3.20 -6.83 -3.07
CA THR A 47 -3.37 -8.16 -3.64
C THR A 47 -3.64 -9.19 -2.54
N ALA A 48 -2.90 -9.08 -1.45
CA ALA A 48 -3.05 -10.00 -0.32
C ALA A 48 -4.34 -9.72 0.44
N ASN A 49 -4.60 -8.44 0.71
CA ASN A 49 -5.79 -8.03 1.44
C ASN A 49 -7.05 -8.50 0.72
N HIS A 50 -6.93 -8.72 -0.59
CA HIS A 50 -8.06 -9.17 -1.39
C HIS A 50 -8.29 -10.66 -1.22
N LYS A 51 -7.21 -11.44 -1.31
CA LYS A 51 -7.29 -12.88 -1.16
C LYS A 51 -7.85 -13.26 0.21
N LYS A 52 -7.80 -12.32 1.14
CA LYS A 52 -8.31 -12.55 2.49
C LYS A 52 -9.83 -12.68 2.49
N SER A 53 -10.51 -11.65 2.00
CA SER A 53 -11.96 -11.65 1.94
C SER A 53 -12.48 -12.94 1.30
N MET A 54 -11.78 -13.41 0.26
CA MET A 54 -12.16 -14.62 -0.43
C MET A 54 -12.69 -15.66 0.54
N LEU A 55 -12.11 -15.70 1.74
CA LEU A 55 -12.53 -16.65 2.76
C LEU A 55 -13.68 -16.10 3.59
N ASP A 56 -13.52 -14.87 4.07
CA ASP A 56 -14.55 -14.22 4.88
C ASP A 56 -15.91 -14.33 4.20
N LYS A 57 -16.07 -13.62 3.09
CA LYS A 57 -17.33 -13.63 2.34
C LYS A 57 -17.11 -14.12 0.91
N GLY A 58 -16.08 -13.58 0.26
CA GLY A 58 -15.78 -13.96 -1.10
C GLY A 58 -15.30 -12.81 -1.95
N GLU A 59 -15.85 -11.62 -1.67
CA GLU A 59 -15.46 -10.42 -2.42
C GLU A 59 -14.69 -9.45 -1.53
N SER A 60 -13.69 -8.79 -2.10
CA SER A 60 -12.87 -7.84 -1.37
C SER A 60 -13.38 -6.42 -1.56
N SER A 61 -12.89 -5.50 -0.74
CA SER A 61 -13.30 -4.10 -0.80
C SER A 61 -12.39 -3.22 0.05
N CYS A 62 -12.26 -1.96 -0.35
CA CYS A 62 -11.42 -1.02 0.39
C CYS A 62 -11.46 -1.31 1.89
N PRO A 63 -10.31 -1.73 2.44
CA PRO A 63 -10.18 -2.04 3.86
C PRO A 63 -10.26 -0.80 4.74
N VAL A 64 -10.51 0.34 4.12
CA VAL A 64 -10.61 1.61 4.84
C VAL A 64 -12.05 2.08 4.91
N CYS A 65 -12.70 2.16 3.75
CA CYS A 65 -14.09 2.59 3.68
C CYS A 65 -14.96 1.53 3.01
N ARG A 66 -14.33 0.47 2.53
CA ARG A 66 -15.05 -0.61 1.87
C ARG A 66 -16.07 -0.07 0.88
N ILE A 67 -15.61 0.77 -0.05
CA ILE A 67 -16.48 1.36 -1.05
C ILE A 67 -16.31 0.67 -2.40
N SER A 68 -17.39 0.61 -3.17
CA SER A 68 -17.36 -0.03 -4.49
C SER A 68 -16.05 0.29 -5.21
N TYR A 69 -15.50 -0.71 -5.87
CA TYR A 69 -14.25 -0.54 -6.60
C TYR A 69 -13.97 -1.75 -7.50
N GLN A 70 -13.50 -1.48 -8.71
CA GLN A 70 -13.19 -2.54 -9.66
C GLN A 70 -11.70 -2.86 -9.65
N PRO A 71 -11.33 -3.96 -8.98
CA PRO A 71 -9.93 -4.41 -8.89
C PRO A 71 -9.39 -4.92 -10.23
N GLU A 72 -10.30 -5.37 -11.08
CA GLU A 72 -9.91 -5.89 -12.40
C GLU A 72 -8.97 -4.91 -13.11
N ASN A 73 -9.32 -3.63 -13.07
CA ASN A 73 -8.51 -2.61 -13.71
C ASN A 73 -8.12 -1.51 -12.71
N ILE A 74 -7.04 -1.75 -11.99
CA ILE A 74 -6.56 -0.78 -11.00
C ILE A 74 -5.30 -0.06 -11.49
N ARG A 75 -5.18 1.22 -11.15
CA ARG A 75 -4.03 2.01 -11.55
C ARG A 75 -3.66 3.02 -10.47
N PRO A 76 -2.35 3.25 -10.31
CA PRO A 76 -1.84 4.20 -9.31
C PRO A 76 -2.15 5.64 -9.66
N ASN A 77 -2.06 6.52 -8.67
CA ASN A 77 -2.33 7.94 -8.88
C ASN A 77 -1.48 8.49 -10.03
N ARG A 78 -0.18 8.25 -9.96
CA ARG A 78 0.74 8.73 -10.99
C ARG A 78 0.52 7.98 -12.30
N HIS A 79 0.34 8.73 -13.38
CA HIS A 79 0.11 8.15 -14.70
C HIS A 79 1.39 8.19 -15.54
N VAL A 80 2.14 7.10 -15.51
CA VAL A 80 3.38 7.01 -16.28
C VAL A 80 3.37 5.81 -17.22
N ALA A 81 4.40 5.70 -18.04
CA ALA A 81 4.51 4.59 -18.99
C ALA A 81 5.79 3.79 -18.76
N ASN A 82 5.70 2.78 -17.90
CA ASN A 82 6.85 1.94 -17.60
C ASN A 82 6.50 0.46 -17.72
N ILE A 83 7.00 -0.17 -18.78
CA ILE A 83 6.74 -1.58 -19.02
C ILE A 83 7.41 -2.46 -17.95
N VAL A 84 6.60 -3.23 -17.24
CA VAL A 84 7.11 -4.11 -16.19
C VAL A 84 8.08 -5.12 -16.76
N GLU A 85 9.38 -4.86 -16.60
CA GLU A 85 10.41 -5.74 -17.10
C GLU A 85 11.53 -5.91 -16.08
N GLY A 1 38.30 -2.99 20.39
CA GLY A 1 38.73 -3.56 21.65
C GLY A 1 38.63 -2.57 22.80
N SER A 2 37.46 -1.97 22.95
CA SER A 2 37.24 -0.99 24.01
C SER A 2 35.78 -0.55 24.05
N SER A 3 35.41 0.21 25.07
CA SER A 3 34.05 0.70 25.23
C SER A 3 34.04 2.11 25.82
N GLY A 4 33.24 2.98 25.22
CA GLY A 4 33.15 4.35 25.68
C GLY A 4 31.97 5.10 25.08
N SER A 5 30.92 5.27 25.87
CA SER A 5 29.72 5.96 25.41
C SER A 5 28.76 6.23 26.56
N SER A 6 27.96 7.28 26.43
CA SER A 6 27.00 7.65 27.46
C SER A 6 25.65 8.01 26.85
N GLY A 7 24.60 7.92 27.66
CA GLY A 7 23.27 8.26 27.18
C GLY A 7 22.52 7.04 26.68
N MET A 8 22.04 7.10 25.44
CA MET A 8 21.30 5.99 24.86
C MET A 8 21.82 5.66 23.46
N ALA A 9 21.79 4.38 23.11
CA ALA A 9 22.27 3.94 21.80
C ALA A 9 21.16 4.04 20.75
N SER A 10 20.37 5.10 20.83
CA SER A 10 19.27 5.31 19.89
C SER A 10 19.66 6.33 18.83
N GLY A 11 20.88 6.20 18.31
CA GLY A 11 21.35 7.12 17.29
C GLY A 11 20.26 7.53 16.32
N ILE A 12 19.37 6.59 16.01
CA ILE A 12 18.27 6.86 15.09
C ILE A 12 17.77 8.29 15.24
N LEU A 13 17.61 8.97 14.11
CA LEU A 13 17.13 10.35 14.11
C LEU A 13 15.61 10.40 14.13
N VAL A 14 15.06 11.09 15.13
CA VAL A 14 13.60 11.23 15.26
C VAL A 14 13.03 12.11 14.16
N ASN A 15 12.29 11.49 13.24
CA ASN A 15 11.67 12.22 12.14
C ASN A 15 10.15 12.24 12.27
N VAL A 16 9.49 12.87 11.30
CA VAL A 16 8.03 12.96 11.32
C VAL A 16 7.41 11.86 10.47
N LYS A 17 6.27 11.34 10.92
CA LYS A 17 5.57 10.28 10.21
C LYS A 17 5.43 10.62 8.73
N GLU A 18 5.70 9.64 7.88
CA GLU A 18 5.61 9.83 6.43
C GLU A 18 4.26 10.44 6.05
N GLU A 19 4.26 11.28 5.02
CA GLU A 19 3.04 11.93 4.56
C GLU A 19 1.93 10.90 4.34
N VAL A 20 2.21 9.91 3.50
CA VAL A 20 1.24 8.86 3.21
C VAL A 20 1.65 7.53 3.84
N THR A 21 0.74 6.93 4.59
CA THR A 21 1.01 5.66 5.24
C THR A 21 0.00 4.59 4.81
N CYS A 22 0.44 3.34 4.79
CA CYS A 22 -0.41 2.23 4.39
C CYS A 22 -1.27 1.76 5.56
N PRO A 23 -2.59 1.73 5.35
CA PRO A 23 -3.55 1.32 6.38
C PRO A 23 -3.47 -0.19 6.67
N ILE A 24 -2.59 -0.87 5.95
CA ILE A 24 -2.40 -2.31 6.14
C ILE A 24 -1.14 -2.60 6.95
N CYS A 25 0.01 -2.40 6.32
CA CYS A 25 1.29 -2.64 6.98
C CYS A 25 1.63 -1.51 7.95
N LEU A 26 0.97 -0.37 7.76
CA LEU A 26 1.20 0.79 8.61
C LEU A 26 2.68 1.14 8.67
N GLU A 27 3.36 1.02 7.54
CA GLU A 27 4.78 1.33 7.46
C GLU A 27 5.02 2.63 6.71
N LEU A 28 4.80 2.60 5.40
CA LEU A 28 4.99 3.79 4.56
C LEU A 28 4.45 3.55 3.15
N LEU A 29 3.90 4.59 2.56
CA LEU A 29 3.34 4.51 1.21
C LEU A 29 4.03 5.50 0.27
N THR A 30 4.97 5.00 -0.52
CA THR A 30 5.71 5.83 -1.46
C THR A 30 5.11 5.73 -2.87
N GLN A 31 4.81 4.51 -3.28
CA GLN A 31 4.22 4.28 -4.61
C GLN A 31 2.97 3.42 -4.51
N PRO A 32 2.01 3.87 -3.70
CA PRO A 32 0.74 3.16 -3.50
C PRO A 32 -0.14 3.19 -4.74
N LEU A 33 -1.29 2.53 -4.66
CA LEU A 33 -2.23 2.48 -5.77
C LEU A 33 -3.47 3.33 -5.48
N SER A 34 -4.28 3.56 -6.51
CA SER A 34 -5.49 4.34 -6.35
C SER A 34 -6.73 3.49 -6.56
N LEU A 35 -7.79 3.80 -5.83
CA LEU A 35 -9.05 3.06 -5.94
C LEU A 35 -10.22 4.00 -6.16
N ASP A 36 -11.39 3.42 -6.44
CA ASP A 36 -12.60 4.21 -6.68
C ASP A 36 -13.34 4.46 -5.37
N CYS A 37 -12.61 4.44 -4.26
CA CYS A 37 -13.21 4.66 -2.95
C CYS A 37 -12.57 5.86 -2.26
N GLY A 38 -11.27 6.06 -2.52
CA GLY A 38 -10.56 7.17 -1.91
C GLY A 38 -9.56 6.71 -0.87
N HIS A 39 -8.88 5.60 -1.13
CA HIS A 39 -7.89 5.06 -0.21
C HIS A 39 -6.77 4.38 -0.96
N SER A 40 -5.53 4.75 -0.65
CA SER A 40 -4.37 4.17 -1.29
C SER A 40 -3.85 2.96 -0.52
N PHE A 41 -3.03 2.15 -1.17
CA PHE A 41 -2.47 0.97 -0.54
C PHE A 41 -1.22 0.50 -1.28
N CYS A 42 -0.61 -0.59 -0.80
CA CYS A 42 0.59 -1.14 -1.41
C CYS A 42 0.22 -2.13 -2.50
N GLN A 43 0.96 -2.08 -3.61
CA GLN A 43 0.72 -2.97 -4.73
C GLN A 43 0.71 -4.44 -4.28
N ALA A 44 1.32 -4.69 -3.11
CA ALA A 44 1.39 -6.04 -2.57
C ALA A 44 0.28 -6.26 -1.54
N CYS A 45 0.22 -5.36 -0.55
CA CYS A 45 -0.80 -5.46 0.50
C CYS A 45 -2.18 -5.66 -0.09
N LEU A 46 -2.48 -4.93 -1.16
CA LEU A 46 -3.77 -5.03 -1.82
C LEU A 46 -4.01 -6.44 -2.34
N THR A 47 -3.00 -7.00 -2.99
CA THR A 47 -3.10 -8.35 -3.55
C THR A 47 -3.38 -9.37 -2.46
N ALA A 48 -2.73 -9.19 -1.30
CA ALA A 48 -2.92 -10.10 -0.18
C ALA A 48 -4.30 -9.92 0.45
N ASN A 49 -4.68 -8.67 0.68
CA ASN A 49 -5.98 -8.36 1.28
C ASN A 49 -7.11 -9.01 0.49
N HIS A 50 -7.03 -8.91 -0.84
CA HIS A 50 -8.04 -9.49 -1.70
C HIS A 50 -8.28 -10.95 -1.37
N LYS A 51 -7.22 -11.75 -1.43
CA LYS A 51 -7.31 -13.17 -1.14
C LYS A 51 -7.86 -13.40 0.27
N LYS A 52 -7.57 -12.47 1.17
CA LYS A 52 -8.04 -12.57 2.55
C LYS A 52 -9.56 -12.46 2.62
N SER A 53 -10.09 -11.35 2.09
CA SER A 53 -11.54 -11.14 2.09
C SER A 53 -12.25 -12.19 1.26
N MET A 54 -11.50 -12.84 0.37
CA MET A 54 -12.06 -13.87 -0.49
C MET A 54 -12.80 -14.93 0.34
N LEU A 55 -12.26 -15.23 1.51
CA LEU A 55 -12.87 -16.23 2.39
C LEU A 55 -13.52 -15.55 3.60
N ASP A 56 -12.96 -14.42 4.01
CA ASP A 56 -13.50 -13.69 5.15
C ASP A 56 -14.99 -13.43 4.98
N LYS A 57 -15.35 -12.84 3.85
CA LYS A 57 -16.76 -12.54 3.56
C LYS A 57 -17.12 -12.96 2.14
N GLY A 58 -16.21 -12.69 1.20
CA GLY A 58 -16.46 -13.03 -0.18
C GLY A 58 -15.79 -12.09 -1.15
N GLU A 59 -16.52 -11.07 -1.59
CA GLU A 59 -15.99 -10.09 -2.53
C GLU A 59 -15.04 -9.12 -1.82
N SER A 60 -13.81 -9.04 -2.32
CA SER A 60 -12.81 -8.16 -1.73
C SER A 60 -13.30 -6.71 -1.71
N SER A 61 -13.18 -6.08 -0.55
CA SER A 61 -13.62 -4.69 -0.38
C SER A 61 -12.60 -3.89 0.43
N CYS A 62 -12.51 -2.61 0.13
CA CYS A 62 -11.58 -1.72 0.83
C CYS A 62 -11.53 -2.06 2.32
N PRO A 63 -10.34 -2.42 2.81
CA PRO A 63 -10.14 -2.76 4.21
C PRO A 63 -10.24 -1.55 5.13
N VAL A 64 -10.56 -0.40 4.54
CA VAL A 64 -10.69 0.83 5.31
C VAL A 64 -12.15 1.26 5.41
N CYS A 65 -12.81 1.36 4.26
CA CYS A 65 -14.22 1.75 4.23
C CYS A 65 -15.10 0.58 3.80
N ARG A 66 -14.50 -0.38 3.10
CA ARG A 66 -15.23 -1.56 2.64
C ARG A 66 -16.29 -1.16 1.60
N ILE A 67 -15.90 -0.27 0.68
CA ILE A 67 -16.80 0.18 -0.36
C ILE A 67 -17.27 -0.98 -1.24
N SER A 68 -18.40 -0.80 -1.90
CA SER A 68 -18.96 -1.82 -2.77
C SER A 68 -18.37 -1.74 -4.17
N TYR A 69 -17.13 -1.28 -4.24
CA TYR A 69 -16.44 -1.14 -5.53
C TYR A 69 -15.91 -2.49 -6.01
N GLN A 70 -15.80 -2.63 -7.33
CA GLN A 70 -15.31 -3.88 -7.92
C GLN A 70 -13.78 -3.86 -8.02
N PRO A 71 -13.13 -4.73 -7.24
CA PRO A 71 -11.67 -4.83 -7.23
C PRO A 71 -11.11 -5.43 -8.52
N GLU A 72 -12.01 -5.75 -9.45
CA GLU A 72 -11.62 -6.32 -10.73
C GLU A 72 -11.00 -5.26 -11.64
N ASN A 73 -11.74 -4.17 -11.84
CA ASN A 73 -11.28 -3.08 -12.68
C ASN A 73 -10.64 -1.97 -11.85
N ILE A 74 -9.31 -1.93 -11.85
CA ILE A 74 -8.58 -0.92 -11.09
C ILE A 74 -7.19 -0.69 -11.68
N ARG A 75 -6.79 0.58 -11.76
CA ARG A 75 -5.49 0.93 -12.30
C ARG A 75 -4.90 2.12 -11.55
N PRO A 76 -3.56 2.14 -11.45
CA PRO A 76 -2.85 3.23 -10.75
C PRO A 76 -2.91 4.54 -11.53
N ASN A 77 -2.46 5.61 -10.87
CA ASN A 77 -2.46 6.93 -11.50
C ASN A 77 -1.67 6.92 -12.81
N ARG A 78 -0.44 6.43 -12.74
CA ARG A 78 0.42 6.37 -13.92
C ARG A 78 1.47 5.28 -13.77
N HIS A 79 1.71 4.53 -14.84
CA HIS A 79 2.70 3.45 -14.82
C HIS A 79 3.81 3.73 -15.82
N VAL A 80 4.96 4.15 -15.30
CA VAL A 80 6.11 4.45 -16.15
C VAL A 80 7.42 4.01 -15.49
N ALA A 81 8.15 3.14 -16.16
CA ALA A 81 9.42 2.64 -15.63
C ALA A 81 10.56 3.62 -15.92
N ASN A 82 10.30 4.90 -15.69
CA ASN A 82 11.31 5.93 -15.92
C ASN A 82 12.21 6.10 -14.71
N ILE A 83 13.51 6.02 -14.93
CA ILE A 83 14.49 6.16 -13.86
C ILE A 83 15.55 7.21 -14.22
N VAL A 84 15.88 8.05 -13.25
CA VAL A 84 16.89 9.09 -13.46
C VAL A 84 17.96 9.04 -12.38
N GLU A 85 18.45 7.84 -12.09
CA GLU A 85 19.48 7.66 -11.07
C GLU A 85 20.62 8.65 -11.27
N GLY A 1 22.14 18.51 -5.28
CA GLY A 1 22.51 19.29 -4.10
C GLY A 1 21.61 20.48 -3.89
N SER A 2 22.19 21.67 -3.86
CA SER A 2 21.44 22.90 -3.66
C SER A 2 20.55 22.78 -2.41
N SER A 3 21.10 22.21 -1.34
CA SER A 3 20.37 22.04 -0.10
C SER A 3 20.91 22.96 0.98
N GLY A 4 19.99 23.51 1.78
CA GLY A 4 20.39 24.42 2.84
C GLY A 4 19.35 24.52 3.93
N SER A 5 19.74 25.09 5.07
CA SER A 5 18.83 25.25 6.20
C SER A 5 19.46 26.09 7.30
N SER A 6 18.62 26.80 8.05
CA SER A 6 19.11 27.65 9.13
C SER A 6 18.79 27.04 10.49
N GLY A 7 19.78 26.34 11.06
CA GLY A 7 19.59 25.71 12.35
C GLY A 7 20.60 26.17 13.38
N MET A 8 20.60 25.55 14.55
CA MET A 8 21.52 25.90 15.61
C MET A 8 22.72 24.97 15.64
N ALA A 9 23.72 25.31 16.44
CA ALA A 9 24.93 24.50 16.54
C ALA A 9 24.59 23.02 16.60
N SER A 10 23.67 22.65 17.47
CA SER A 10 23.24 21.26 17.62
C SER A 10 22.96 20.63 16.26
N GLY A 11 23.46 19.42 16.06
CA GLY A 11 23.25 18.73 14.81
C GLY A 11 22.12 17.71 14.88
N ILE A 12 20.98 18.15 15.40
CA ILE A 12 19.82 17.27 15.53
C ILE A 12 18.85 17.49 14.38
N LEU A 13 17.90 16.55 14.23
CA LEU A 13 16.92 16.64 13.17
C LEU A 13 15.51 16.32 13.69
N VAL A 14 14.50 16.90 13.07
CA VAL A 14 13.12 16.67 13.47
C VAL A 14 12.21 16.54 12.26
N ASN A 15 11.31 15.56 12.32
CA ASN A 15 10.37 15.33 11.22
C ASN A 15 9.12 14.61 11.71
N VAL A 16 8.13 14.46 10.83
CA VAL A 16 6.89 13.79 11.18
C VAL A 16 6.73 12.50 10.39
N LYS A 17 5.90 11.59 10.91
CA LYS A 17 5.65 10.31 10.25
C LYS A 17 5.40 10.51 8.77
N GLU A 18 5.69 9.48 7.98
CA GLU A 18 5.49 9.53 6.54
C GLU A 18 4.11 10.09 6.21
N GLU A 19 4.08 11.20 5.48
CA GLU A 19 2.81 11.82 5.10
C GLU A 19 1.77 10.78 4.73
N VAL A 20 2.12 9.89 3.80
CA VAL A 20 1.23 8.84 3.36
C VAL A 20 1.62 7.49 3.96
N THR A 21 0.71 6.90 4.72
CA THR A 21 0.96 5.60 5.34
C THR A 21 -0.06 4.56 4.90
N CYS A 22 0.40 3.32 4.73
CA CYS A 22 -0.48 2.24 4.31
C CYS A 22 -1.39 1.81 5.44
N PRO A 23 -2.71 1.81 5.17
CA PRO A 23 -3.73 1.41 6.15
C PRO A 23 -3.68 -0.08 6.46
N ILE A 24 -2.77 -0.79 5.80
CA ILE A 24 -2.64 -2.23 6.00
C ILE A 24 -1.41 -2.55 6.85
N CYS A 25 -0.23 -2.37 6.26
CA CYS A 25 1.02 -2.65 6.96
C CYS A 25 1.36 -1.50 7.92
N LEU A 26 0.80 -0.34 7.66
CA LEU A 26 1.04 0.84 8.50
C LEU A 26 2.53 1.12 8.62
N GLU A 27 3.25 0.99 7.50
CA GLU A 27 4.68 1.23 7.48
C GLU A 27 5.00 2.53 6.74
N LEU A 28 4.80 2.51 5.42
CA LEU A 28 5.07 3.68 4.59
C LEU A 28 4.49 3.51 3.20
N LEU A 29 4.03 4.60 2.62
CA LEU A 29 3.45 4.57 1.27
C LEU A 29 4.11 5.61 0.37
N THR A 30 5.16 5.18 -0.33
CA THR A 30 5.89 6.07 -1.24
C THR A 30 5.39 5.92 -2.67
N GLN A 31 5.03 4.70 -3.04
CA GLN A 31 4.54 4.43 -4.39
C GLN A 31 3.29 3.55 -4.34
N PRO A 32 2.29 3.98 -3.56
CA PRO A 32 1.03 3.23 -3.41
C PRO A 32 0.19 3.28 -4.68
N LEU A 33 -1.01 2.70 -4.60
CA LEU A 33 -1.91 2.66 -5.74
C LEU A 33 -3.09 3.62 -5.54
N SER A 34 -3.83 3.88 -6.61
CA SER A 34 -4.98 4.77 -6.55
C SER A 34 -6.28 4.01 -6.76
N LEU A 35 -7.38 4.57 -6.28
CA LEU A 35 -8.69 3.93 -6.41
C LEU A 35 -9.75 4.96 -6.80
N ASP A 36 -11.00 4.52 -6.87
CA ASP A 36 -12.11 5.39 -7.22
C ASP A 36 -12.91 5.78 -5.99
N CYS A 37 -12.28 5.70 -4.82
CA CYS A 37 -12.93 6.05 -3.57
C CYS A 37 -12.17 7.16 -2.86
N GLY A 38 -10.85 7.12 -2.92
CA GLY A 38 -10.03 8.13 -2.27
C GLY A 38 -9.10 7.55 -1.23
N HIS A 39 -8.47 6.43 -1.57
CA HIS A 39 -7.53 5.77 -0.66
C HIS A 39 -6.43 5.05 -1.43
N SER A 40 -5.22 5.08 -0.89
CA SER A 40 -4.08 4.44 -1.53
C SER A 40 -3.63 3.22 -0.73
N PHE A 41 -2.91 2.31 -1.39
CA PHE A 41 -2.41 1.10 -0.75
C PHE A 41 -1.18 0.57 -1.45
N CYS A 42 -0.59 -0.49 -0.91
CA CYS A 42 0.60 -1.10 -1.50
C CYS A 42 0.21 -2.08 -2.60
N GLN A 43 0.90 -1.98 -3.74
CA GLN A 43 0.64 -2.86 -4.87
C GLN A 43 0.60 -4.32 -4.43
N ALA A 44 1.15 -4.59 -3.25
CA ALA A 44 1.18 -5.95 -2.72
C ALA A 44 0.08 -6.15 -1.69
N CYS A 45 0.06 -5.30 -0.68
CA CYS A 45 -0.95 -5.38 0.38
C CYS A 45 -2.35 -5.54 -0.21
N LEU A 46 -2.61 -4.82 -1.30
CA LEU A 46 -3.91 -4.89 -1.96
C LEU A 46 -4.19 -6.29 -2.48
N THR A 47 -3.19 -6.88 -3.14
CA THR A 47 -3.33 -8.22 -3.70
C THR A 47 -3.56 -9.24 -2.58
N ALA A 48 -2.71 -9.21 -1.57
CA ALA A 48 -2.82 -10.13 -0.44
C ALA A 48 -4.15 -9.97 0.27
N ASN A 49 -4.45 -8.75 0.69
CA ASN A 49 -5.70 -8.46 1.40
C ASN A 49 -6.89 -9.03 0.64
N HIS A 50 -6.84 -8.95 -0.68
CA HIS A 50 -7.91 -9.45 -1.52
C HIS A 50 -8.22 -10.91 -1.19
N LYS A 51 -7.18 -11.71 -1.06
CA LYS A 51 -7.33 -13.13 -0.75
C LYS A 51 -7.97 -13.31 0.63
N LYS A 52 -7.79 -12.32 1.49
CA LYS A 52 -8.35 -12.36 2.84
C LYS A 52 -9.87 -12.40 2.80
N SER A 53 -10.47 -11.38 2.19
CA SER A 53 -11.92 -11.28 2.07
C SER A 53 -12.48 -12.47 1.31
N MET A 54 -11.67 -13.02 0.40
CA MET A 54 -12.09 -14.17 -0.41
C MET A 54 -12.82 -15.20 0.45
N LEU A 55 -12.10 -15.77 1.41
CA LEU A 55 -12.68 -16.77 2.30
C LEU A 55 -13.73 -16.15 3.21
N ASP A 56 -13.45 -14.95 3.70
CA ASP A 56 -14.39 -14.24 4.58
C ASP A 56 -15.76 -14.13 3.94
N LYS A 57 -15.86 -13.31 2.90
CA LYS A 57 -17.13 -13.12 2.20
C LYS A 57 -16.96 -13.36 0.70
N GLY A 58 -15.83 -12.89 0.15
CA GLY A 58 -15.57 -13.08 -1.26
C GLY A 58 -14.89 -11.88 -1.88
N GLU A 59 -15.51 -11.30 -2.90
CA GLU A 59 -14.94 -10.14 -3.58
C GLU A 59 -14.46 -9.10 -2.57
N SER A 60 -13.16 -8.87 -2.53
CA SER A 60 -12.56 -7.91 -1.61
C SER A 60 -13.12 -6.51 -1.86
N SER A 61 -12.64 -5.54 -1.09
CA SER A 61 -13.09 -4.16 -1.21
C SER A 61 -12.29 -3.25 -0.29
N CYS A 62 -12.12 -2.00 -0.72
CA CYS A 62 -11.37 -1.02 0.06
C CYS A 62 -11.49 -1.31 1.55
N PRO A 63 -10.38 -1.77 2.15
CA PRO A 63 -10.32 -2.09 3.58
C PRO A 63 -10.41 -0.85 4.46
N VAL A 64 -10.65 0.30 3.84
CA VAL A 64 -10.76 1.56 4.57
C VAL A 64 -12.21 2.02 4.64
N CYS A 65 -12.89 1.99 3.51
CA CYS A 65 -14.29 2.41 3.44
C CYS A 65 -15.16 1.33 2.82
N ARG A 66 -14.54 0.46 2.04
CA ARG A 66 -15.25 -0.63 1.38
C ARG A 66 -16.39 -0.09 0.52
N ILE A 67 -16.07 0.84 -0.37
CA ILE A 67 -17.07 1.44 -1.25
C ILE A 67 -17.11 0.73 -2.60
N SER A 68 -15.93 0.40 -3.11
CA SER A 68 -15.82 -0.28 -4.40
C SER A 68 -14.38 -0.68 -4.69
N TYR A 69 -14.22 -1.68 -5.56
CA TYR A 69 -12.89 -2.17 -5.91
C TYR A 69 -12.95 -3.04 -7.16
N GLN A 70 -12.26 -2.62 -8.21
CA GLN A 70 -12.23 -3.36 -9.47
C GLN A 70 -10.81 -3.56 -9.95
N PRO A 71 -10.24 -4.75 -9.69
CA PRO A 71 -8.87 -5.09 -10.10
C PRO A 71 -8.74 -5.24 -11.62
N GLU A 72 -9.84 -5.01 -12.33
CA GLU A 72 -9.85 -5.12 -13.78
C GLU A 72 -9.23 -3.88 -14.43
N ASN A 73 -9.56 -2.72 -13.88
CA ASN A 73 -9.05 -1.46 -14.39
C ASN A 73 -7.84 -0.99 -13.59
N ILE A 74 -7.98 -0.99 -12.26
CA ILE A 74 -6.91 -0.57 -11.38
C ILE A 74 -5.54 -0.93 -11.96
N ARG A 75 -4.57 -0.05 -11.78
CA ARG A 75 -3.22 -0.26 -12.28
C ARG A 75 -2.24 0.76 -11.70
N PRO A 76 -1.00 0.32 -11.49
CA PRO A 76 0.06 1.18 -10.94
C PRO A 76 0.48 2.28 -11.92
N ASN A 77 -0.18 2.33 -13.07
CA ASN A 77 0.14 3.33 -14.09
C ASN A 77 -1.06 4.24 -14.33
N ARG A 78 -0.99 5.46 -13.80
CA ARG A 78 -2.07 6.42 -13.97
C ARG A 78 -1.61 7.62 -14.81
N HIS A 79 -1.50 7.41 -16.13
CA HIS A 79 -1.07 8.45 -17.04
C HIS A 79 0.15 9.18 -16.49
N VAL A 80 1.19 8.42 -16.15
CA VAL A 80 2.42 8.99 -15.61
C VAL A 80 3.56 8.87 -16.61
N ALA A 81 4.68 9.51 -16.30
CA ALA A 81 5.85 9.48 -17.18
C ALA A 81 7.05 8.86 -16.46
N ASN A 82 7.45 7.68 -16.90
CA ASN A 82 8.59 6.98 -16.30
C ASN A 82 9.01 5.80 -17.17
N ILE A 83 10.24 5.33 -16.95
CA ILE A 83 10.77 4.20 -17.70
C ILE A 83 10.80 2.94 -16.85
N VAL A 84 11.11 1.81 -17.49
CA VAL A 84 11.18 0.53 -16.79
C VAL A 84 12.18 0.58 -15.64
N GLU A 85 11.75 0.11 -14.47
CA GLU A 85 12.61 0.11 -13.29
C GLU A 85 13.61 -1.05 -13.35
N GLY A 1 31.46 -15.93 16.10
CA GLY A 1 31.33 -15.14 17.31
C GLY A 1 31.67 -13.68 17.09
N SER A 2 30.97 -13.05 16.16
CA SER A 2 31.20 -11.64 15.84
C SER A 2 29.88 -10.90 15.62
N SER A 3 29.78 -9.70 16.19
CA SER A 3 28.57 -8.90 16.06
C SER A 3 28.75 -7.82 15.00
N GLY A 4 27.67 -7.48 14.31
CA GLY A 4 27.72 -6.46 13.28
C GLY A 4 26.39 -5.77 13.07
N SER A 5 25.91 -5.09 14.11
CA SER A 5 24.64 -4.38 14.05
C SER A 5 24.82 -2.91 14.39
N SER A 6 24.78 -2.06 13.38
CA SER A 6 24.94 -0.62 13.57
C SER A 6 24.47 0.15 12.34
N GLY A 7 23.92 1.34 12.56
CA GLY A 7 23.43 2.15 11.47
C GLY A 7 24.55 2.65 10.58
N MET A 8 24.58 3.95 10.32
CA MET A 8 25.60 4.55 9.48
C MET A 8 26.08 5.88 10.04
N ALA A 9 27.17 6.39 9.50
CA ALA A 9 27.72 7.67 9.96
C ALA A 9 26.92 8.84 9.40
N SER A 10 25.81 9.16 10.06
CA SER A 10 24.96 10.25 9.64
C SER A 10 24.06 10.73 10.78
N GLY A 11 23.74 12.01 10.78
CA GLY A 11 22.90 12.56 11.83
C GLY A 11 21.44 12.67 11.40
N ILE A 12 20.86 11.53 11.04
CA ILE A 12 19.46 11.49 10.62
C ILE A 12 18.58 10.81 11.65
N LEU A 13 17.40 11.37 11.89
CA LEU A 13 16.47 10.80 12.85
C LEU A 13 15.04 10.84 12.32
N VAL A 14 14.16 10.06 12.95
CA VAL A 14 12.77 10.01 12.53
C VAL A 14 11.84 10.51 13.64
N ASN A 15 11.01 11.49 13.30
CA ASN A 15 10.08 12.06 14.27
C ASN A 15 8.64 11.68 13.93
N VAL A 16 8.25 11.90 12.68
CA VAL A 16 6.90 11.58 12.23
C VAL A 16 6.93 10.60 11.06
N LYS A 17 5.77 10.04 10.73
CA LYS A 17 5.68 9.09 9.63
C LYS A 17 5.86 9.79 8.29
N GLU A 18 5.95 9.01 7.22
CA GLU A 18 6.13 9.56 5.88
C GLU A 18 4.84 10.18 5.37
N GLU A 19 4.98 11.21 4.54
CA GLU A 19 3.81 11.91 3.99
C GLU A 19 2.66 10.93 3.77
N VAL A 20 2.97 9.76 3.22
CA VAL A 20 1.95 8.75 2.96
C VAL A 20 2.38 7.39 3.52
N THR A 21 1.57 6.84 4.40
CA THR A 21 1.86 5.55 5.01
C THR A 21 0.78 4.52 4.66
N CYS A 22 1.19 3.27 4.51
CA CYS A 22 0.28 2.19 4.18
C CYS A 22 -0.52 1.75 5.40
N PRO A 23 -1.86 1.76 5.27
CA PRO A 23 -2.76 1.36 6.36
C PRO A 23 -2.69 -0.13 6.66
N ILE A 24 -1.86 -0.84 5.91
CA ILE A 24 -1.71 -2.28 6.09
C ILE A 24 -0.39 -2.61 6.79
N CYS A 25 0.71 -2.46 6.05
CA CYS A 25 2.04 -2.74 6.60
C CYS A 25 2.49 -1.62 7.53
N LEU A 26 1.85 -0.46 7.41
CA LEU A 26 2.18 0.69 8.23
C LEU A 26 3.68 0.98 8.18
N GLU A 27 4.26 0.84 7.00
CA GLU A 27 5.68 1.09 6.82
C GLU A 27 5.92 2.39 6.04
N LEU A 28 5.59 2.37 4.76
CA LEU A 28 5.75 3.54 3.91
C LEU A 28 5.08 3.33 2.55
N LEU A 29 4.55 4.42 1.99
CA LEU A 29 3.87 4.36 0.70
C LEU A 29 4.51 5.33 -0.29
N THR A 30 5.37 4.80 -1.16
CA THR A 30 6.03 5.62 -2.16
C THR A 30 5.30 5.58 -3.49
N GLN A 31 4.95 4.38 -3.94
CA GLN A 31 4.24 4.21 -5.20
C GLN A 31 2.99 3.36 -5.00
N PRO A 32 2.11 3.80 -4.10
CA PRO A 32 0.87 3.09 -3.80
C PRO A 32 -0.14 3.17 -4.95
N LEU A 33 -1.25 2.47 -4.80
CA LEU A 33 -2.30 2.46 -5.82
C LEU A 33 -3.46 3.36 -5.42
N SER A 34 -4.36 3.60 -6.37
CA SER A 34 -5.53 4.45 -6.12
C SER A 34 -6.82 3.64 -6.24
N LEU A 35 -7.87 4.14 -5.60
CA LEU A 35 -9.17 3.48 -5.64
C LEU A 35 -10.30 4.49 -5.77
N ASP A 36 -11.52 3.99 -5.91
CA ASP A 36 -12.69 4.85 -6.03
C ASP A 36 -13.29 5.15 -4.67
N CYS A 37 -12.49 4.96 -3.62
CA CYS A 37 -12.95 5.22 -2.26
C CYS A 37 -12.18 6.38 -1.64
N GLY A 38 -10.89 6.47 -1.96
CA GLY A 38 -10.06 7.53 -1.42
C GLY A 38 -9.01 7.03 -0.45
N HIS A 39 -8.37 5.92 -0.80
CA HIS A 39 -7.35 5.33 0.05
C HIS A 39 -6.28 4.64 -0.79
N SER A 40 -5.01 4.87 -0.44
CA SER A 40 -3.90 4.28 -1.16
C SER A 40 -3.36 3.05 -0.43
N PHE A 41 -2.74 2.14 -1.17
CA PHE A 41 -2.18 0.94 -0.59
C PHE A 41 -1.00 0.41 -1.42
N CYS A 42 -0.41 -0.69 -0.97
CA CYS A 42 0.71 -1.29 -1.68
C CYS A 42 0.23 -2.30 -2.71
N GLN A 43 0.84 -2.27 -3.90
CA GLN A 43 0.47 -3.18 -4.97
C GLN A 43 0.45 -4.62 -4.46
N ALA A 44 1.19 -4.88 -3.40
CA ALA A 44 1.27 -6.22 -2.82
C ALA A 44 0.26 -6.38 -1.70
N CYS A 45 0.31 -5.48 -0.72
CA CYS A 45 -0.61 -5.53 0.41
C CYS A 45 -2.05 -5.70 -0.05
N LEU A 46 -2.43 -4.96 -1.08
CA LEU A 46 -3.78 -5.03 -1.63
C LEU A 46 -4.10 -6.45 -2.10
N THR A 47 -3.13 -7.09 -2.75
CA THR A 47 -3.30 -8.45 -3.25
C THR A 47 -3.56 -9.42 -2.11
N ALA A 48 -2.82 -9.27 -1.01
CA ALA A 48 -2.98 -10.13 0.14
C ALA A 48 -4.22 -9.76 0.94
N ASN A 49 -4.64 -8.50 0.84
CA ASN A 49 -5.81 -8.02 1.55
C ASN A 49 -7.09 -8.45 0.84
N HIS A 50 -7.10 -8.33 -0.48
CA HIS A 50 -8.26 -8.72 -1.27
C HIS A 50 -8.47 -10.23 -1.23
N LYS A 51 -7.40 -10.97 -1.43
CA LYS A 51 -7.47 -12.43 -1.41
C LYS A 51 -8.00 -12.94 -0.07
N LYS A 52 -7.76 -12.16 0.98
CA LYS A 52 -8.22 -12.54 2.31
C LYS A 52 -9.74 -12.68 2.35
N SER A 53 -10.43 -11.57 2.19
CA SER A 53 -11.89 -11.58 2.22
C SER A 53 -12.44 -12.69 1.33
N MET A 54 -11.65 -13.10 0.35
CA MET A 54 -12.06 -14.17 -0.56
C MET A 54 -12.55 -15.39 0.20
N LEU A 55 -11.94 -15.65 1.36
CA LEU A 55 -12.31 -16.78 2.19
C LEU A 55 -13.49 -16.44 3.09
N ASP A 56 -13.49 -15.21 3.60
CA ASP A 56 -14.57 -14.75 4.47
C ASP A 56 -15.84 -14.46 3.67
N LYS A 57 -15.84 -13.34 2.95
CA LYS A 57 -16.98 -12.95 2.13
C LYS A 57 -16.58 -12.77 0.67
N GLY A 58 -15.98 -13.80 0.09
CA GLY A 58 -15.56 -13.73 -1.29
C GLY A 58 -15.12 -12.35 -1.70
N GLU A 59 -16.00 -11.62 -2.38
CA GLU A 59 -15.69 -10.27 -2.83
C GLU A 59 -15.04 -9.46 -1.71
N SER A 60 -13.87 -8.90 -1.99
CA SER A 60 -13.14 -8.11 -1.01
C SER A 60 -13.63 -6.66 -1.01
N SER A 61 -12.97 -5.82 -0.21
CA SER A 61 -13.35 -4.41 -0.12
C SER A 61 -12.28 -3.62 0.64
N CYS A 62 -12.22 -2.33 0.38
CA CYS A 62 -11.25 -1.46 1.05
C CYS A 62 -11.16 -1.79 2.53
N PRO A 63 -9.94 -2.15 2.98
CA PRO A 63 -9.69 -2.50 4.38
C PRO A 63 -9.77 -1.30 5.31
N VAL A 64 -10.12 -0.14 4.74
CA VAL A 64 -10.25 1.08 5.51
C VAL A 64 -11.70 1.51 5.63
N CYS A 65 -12.39 1.60 4.50
CA CYS A 65 -13.79 2.00 4.48
C CYS A 65 -14.67 0.87 3.95
N ARG A 66 -14.04 -0.09 3.28
CA ARG A 66 -14.77 -1.23 2.71
C ARG A 66 -15.81 -0.76 1.70
N ILE A 67 -15.40 0.12 0.80
CA ILE A 67 -16.29 0.65 -0.22
C ILE A 67 -16.84 -0.47 -1.10
N SER A 68 -18.07 -0.29 -1.58
CA SER A 68 -18.71 -1.28 -2.44
C SER A 68 -18.20 -1.18 -3.87
N TYR A 69 -17.25 -2.05 -4.22
CA TYR A 69 -16.67 -2.06 -5.56
C TYR A 69 -15.92 -3.35 -5.82
N GLN A 70 -15.74 -3.67 -7.10
CA GLN A 70 -15.02 -4.88 -7.49
C GLN A 70 -13.53 -4.62 -7.63
N PRO A 71 -12.71 -5.40 -6.91
CA PRO A 71 -11.25 -5.27 -6.95
C PRO A 71 -10.66 -5.72 -8.28
N GLU A 72 -11.53 -6.11 -9.20
CA GLU A 72 -11.09 -6.56 -10.52
C GLU A 72 -10.63 -5.38 -11.38
N ASN A 73 -11.56 -4.46 -11.65
CA ASN A 73 -11.24 -3.28 -12.46
C ASN A 73 -10.77 -2.13 -11.58
N ILE A 74 -9.47 -1.85 -11.64
CA ILE A 74 -8.90 -0.76 -10.85
C ILE A 74 -7.59 -0.27 -11.46
N ARG A 75 -7.38 1.04 -11.43
CA ARG A 75 -6.17 1.63 -11.99
C ARG A 75 -5.54 2.60 -11.00
N PRO A 76 -4.20 2.68 -11.00
CA PRO A 76 -3.45 3.57 -10.11
C PRO A 76 -3.62 5.04 -10.47
N ASN A 77 -2.79 5.89 -9.90
CA ASN A 77 -2.84 7.32 -10.16
C ASN A 77 -2.11 7.67 -11.45
N ARG A 78 -2.40 6.94 -12.51
CA ARG A 78 -1.77 7.17 -13.80
C ARG A 78 -2.81 7.45 -14.89
N HIS A 79 -2.39 8.13 -15.94
CA HIS A 79 -3.29 8.46 -17.04
C HIS A 79 -2.86 7.74 -18.32
N VAL A 80 -3.52 6.62 -18.61
CA VAL A 80 -3.20 5.83 -19.80
C VAL A 80 -4.10 6.22 -20.96
N ALA A 81 -3.70 5.85 -22.17
CA ALA A 81 -4.48 6.17 -23.37
C ALA A 81 -4.97 4.89 -24.05
N ASN A 82 -5.44 3.94 -23.24
CA ASN A 82 -5.94 2.67 -23.76
C ASN A 82 -7.22 2.89 -24.57
N ILE A 83 -7.08 2.85 -25.89
CA ILE A 83 -8.22 3.04 -26.79
C ILE A 83 -8.68 1.71 -27.37
N VAL A 84 -9.97 1.42 -27.22
CA VAL A 84 -10.54 0.18 -27.73
C VAL A 84 -10.61 0.20 -29.25
N GLU A 85 -10.08 -0.86 -29.88
CA GLU A 85 -10.08 -0.96 -31.33
C GLU A 85 -9.88 -2.41 -31.76
N GLY A 1 18.15 -2.73 49.12
CA GLY A 1 17.99 -2.09 50.41
C GLY A 1 18.54 -0.68 50.43
N SER A 2 18.23 0.09 49.38
CA SER A 2 18.70 1.46 49.28
C SER A 2 18.04 2.17 48.11
N SER A 3 17.34 3.27 48.40
CA SER A 3 16.66 4.04 47.37
C SER A 3 17.54 4.20 46.13
N GLY A 4 16.91 4.45 44.99
CA GLY A 4 17.65 4.61 43.76
C GLY A 4 16.96 5.57 42.80
N SER A 5 17.69 6.58 42.35
CA SER A 5 17.15 7.56 41.42
C SER A 5 17.54 7.24 39.99
N SER A 6 16.62 6.61 39.26
CA SER A 6 16.86 6.24 37.87
C SER A 6 16.63 7.42 36.94
N GLY A 7 17.09 7.28 35.69
CA GLY A 7 16.93 8.35 34.72
C GLY A 7 15.58 8.29 34.02
N MET A 8 15.56 8.70 32.76
CA MET A 8 14.33 8.71 31.98
C MET A 8 14.53 7.97 30.65
N ALA A 9 13.93 6.79 30.54
CA ALA A 9 14.04 5.99 29.33
C ALA A 9 12.92 6.31 28.35
N SER A 10 13.09 7.39 27.59
CA SER A 10 12.09 7.82 26.62
C SER A 10 12.58 7.60 25.20
N GLY A 11 11.79 6.90 24.40
CA GLY A 11 12.17 6.63 23.02
C GLY A 11 11.79 7.76 22.09
N ILE A 12 12.36 8.94 22.34
CA ILE A 12 12.08 10.10 21.51
C ILE A 12 13.23 10.41 20.57
N LEU A 13 12.92 10.56 19.28
CA LEU A 13 13.93 10.84 18.27
C LEU A 13 13.58 12.10 17.50
N VAL A 14 14.53 12.59 16.70
CA VAL A 14 14.32 13.79 15.90
C VAL A 14 14.59 13.52 14.43
N ASN A 15 13.53 13.40 13.63
CA ASN A 15 13.66 13.15 12.21
C ASN A 15 12.37 13.51 11.47
N VAL A 16 12.37 13.30 10.16
CA VAL A 16 11.20 13.59 9.34
C VAL A 16 10.27 12.39 9.25
N LYS A 17 8.97 12.67 9.21
CA LYS A 17 7.97 11.61 9.13
C LYS A 17 7.40 11.51 7.71
N GLU A 18 6.96 10.31 7.35
CA GLU A 18 6.39 10.08 6.02
C GLU A 18 5.06 10.80 5.87
N GLU A 19 4.76 11.23 4.65
CA GLU A 19 3.52 11.93 4.37
C GLU A 19 2.37 10.95 4.17
N VAL A 20 2.67 9.83 3.51
CA VAL A 20 1.66 8.80 3.26
C VAL A 20 2.10 7.45 3.82
N THR A 21 1.22 6.83 4.61
CA THR A 21 1.51 5.54 5.20
C THR A 21 0.48 4.49 4.78
N CYS A 22 0.90 3.23 4.78
CA CYS A 22 0.02 2.13 4.39
C CYS A 22 -0.83 1.68 5.58
N PRO A 23 -2.16 1.67 5.38
CA PRO A 23 -3.11 1.25 6.41
C PRO A 23 -3.04 -0.24 6.70
N ILE A 24 -2.15 -0.93 6.00
CA ILE A 24 -1.98 -2.37 6.18
C ILE A 24 -0.70 -2.68 6.95
N CYS A 25 0.44 -2.51 6.29
CA CYS A 25 1.73 -2.77 6.91
C CYS A 25 2.11 -1.64 7.85
N LEU A 26 1.53 -0.47 7.64
CA LEU A 26 1.81 0.70 8.48
C LEU A 26 3.30 1.03 8.47
N GLU A 27 3.92 0.93 7.29
CA GLU A 27 5.33 1.21 7.15
C GLU A 27 5.56 2.52 6.40
N LEU A 28 5.25 2.51 5.10
CA LEU A 28 5.42 3.69 4.27
C LEU A 28 4.79 3.48 2.89
N LEU A 29 4.13 4.52 2.38
CA LEU A 29 3.49 4.44 1.08
C LEU A 29 4.12 5.42 0.10
N THR A 30 5.14 4.95 -0.63
CA THR A 30 5.84 5.78 -1.59
C THR A 30 5.07 5.85 -2.91
N GLN A 31 4.98 4.71 -3.60
CA GLN A 31 4.28 4.65 -4.87
C GLN A 31 3.10 3.68 -4.79
N PRO A 32 2.15 3.98 -3.90
CA PRO A 32 0.96 3.16 -3.70
C PRO A 32 0.00 3.22 -4.89
N LEU A 33 -1.13 2.53 -4.78
CA LEU A 33 -2.12 2.51 -5.85
C LEU A 33 -3.35 3.34 -5.46
N SER A 34 -4.10 3.77 -6.46
CA SER A 34 -5.30 4.58 -6.23
C SER A 34 -6.56 3.72 -6.37
N LEU A 35 -7.63 4.15 -5.73
CA LEU A 35 -8.90 3.43 -5.77
C LEU A 35 -10.06 4.40 -5.99
N ASP A 36 -11.24 3.84 -6.27
CA ASP A 36 -12.43 4.65 -6.49
C ASP A 36 -13.12 4.97 -5.17
N CYS A 37 -12.40 4.76 -4.07
CA CYS A 37 -12.94 5.03 -2.75
C CYS A 37 -12.23 6.22 -2.10
N GLY A 38 -10.91 6.26 -2.24
CA GLY A 38 -10.14 7.35 -1.67
C GLY A 38 -9.13 6.87 -0.65
N HIS A 39 -8.38 5.84 -1.00
CA HIS A 39 -7.38 5.28 -0.11
C HIS A 39 -6.27 4.58 -0.89
N SER A 40 -5.02 4.83 -0.50
CA SER A 40 -3.87 4.23 -1.18
C SER A 40 -3.36 3.01 -0.41
N PHE A 41 -2.67 2.13 -1.10
CA PHE A 41 -2.12 0.92 -0.49
C PHE A 41 -0.91 0.42 -1.27
N CYS A 42 -0.33 -0.68 -0.80
CA CYS A 42 0.84 -1.27 -1.44
C CYS A 42 0.42 -2.26 -2.53
N GLN A 43 1.04 -2.16 -3.69
CA GLN A 43 0.73 -3.04 -4.81
C GLN A 43 0.63 -4.49 -4.33
N ALA A 44 1.29 -4.79 -3.22
CA ALA A 44 1.28 -6.14 -2.67
C ALA A 44 0.21 -6.29 -1.59
N CYS A 45 0.33 -5.47 -0.54
CA CYS A 45 -0.63 -5.51 0.57
C CYS A 45 -2.06 -5.66 0.04
N LEU A 46 -2.33 -5.01 -1.09
CA LEU A 46 -3.67 -5.06 -1.69
C LEU A 46 -3.97 -6.47 -2.20
N THR A 47 -2.99 -7.08 -2.86
CA THR A 47 -3.15 -8.42 -3.39
C THR A 47 -3.49 -9.42 -2.29
N ALA A 48 -3.06 -9.11 -1.08
CA ALA A 48 -3.32 -9.98 0.07
C ALA A 48 -4.68 -9.70 0.68
N ASN A 49 -5.01 -8.41 0.83
CA ASN A 49 -6.29 -8.02 1.40
C ASN A 49 -7.45 -8.50 0.54
N HIS A 50 -7.33 -8.28 -0.77
CA HIS A 50 -8.36 -8.68 -1.71
C HIS A 50 -8.50 -10.20 -1.74
N LYS A 51 -7.38 -10.90 -1.69
CA LYS A 51 -7.36 -12.35 -1.71
C LYS A 51 -7.66 -12.92 -0.32
N LYS A 52 -7.85 -12.03 0.64
CA LYS A 52 -8.14 -12.44 2.02
C LYS A 52 -9.64 -12.62 2.22
N SER A 53 -10.41 -11.59 1.88
CA SER A 53 -11.86 -11.64 2.03
C SER A 53 -12.42 -12.95 1.50
N MET A 54 -11.87 -13.41 0.37
CA MET A 54 -12.31 -14.66 -0.24
C MET A 54 -12.71 -15.67 0.82
N LEU A 55 -11.86 -15.85 1.82
CA LEU A 55 -12.12 -16.78 2.90
C LEU A 55 -13.15 -16.23 3.88
N ASP A 56 -13.09 -14.92 4.11
CA ASP A 56 -14.03 -14.26 5.01
C ASP A 56 -15.47 -14.50 4.57
N LYS A 57 -15.86 -13.86 3.46
CA LYS A 57 -17.21 -14.00 2.94
C LYS A 57 -17.18 -14.40 1.47
N GLY A 58 -16.32 -13.74 0.69
CA GLY A 58 -16.21 -14.03 -0.72
C GLY A 58 -16.38 -12.79 -1.58
N GLU A 59 -15.67 -11.73 -1.23
CA GLU A 59 -15.74 -10.48 -1.98
C GLU A 59 -14.72 -9.47 -1.47
N SER A 60 -13.98 -8.86 -2.39
CA SER A 60 -12.96 -7.89 -2.04
C SER A 60 -13.60 -6.53 -1.71
N SER A 61 -12.90 -5.73 -0.92
CA SER A 61 -13.40 -4.42 -0.53
C SER A 61 -12.35 -3.65 0.28
N CYS A 62 -12.26 -2.35 0.03
CA CYS A 62 -11.29 -1.51 0.73
C CYS A 62 -11.26 -1.84 2.22
N PRO A 63 -10.07 -2.20 2.72
CA PRO A 63 -9.88 -2.54 4.14
C PRO A 63 -10.01 -1.33 5.06
N VAL A 64 -10.34 -0.17 4.46
CA VAL A 64 -10.50 1.05 5.23
C VAL A 64 -11.97 1.46 5.31
N CYS A 65 -12.57 1.68 4.14
CA CYS A 65 -13.97 2.06 4.07
C CYS A 65 -14.84 0.91 3.58
N ARG A 66 -14.20 -0.07 2.94
CA ARG A 66 -14.92 -1.23 2.42
C ARG A 66 -16.06 -0.80 1.50
N ILE A 67 -15.78 0.17 0.64
CA ILE A 67 -16.78 0.68 -0.29
C ILE A 67 -17.03 -0.32 -1.42
N SER A 68 -18.13 -0.13 -2.14
CA SER A 68 -18.49 -1.02 -3.25
C SER A 68 -17.78 -0.58 -4.53
N TYR A 69 -16.96 -1.47 -5.08
CA TYR A 69 -16.22 -1.18 -6.30
C TYR A 69 -15.50 -2.43 -6.81
N GLN A 70 -14.98 -2.34 -8.03
CA GLN A 70 -14.27 -3.47 -8.63
C GLN A 70 -12.87 -3.05 -9.07
N PRO A 71 -11.90 -3.96 -8.92
CA PRO A 71 -10.50 -3.70 -9.30
C PRO A 71 -10.33 -3.60 -10.81
N GLU A 72 -11.24 -4.22 -11.56
CA GLU A 72 -11.18 -4.20 -13.02
C GLU A 72 -11.03 -2.77 -13.53
N ASN A 73 -11.69 -1.83 -12.86
CA ASN A 73 -11.64 -0.43 -13.26
C ASN A 73 -10.70 0.36 -12.34
N ILE A 74 -9.52 -0.21 -12.08
CA ILE A 74 -8.54 0.44 -11.23
C ILE A 74 -7.12 0.21 -11.74
N ARG A 75 -6.32 1.28 -11.76
CA ARG A 75 -4.94 1.18 -12.22
C ARG A 75 -4.11 2.34 -11.69
N PRO A 76 -2.80 2.11 -11.54
CA PRO A 76 -1.87 3.13 -11.03
C PRO A 76 -1.66 4.27 -12.03
N ASN A 77 -1.63 5.49 -11.53
CA ASN A 77 -1.43 6.66 -12.38
C ASN A 77 -0.14 6.54 -13.18
N ARG A 78 0.98 6.47 -12.47
CA ARG A 78 2.29 6.36 -13.11
C ARG A 78 3.25 5.54 -12.25
N HIS A 79 4.06 4.72 -12.90
CA HIS A 79 5.03 3.89 -12.19
C HIS A 79 6.46 4.27 -12.56
N VAL A 80 6.69 5.58 -12.68
CA VAL A 80 8.02 6.08 -13.03
C VAL A 80 8.44 7.20 -12.08
N ALA A 81 9.74 7.50 -12.08
CA ALA A 81 10.28 8.54 -11.22
C ALA A 81 10.90 9.66 -12.05
N ASN A 82 10.06 10.52 -12.62
CA ASN A 82 10.52 11.64 -13.42
C ASN A 82 9.36 12.54 -13.81
N ILE A 83 9.40 13.78 -13.34
CA ILE A 83 8.36 14.75 -13.65
C ILE A 83 6.97 14.16 -13.41
N VAL A 84 6.77 13.59 -12.22
CA VAL A 84 5.49 12.99 -11.88
C VAL A 84 4.81 13.74 -10.74
N GLU A 85 3.53 14.06 -10.92
CA GLU A 85 2.78 14.78 -9.91
C GLU A 85 1.28 14.74 -10.21
N GLY A 1 6.69 -22.79 9.46
CA GLY A 1 7.96 -23.49 9.37
C GLY A 1 9.14 -22.55 9.50
N SER A 2 9.28 -21.64 8.55
CA SER A 2 10.38 -20.68 8.56
C SER A 2 9.90 -19.29 8.17
N SER A 3 10.31 -18.28 8.94
CA SER A 3 9.91 -16.91 8.69
C SER A 3 10.52 -16.40 7.39
N GLY A 4 9.70 -15.77 6.55
CA GLY A 4 10.18 -15.25 5.28
C GLY A 4 9.29 -14.16 4.74
N SER A 5 9.56 -12.92 5.12
CA SER A 5 8.77 -11.78 4.67
C SER A 5 9.47 -11.07 3.50
N SER A 6 8.71 -10.23 2.80
CA SER A 6 9.25 -9.49 1.67
C SER A 6 9.53 -8.04 2.04
N GLY A 7 10.54 -7.45 1.39
CA GLY A 7 10.90 -6.07 1.67
C GLY A 7 12.25 -5.70 1.11
N MET A 8 12.56 -4.40 1.10
CA MET A 8 13.83 -3.93 0.58
C MET A 8 14.83 -3.69 1.71
N ALA A 9 16.06 -4.14 1.51
CA ALA A 9 17.11 -3.98 2.50
C ALA A 9 17.73 -2.59 2.43
N SER A 10 16.88 -1.58 2.30
CA SER A 10 17.35 -0.20 2.21
C SER A 10 18.23 0.15 3.41
N GLY A 11 19.54 0.16 3.17
CA GLY A 11 20.48 0.47 4.24
C GLY A 11 19.99 1.61 5.12
N ILE A 12 19.35 2.60 4.51
CA ILE A 12 18.83 3.75 5.25
C ILE A 12 17.53 3.40 5.95
N LEU A 13 17.12 4.26 6.88
CA LEU A 13 15.87 4.04 7.63
C LEU A 13 15.00 5.30 7.61
N VAL A 14 13.71 5.10 7.79
CA VAL A 14 12.77 6.22 7.79
C VAL A 14 13.38 7.46 8.43
N ASN A 15 13.65 8.48 7.62
CA ASN A 15 14.24 9.72 8.11
C ASN A 15 13.20 10.58 8.81
N VAL A 16 12.11 10.87 8.10
CA VAL A 16 11.04 11.68 8.66
C VAL A 16 9.70 10.97 8.56
N LYS A 17 8.66 11.59 9.11
CA LYS A 17 7.32 11.01 9.10
C LYS A 17 6.80 10.90 7.66
N GLU A 18 6.96 9.72 7.07
CA GLU A 18 6.50 9.49 5.70
C GLU A 18 5.13 10.12 5.46
N GLU A 19 5.07 11.07 4.54
CA GLU A 19 3.83 11.75 4.23
C GLU A 19 2.69 10.76 4.07
N VAL A 20 2.86 9.80 3.15
CA VAL A 20 1.84 8.79 2.90
C VAL A 20 2.23 7.46 3.55
N THR A 21 1.31 6.91 4.35
CA THR A 21 1.56 5.65 5.03
C THR A 21 0.50 4.61 4.67
N CYS A 22 0.90 3.35 4.60
CA CYS A 22 -0.01 2.27 4.25
C CYS A 22 -0.86 1.87 5.46
N PRO A 23 -2.18 1.89 5.29
CA PRO A 23 -3.13 1.54 6.35
C PRO A 23 -3.10 0.05 6.68
N ILE A 24 -2.24 -0.69 5.97
CA ILE A 24 -2.11 -2.13 6.20
C ILE A 24 -0.82 -2.46 6.93
N CYS A 25 0.30 -2.29 6.24
CA CYS A 25 1.61 -2.58 6.83
C CYS A 25 2.07 -1.41 7.71
N LEU A 26 1.34 -0.31 7.65
CA LEU A 26 1.67 0.87 8.45
C LEU A 26 3.18 1.10 8.47
N GLU A 27 3.80 1.02 7.30
CA GLU A 27 5.24 1.23 7.18
C GLU A 27 5.54 2.49 6.39
N LEU A 28 5.28 2.43 5.09
CA LEU A 28 5.52 3.57 4.20
C LEU A 28 4.90 3.34 2.83
N LEU A 29 4.44 4.43 2.22
CA LEU A 29 3.81 4.35 0.90
C LEU A 29 4.48 5.32 -0.08
N THR A 30 5.43 4.81 -0.84
CA THR A 30 6.14 5.63 -1.82
C THR A 30 5.57 5.45 -3.22
N GLN A 31 5.13 4.22 -3.51
CA GLN A 31 4.55 3.91 -4.82
C GLN A 31 3.25 3.14 -4.67
N PRO A 32 2.33 3.68 -3.85
CA PRO A 32 1.02 3.04 -3.61
C PRO A 32 0.12 3.10 -4.84
N LEU A 33 -1.02 2.41 -4.75
CA LEU A 33 -1.97 2.38 -5.86
C LEU A 33 -3.19 3.25 -5.55
N SER A 34 -3.98 3.54 -6.58
CA SER A 34 -5.16 4.36 -6.41
C SER A 34 -6.43 3.53 -6.63
N LEU A 35 -7.49 3.90 -5.91
CA LEU A 35 -8.77 3.20 -6.02
C LEU A 35 -9.91 4.17 -6.29
N ASP A 36 -11.12 3.63 -6.39
CA ASP A 36 -12.30 4.46 -6.64
C ASP A 36 -13.03 4.77 -5.34
N CYS A 37 -12.28 4.79 -4.24
CA CYS A 37 -12.86 5.08 -2.93
C CYS A 37 -12.19 6.29 -2.30
N GLY A 38 -10.87 6.38 -2.45
CA GLY A 38 -10.13 7.49 -1.88
C GLY A 38 -9.10 7.06 -0.86
N HIS A 39 -8.46 5.92 -1.12
CA HIS A 39 -7.45 5.40 -0.21
C HIS A 39 -6.36 4.64 -0.97
N SER A 40 -5.11 4.93 -0.67
CA SER A 40 -3.98 4.28 -1.32
C SER A 40 -3.52 3.05 -0.54
N PHE A 41 -2.74 2.20 -1.19
CA PHE A 41 -2.23 1.00 -0.55
C PHE A 41 -1.02 0.45 -1.30
N CYS A 42 -0.48 -0.67 -0.83
CA CYS A 42 0.67 -1.29 -1.46
C CYS A 42 0.24 -2.30 -2.52
N GLN A 43 0.97 -2.33 -3.62
CA GLN A 43 0.66 -3.26 -4.72
C GLN A 43 0.56 -4.68 -4.21
N ALA A 44 1.19 -4.96 -3.07
CA ALA A 44 1.16 -6.29 -2.48
C ALA A 44 0.08 -6.40 -1.41
N CYS A 45 0.12 -5.51 -0.43
CA CYS A 45 -0.85 -5.50 0.65
C CYS A 45 -2.27 -5.64 0.09
N LEU A 46 -2.56 -4.90 -0.97
CA LEU A 46 -3.88 -4.95 -1.60
C LEU A 46 -4.22 -6.36 -2.05
N THR A 47 -3.29 -6.99 -2.75
CA THR A 47 -3.49 -8.35 -3.25
C THR A 47 -3.81 -9.31 -2.11
N ALA A 48 -3.10 -9.17 -1.00
CA ALA A 48 -3.32 -10.02 0.17
C ALA A 48 -4.58 -9.61 0.92
N ASN A 49 -4.93 -8.33 0.81
CA ASN A 49 -6.11 -7.81 1.49
C ASN A 49 -7.38 -8.07 0.66
N HIS A 50 -7.18 -8.40 -0.61
CA HIS A 50 -8.29 -8.68 -1.50
C HIS A 50 -8.46 -10.18 -1.70
N LYS A 51 -7.35 -10.89 -1.86
CA LYS A 51 -7.37 -12.33 -2.06
C LYS A 51 -7.83 -13.04 -0.79
N LYS A 52 -7.57 -12.42 0.36
CA LYS A 52 -7.97 -13.00 1.63
C LYS A 52 -9.47 -12.86 1.87
N SER A 53 -10.02 -11.73 1.45
CA SER A 53 -11.45 -11.47 1.62
C SER A 53 -12.27 -12.67 1.20
N MET A 54 -11.68 -13.53 0.37
CA MET A 54 -12.36 -14.74 -0.10
C MET A 54 -12.78 -15.61 1.08
N LEU A 55 -11.86 -15.78 2.03
CA LEU A 55 -12.14 -16.60 3.21
C LEU A 55 -12.99 -15.84 4.21
N ASP A 56 -12.76 -14.53 4.31
CA ASP A 56 -13.52 -13.69 5.23
C ASP A 56 -14.99 -13.66 4.86
N LYS A 57 -15.32 -12.96 3.79
CA LYS A 57 -16.70 -12.85 3.33
C LYS A 57 -16.84 -13.38 1.91
N GLY A 58 -15.93 -12.98 1.04
CA GLY A 58 -15.97 -13.43 -0.34
C GLY A 58 -15.71 -12.31 -1.33
N GLU A 59 -16.27 -11.13 -1.05
CA GLU A 59 -16.09 -9.98 -1.92
C GLU A 59 -15.12 -8.97 -1.30
N SER A 60 -13.98 -8.79 -1.93
CA SER A 60 -12.96 -7.86 -1.43
C SER A 60 -13.55 -6.46 -1.29
N SER A 61 -12.82 -5.58 -0.60
CA SER A 61 -13.27 -4.21 -0.38
C SER A 61 -12.20 -3.41 0.34
N CYS A 62 -12.40 -2.09 0.42
CA CYS A 62 -11.46 -1.20 1.08
C CYS A 62 -11.39 -1.50 2.57
N PRO A 63 -10.20 -1.90 3.04
CA PRO A 63 -9.98 -2.22 4.45
C PRO A 63 -10.02 -0.99 5.35
N VAL A 64 -10.35 0.16 4.75
CA VAL A 64 -10.43 1.41 5.49
C VAL A 64 -11.87 1.92 5.55
N CYS A 65 -12.47 2.08 4.38
CA CYS A 65 -13.85 2.56 4.29
C CYS A 65 -14.79 1.45 3.84
N ARG A 66 -14.21 0.36 3.35
CA ARG A 66 -15.00 -0.77 2.88
C ARG A 66 -16.10 -0.32 1.93
N ILE A 67 -15.75 0.58 1.01
CA ILE A 67 -16.72 1.09 0.05
C ILE A 67 -17.05 0.04 -1.01
N SER A 68 -18.10 0.31 -1.78
CA SER A 68 -18.52 -0.61 -2.84
C SER A 68 -17.85 -0.27 -4.16
N TYR A 69 -16.79 -0.99 -4.48
CA TYR A 69 -16.06 -0.76 -5.73
C TYR A 69 -15.40 -2.05 -6.22
N GLN A 70 -15.79 -2.48 -7.41
CA GLN A 70 -15.25 -3.70 -8.00
C GLN A 70 -13.75 -3.55 -8.26
N PRO A 71 -12.94 -4.29 -7.48
CA PRO A 71 -11.48 -4.26 -7.60
C PRO A 71 -10.99 -4.91 -8.91
N GLU A 72 -11.93 -5.35 -9.72
CA GLU A 72 -11.60 -5.99 -10.99
C GLU A 72 -11.06 -4.97 -11.98
N ASN A 73 -11.70 -3.81 -12.04
CA ASN A 73 -11.28 -2.74 -12.95
C ASN A 73 -10.57 -1.63 -12.20
N ILE A 74 -9.44 -1.97 -11.58
CA ILE A 74 -8.66 -1.00 -10.83
C ILE A 74 -7.48 -0.50 -11.64
N ARG A 75 -7.13 0.77 -11.44
CA ARG A 75 -6.01 1.38 -12.16
C ARG A 75 -5.25 2.35 -11.26
N PRO A 76 -3.91 2.30 -11.31
CA PRO A 76 -3.05 3.16 -10.51
C PRO A 76 -3.11 4.62 -10.97
N ASN A 77 -2.23 5.45 -10.40
CA ASN A 77 -2.18 6.86 -10.75
C ASN A 77 -0.97 7.15 -11.62
N ARG A 78 -0.68 6.25 -12.54
CA ARG A 78 0.46 6.41 -13.45
C ARG A 78 0.46 5.34 -14.53
N HIS A 79 0.43 5.76 -15.78
CA HIS A 79 0.44 4.83 -16.90
C HIS A 79 1.80 4.81 -17.61
N VAL A 80 2.43 3.64 -17.63
CA VAL A 80 3.73 3.49 -18.26
C VAL A 80 3.92 2.08 -18.81
N ALA A 81 4.77 1.95 -19.82
CA ALA A 81 5.03 0.66 -20.44
C ALA A 81 6.44 0.18 -20.11
N ASN A 82 6.58 -0.52 -18.99
CA ASN A 82 7.88 -1.03 -18.56
C ASN A 82 7.96 -2.55 -18.76
N ILE A 83 8.88 -2.97 -19.61
CA ILE A 83 9.06 -4.39 -19.91
C ILE A 83 10.00 -5.04 -18.88
N VAL A 84 9.51 -6.09 -18.24
CA VAL A 84 10.30 -6.81 -17.24
C VAL A 84 10.71 -8.18 -17.75
N GLU A 85 11.88 -8.64 -17.31
CA GLU A 85 12.39 -9.94 -17.72
C GLU A 85 12.95 -10.71 -16.52
N GLY A 1 41.65 -0.73 29.72
CA GLY A 1 40.33 -0.17 29.49
C GLY A 1 40.17 0.36 28.09
N SER A 2 39.47 1.48 27.95
CA SER A 2 39.25 2.09 26.65
C SER A 2 38.72 3.52 26.80
N SER A 3 38.62 4.23 25.68
CA SER A 3 38.13 5.61 25.69
C SER A 3 36.60 5.63 25.67
N GLY A 4 36.04 6.84 25.74
CA GLY A 4 34.60 6.98 25.74
C GLY A 4 34.09 7.53 24.41
N SER A 5 33.81 6.63 23.48
CA SER A 5 33.31 7.02 22.16
C SER A 5 31.83 6.70 22.02
N SER A 6 31.00 7.74 22.04
CA SER A 6 29.56 7.57 21.92
C SER A 6 29.05 8.17 20.61
N GLY A 7 28.21 7.41 19.91
CA GLY A 7 27.67 7.89 18.65
C GLY A 7 28.43 7.37 17.45
N MET A 8 27.86 7.55 16.27
CA MET A 8 28.50 7.10 15.03
C MET A 8 28.51 8.20 13.98
N ALA A 9 29.70 8.71 13.68
CA ALA A 9 29.84 9.77 12.69
C ALA A 9 29.93 9.20 11.28
N SER A 10 28.78 8.98 10.66
CA SER A 10 28.75 8.42 9.30
C SER A 10 27.97 9.35 8.37
N GLY A 11 28.36 9.35 7.09
CA GLY A 11 27.69 10.19 6.11
C GLY A 11 26.35 9.63 5.69
N ILE A 12 25.39 9.63 6.62
CA ILE A 12 24.06 9.11 6.33
C ILE A 12 23.05 10.25 6.24
N LEU A 13 22.13 10.14 5.28
CA LEU A 13 21.10 11.16 5.08
C LEU A 13 19.72 10.51 4.98
N VAL A 14 18.80 10.96 5.83
CA VAL A 14 17.45 10.44 5.84
C VAL A 14 16.43 11.53 5.47
N ASN A 15 15.77 11.34 4.33
CA ASN A 15 14.78 12.31 3.87
C ASN A 15 13.83 12.70 5.00
N VAL A 16 13.05 13.75 4.77
CA VAL A 16 12.09 14.23 5.77
C VAL A 16 11.08 13.14 6.12
N LYS A 17 10.35 13.36 7.20
CA LYS A 17 9.33 12.40 7.65
C LYS A 17 8.43 11.99 6.49
N GLU A 18 7.51 11.08 6.77
CA GLU A 18 6.57 10.59 5.75
C GLU A 18 5.14 11.01 6.08
N GLU A 19 4.39 11.42 5.06
CA GLU A 19 3.02 11.85 5.26
C GLU A 19 2.04 10.76 4.81
N VAL A 20 2.41 10.06 3.74
CA VAL A 20 1.57 8.98 3.21
C VAL A 20 2.01 7.63 3.75
N THR A 21 1.13 6.98 4.52
CA THR A 21 1.43 5.69 5.10
C THR A 21 0.40 4.65 4.68
N CYS A 22 0.82 3.39 4.61
CA CYS A 22 -0.08 2.31 4.22
C CYS A 22 -0.94 1.87 5.40
N PRO A 23 -2.26 1.88 5.20
CA PRO A 23 -3.22 1.49 6.24
C PRO A 23 -3.18 -0.01 6.53
N ILE A 24 -2.30 -0.72 5.83
CA ILE A 24 -2.16 -2.16 6.00
C ILE A 24 -0.88 -2.50 6.76
N CYS A 25 0.26 -2.30 6.09
CA CYS A 25 1.55 -2.58 6.69
C CYS A 25 1.99 -1.45 7.60
N LEU A 26 1.24 -0.36 7.58
CA LEU A 26 1.55 0.80 8.42
C LEU A 26 2.96 1.30 8.14
N GLU A 27 3.39 1.18 6.89
CA GLU A 27 4.73 1.62 6.49
C GLU A 27 4.65 2.83 5.58
N LEU A 28 5.78 3.49 5.38
CA LEU A 28 5.85 4.67 4.53
C LEU A 28 5.50 4.31 3.08
N LEU A 29 4.32 4.76 2.63
CA LEU A 29 3.87 4.48 1.27
C LEU A 29 4.67 5.30 0.26
N THR A 30 5.58 4.63 -0.44
CA THR A 30 6.41 5.30 -1.43
C THR A 30 5.86 5.08 -2.84
N GLN A 31 5.46 3.85 -3.14
CA GLN A 31 4.90 3.51 -4.44
C GLN A 31 3.50 2.94 -4.31
N PRO A 32 2.63 3.67 -3.59
CA PRO A 32 1.24 3.25 -3.37
C PRO A 32 0.40 3.34 -4.64
N LEU A 33 -0.78 2.72 -4.61
CA LEU A 33 -1.67 2.73 -5.76
C LEU A 33 -2.88 3.64 -5.51
N SER A 34 -3.75 3.74 -6.51
CA SER A 34 -4.94 4.58 -6.39
C SER A 34 -6.21 3.76 -6.65
N LEU A 35 -7.25 4.05 -5.88
CA LEU A 35 -8.52 3.34 -6.02
C LEU A 35 -9.67 4.32 -6.27
N ASP A 36 -10.83 3.80 -6.63
CA ASP A 36 -12.00 4.62 -6.89
C ASP A 36 -12.82 4.81 -5.62
N CYS A 37 -12.13 4.96 -4.49
CA CYS A 37 -12.79 5.16 -3.21
C CYS A 37 -12.17 6.32 -2.43
N GLY A 38 -10.87 6.51 -2.62
CA GLY A 38 -10.16 7.58 -1.94
C GLY A 38 -9.21 7.07 -0.90
N HIS A 39 -8.50 5.98 -1.21
CA HIS A 39 -7.55 5.39 -0.28
C HIS A 39 -6.42 4.69 -1.05
N SER A 40 -5.18 4.99 -0.66
CA SER A 40 -4.01 4.40 -1.31
C SER A 40 -3.56 3.14 -0.57
N PHE A 41 -2.75 2.32 -1.24
CA PHE A 41 -2.25 1.09 -0.65
C PHE A 41 -1.04 0.58 -1.41
N CYS A 42 -0.44 -0.50 -0.92
CA CYS A 42 0.73 -1.09 -1.55
C CYS A 42 0.32 -2.04 -2.67
N GLN A 43 1.05 -2.00 -3.78
CA GLN A 43 0.77 -2.85 -4.92
C GLN A 43 0.69 -4.32 -4.50
N ALA A 44 1.20 -4.61 -3.31
CA ALA A 44 1.20 -5.96 -2.79
C ALA A 44 0.12 -6.14 -1.72
N CYS A 45 0.12 -5.26 -0.73
CA CYS A 45 -0.85 -5.31 0.35
C CYS A 45 -2.27 -5.43 -0.20
N LEU A 46 -2.52 -4.75 -1.32
CA LEU A 46 -3.83 -4.78 -1.95
C LEU A 46 -4.17 -6.18 -2.45
N THR A 47 -3.24 -6.78 -3.18
CA THR A 47 -3.45 -8.12 -3.71
C THR A 47 -3.80 -9.10 -2.60
N ALA A 48 -3.04 -9.08 -1.52
CA ALA A 48 -3.28 -9.97 -0.39
C ALA A 48 -4.63 -9.67 0.25
N ASN A 49 -4.90 -8.41 0.52
CA ASN A 49 -6.15 -8.00 1.14
C ASN A 49 -7.34 -8.63 0.43
N HIS A 50 -7.24 -8.74 -0.89
CA HIS A 50 -8.30 -9.33 -1.70
C HIS A 50 -8.43 -10.83 -1.42
N LYS A 51 -7.33 -11.44 -0.99
CA LYS A 51 -7.31 -12.86 -0.70
C LYS A 51 -8.04 -13.16 0.60
N LYS A 52 -7.64 -12.46 1.67
CA LYS A 52 -8.26 -12.65 2.97
C LYS A 52 -9.77 -12.54 2.88
N SER A 53 -10.25 -11.64 2.03
CA SER A 53 -11.67 -11.43 1.83
C SER A 53 -12.25 -12.46 0.86
N MET A 54 -11.54 -13.57 0.69
CA MET A 54 -11.98 -14.62 -0.22
C MET A 54 -12.62 -15.77 0.56
N LEU A 55 -12.08 -16.05 1.75
CA LEU A 55 -12.61 -17.13 2.59
C LEU A 55 -13.78 -16.63 3.44
N ASP A 56 -13.65 -15.41 3.95
CA ASP A 56 -14.70 -14.82 4.78
C ASP A 56 -16.04 -14.82 4.05
N LYS A 57 -16.09 -14.16 2.90
CA LYS A 57 -17.31 -14.08 2.11
C LYS A 57 -17.04 -14.48 0.66
N GLY A 58 -15.94 -13.97 0.11
CA GLY A 58 -15.58 -14.28 -1.27
C GLY A 58 -15.60 -13.06 -2.15
N GLU A 59 -15.49 -11.89 -1.54
CA GLU A 59 -15.48 -10.64 -2.29
C GLU A 59 -14.55 -9.62 -1.65
N SER A 60 -13.66 -9.05 -2.45
CA SER A 60 -12.70 -8.06 -1.96
C SER A 60 -13.39 -6.74 -1.64
N SER A 61 -12.70 -5.87 -0.91
CA SER A 61 -13.24 -4.57 -0.54
C SER A 61 -12.20 -3.73 0.18
N CYS A 62 -12.34 -2.42 0.09
CA CYS A 62 -11.41 -1.51 0.74
C CYS A 62 -11.36 -1.75 2.24
N PRO A 63 -10.16 -2.06 2.75
CA PRO A 63 -9.95 -2.34 4.18
C PRO A 63 -10.10 -1.08 5.03
N VAL A 64 -10.48 0.02 4.40
CA VAL A 64 -10.66 1.29 5.09
C VAL A 64 -12.12 1.71 5.11
N CYS A 65 -12.76 1.67 3.95
CA CYS A 65 -14.16 2.05 3.82
C CYS A 65 -14.99 0.86 3.32
N ARG A 66 -14.32 -0.17 2.84
CA ARG A 66 -15.00 -1.36 2.33
C ARG A 66 -16.01 -0.99 1.26
N ILE A 67 -15.56 -0.22 0.28
CA ILE A 67 -16.43 0.21 -0.82
C ILE A 67 -16.65 -0.92 -1.82
N SER A 68 -17.63 -0.74 -2.70
CA SER A 68 -17.95 -1.75 -3.71
C SER A 68 -17.32 -1.38 -5.05
N TYR A 69 -16.22 -2.05 -5.39
CA TYR A 69 -15.53 -1.79 -6.64
C TYR A 69 -14.74 -3.02 -7.10
N GLN A 70 -14.55 -3.15 -8.40
CA GLN A 70 -13.81 -4.28 -8.95
C GLN A 70 -12.33 -3.95 -9.09
N PRO A 71 -11.47 -4.88 -8.63
CA PRO A 71 -10.02 -4.71 -8.68
C PRO A 71 -9.48 -4.79 -10.11
N GLU A 72 -10.31 -5.29 -11.02
CA GLU A 72 -9.91 -5.43 -12.42
C GLU A 72 -9.88 -4.07 -13.11
N ASN A 73 -10.76 -3.17 -12.67
CA ASN A 73 -10.84 -1.83 -13.24
C ASN A 73 -10.04 -0.83 -12.40
N ILE A 74 -8.80 -1.18 -12.11
CA ILE A 74 -7.93 -0.32 -11.32
C ILE A 74 -6.49 -0.36 -11.83
N ARG A 75 -5.81 0.77 -11.76
CA ARG A 75 -4.43 0.86 -12.21
C ARG A 75 -3.73 2.07 -11.60
N PRO A 76 -2.40 1.97 -11.44
CA PRO A 76 -1.58 3.04 -10.87
C PRO A 76 -1.49 4.26 -11.78
N ASN A 77 -0.82 5.30 -11.31
CA ASN A 77 -0.66 6.53 -12.08
C ASN A 77 0.40 6.35 -13.17
N ARG A 78 1.56 5.83 -12.77
CA ARG A 78 2.65 5.61 -13.71
C ARG A 78 3.71 4.69 -13.10
N HIS A 79 3.86 3.51 -13.67
CA HIS A 79 4.84 2.54 -13.19
C HIS A 79 5.91 2.27 -14.25
N VAL A 80 6.89 3.16 -14.32
CA VAL A 80 7.98 3.03 -15.28
C VAL A 80 9.33 3.05 -14.58
N ALA A 81 10.40 2.86 -15.37
CA ALA A 81 11.74 2.85 -14.82
C ALA A 81 12.58 3.98 -15.41
N ASN A 82 12.50 4.14 -16.74
CA ASN A 82 13.24 5.18 -17.43
C ASN A 82 13.13 6.52 -16.69
N ILE A 83 14.09 7.40 -16.94
CA ILE A 83 14.09 8.72 -16.30
C ILE A 83 13.73 9.81 -17.29
N VAL A 84 12.50 10.31 -17.20
CA VAL A 84 12.04 11.36 -18.09
C VAL A 84 12.27 12.74 -17.47
N GLU A 85 13.50 12.99 -17.05
CA GLU A 85 13.86 14.27 -16.45
C GLU A 85 14.38 15.24 -17.50
N GLY A 1 33.47 -17.00 39.62
CA GLY A 1 32.74 -16.39 38.52
C GLY A 1 32.28 -14.98 38.84
N SER A 2 31.66 -14.33 37.86
CA SER A 2 31.18 -12.97 38.04
C SER A 2 30.00 -12.69 37.11
N SER A 3 29.43 -11.49 37.24
CA SER A 3 28.29 -11.10 36.41
C SER A 3 28.04 -9.59 36.52
N GLY A 4 27.26 -9.06 35.58
CA GLY A 4 26.96 -7.65 35.59
C GLY A 4 26.32 -7.18 34.29
N SER A 5 25.16 -7.73 33.97
CA SER A 5 24.45 -7.37 32.75
C SER A 5 23.18 -6.60 33.06
N SER A 6 22.82 -5.67 32.18
CA SER A 6 21.63 -4.86 32.36
C SER A 6 20.83 -4.77 31.07
N GLY A 7 19.53 -4.48 31.20
CA GLY A 7 18.67 -4.38 30.04
C GLY A 7 17.27 -4.86 30.31
N MET A 8 16.31 -3.93 30.34
CA MET A 8 14.91 -4.26 30.59
C MET A 8 14.34 -5.07 29.44
N ALA A 9 13.08 -5.50 29.58
CA ALA A 9 12.41 -6.28 28.55
C ALA A 9 11.22 -5.52 27.97
N SER A 10 11.41 -4.97 26.77
CA SER A 10 10.35 -4.21 26.12
C SER A 10 10.72 -3.91 24.66
N GLY A 11 9.95 -4.46 23.74
CA GLY A 11 10.21 -4.24 22.33
C GLY A 11 9.35 -3.15 21.74
N ILE A 12 9.31 -2.00 22.40
CA ILE A 12 8.51 -0.87 21.94
C ILE A 12 9.32 0.01 20.98
N LEU A 13 8.61 0.73 20.12
CA LEU A 13 9.25 1.62 19.16
C LEU A 13 8.31 2.75 18.74
N VAL A 14 8.84 3.96 18.66
CA VAL A 14 8.05 5.11 18.27
C VAL A 14 8.71 5.86 17.10
N ASN A 15 7.89 6.24 16.13
CA ASN A 15 8.39 6.97 14.96
C ASN A 15 7.30 7.85 14.36
N VAL A 16 7.70 8.73 13.45
CA VAL A 16 6.76 9.64 12.80
C VAL A 16 6.20 9.02 11.52
N LYS A 17 4.88 9.00 11.42
CA LYS A 17 4.22 8.44 10.25
C LYS A 17 4.40 9.35 9.03
N GLU A 18 4.81 8.77 7.92
CA GLU A 18 5.03 9.53 6.69
C GLU A 18 3.72 10.12 6.19
N GLU A 19 3.81 11.26 5.50
CA GLU A 19 2.63 11.92 4.96
C GLU A 19 1.58 10.91 4.55
N VAL A 20 2.00 9.86 3.86
CA VAL A 20 1.08 8.81 3.42
C VAL A 20 1.45 7.47 4.01
N THR A 21 0.51 6.88 4.76
CA THR A 21 0.74 5.59 5.39
C THR A 21 -0.24 4.55 4.88
N CYS A 22 0.17 3.28 4.91
CA CYS A 22 -0.68 2.19 4.44
C CYS A 22 -1.62 1.73 5.54
N PRO A 23 -2.93 1.72 5.23
CA PRO A 23 -3.97 1.31 6.18
C PRO A 23 -3.92 -0.19 6.47
N ILE A 24 -2.97 -0.88 5.84
CA ILE A 24 -2.83 -2.32 6.03
C ILE A 24 -1.63 -2.63 6.92
N CYS A 25 -0.43 -2.45 6.37
CA CYS A 25 0.80 -2.71 7.10
C CYS A 25 1.09 -1.59 8.10
N LEU A 26 0.52 -0.42 7.84
CA LEU A 26 0.73 0.73 8.71
C LEU A 26 2.20 1.08 8.83
N GLU A 27 2.93 0.91 7.74
CA GLU A 27 4.37 1.20 7.72
C GLU A 27 4.64 2.49 6.96
N LEU A 28 4.53 2.43 5.64
CA LEU A 28 4.78 3.59 4.79
C LEU A 28 4.25 3.37 3.39
N LEU A 29 3.76 4.43 2.76
CA LEU A 29 3.21 4.35 1.41
C LEU A 29 3.98 5.26 0.46
N THR A 30 5.02 4.72 -0.17
CA THR A 30 5.83 5.49 -1.10
C THR A 30 5.17 5.56 -2.48
N GLN A 31 5.06 4.42 -3.13
CA GLN A 31 4.44 4.35 -4.45
C GLN A 31 3.19 3.48 -4.43
N PRO A 32 2.20 3.90 -3.62
CA PRO A 32 0.93 3.18 -3.49
C PRO A 32 0.07 3.27 -4.74
N LEU A 33 -1.11 2.68 -4.69
CA LEU A 33 -2.02 2.69 -5.83
C LEU A 33 -3.20 3.64 -5.57
N SER A 34 -3.85 4.06 -6.65
CA SER A 34 -4.99 4.97 -6.54
C SER A 34 -6.29 4.25 -6.90
N LEU A 35 -7.40 4.74 -6.35
CA LEU A 35 -8.71 4.16 -6.62
C LEU A 35 -9.76 5.24 -6.81
N ASP A 36 -10.97 4.82 -7.18
CA ASP A 36 -12.07 5.76 -7.40
C ASP A 36 -12.86 5.97 -6.11
N CYS A 37 -12.19 5.82 -4.97
CA CYS A 37 -12.83 6.00 -3.68
C CYS A 37 -12.08 7.04 -2.84
N GLY A 38 -10.75 7.02 -2.92
CA GLY A 38 -9.94 7.95 -2.16
C GLY A 38 -9.10 7.28 -1.10
N HIS A 39 -8.51 6.15 -1.45
CA HIS A 39 -7.67 5.40 -0.52
C HIS A 39 -6.55 4.69 -1.25
N SER A 40 -5.31 4.90 -0.79
CA SER A 40 -4.14 4.28 -1.41
C SER A 40 -3.70 3.05 -0.61
N PHE A 41 -2.92 2.18 -1.25
CA PHE A 41 -2.42 0.98 -0.61
C PHE A 41 -1.17 0.47 -1.30
N CYS A 42 -0.59 -0.60 -0.76
CA CYS A 42 0.62 -1.19 -1.33
C CYS A 42 0.28 -2.19 -2.43
N GLN A 43 0.90 -2.02 -3.59
CA GLN A 43 0.66 -2.91 -4.72
C GLN A 43 0.61 -4.37 -4.26
N ALA A 44 1.21 -4.64 -3.11
CA ALA A 44 1.24 -6.00 -2.57
C ALA A 44 0.12 -6.20 -1.55
N CYS A 45 0.09 -5.36 -0.53
CA CYS A 45 -0.93 -5.44 0.51
C CYS A 45 -2.31 -5.62 -0.10
N LEU A 46 -2.56 -4.93 -1.21
CA LEU A 46 -3.85 -5.02 -1.88
C LEU A 46 -4.09 -6.42 -2.42
N THR A 47 -3.06 -7.00 -3.05
CA THR A 47 -3.16 -8.34 -3.61
C THR A 47 -3.42 -9.37 -2.51
N ALA A 48 -2.67 -9.26 -1.42
CA ALA A 48 -2.82 -10.18 -0.30
C ALA A 48 -4.16 -9.98 0.40
N ASN A 49 -4.51 -8.73 0.65
CA ASN A 49 -5.77 -8.41 1.31
C ASN A 49 -6.96 -8.94 0.53
N HIS A 50 -7.02 -8.58 -0.75
CA HIS A 50 -8.10 -9.03 -1.62
C HIS A 50 -8.41 -10.51 -1.39
N LYS A 51 -7.37 -11.33 -1.40
CA LYS A 51 -7.53 -12.76 -1.19
C LYS A 51 -8.09 -13.05 0.20
N LYS A 52 -7.71 -12.23 1.17
CA LYS A 52 -8.18 -12.40 2.54
C LYS A 52 -9.70 -12.48 2.59
N SER A 53 -10.35 -11.54 1.89
CA SER A 53 -11.81 -11.51 1.87
C SER A 53 -12.38 -12.79 1.27
N MET A 54 -11.74 -13.29 0.21
CA MET A 54 -12.18 -14.50 -0.45
C MET A 54 -12.66 -15.53 0.57
N LEU A 55 -12.13 -15.45 1.78
CA LEU A 55 -12.52 -16.37 2.85
C LEU A 55 -13.54 -15.72 3.79
N ASP A 56 -13.29 -14.46 4.14
CA ASP A 56 -14.18 -13.73 5.03
C ASP A 56 -15.54 -13.52 4.37
N LYS A 57 -15.57 -12.64 3.37
CA LYS A 57 -16.81 -12.34 2.66
C LYS A 57 -16.84 -13.05 1.31
N GLY A 58 -15.76 -12.92 0.54
CA GLY A 58 -15.68 -13.55 -0.75
C GLY A 58 -15.27 -12.58 -1.85
N GLU A 59 -15.69 -11.33 -1.71
CA GLU A 59 -15.35 -10.31 -2.71
C GLU A 59 -14.28 -9.37 -2.17
N SER A 60 -13.27 -9.10 -3.00
CA SER A 60 -12.18 -8.22 -2.62
C SER A 60 -12.48 -6.77 -3.01
N SER A 61 -12.13 -5.84 -2.12
CA SER A 61 -12.37 -4.43 -2.38
C SER A 61 -11.71 -3.57 -1.30
N CYS A 62 -11.66 -2.26 -1.54
CA CYS A 62 -11.06 -1.33 -0.59
C CYS A 62 -11.35 -1.77 0.85
N PRO A 63 -10.29 -2.18 1.56
CA PRO A 63 -10.40 -2.62 2.95
C PRO A 63 -10.72 -1.48 3.91
N VAL A 64 -10.88 -0.28 3.35
CA VAL A 64 -11.19 0.89 4.16
C VAL A 64 -12.67 1.27 4.04
N CYS A 65 -13.17 1.30 2.81
CA CYS A 65 -14.57 1.63 2.56
C CYS A 65 -15.26 0.52 1.77
N ARG A 66 -14.47 -0.30 1.10
CA ARG A 66 -15.01 -1.40 0.30
C ARG A 66 -15.82 -0.87 -0.86
N ILE A 67 -15.26 0.09 -1.59
CA ILE A 67 -15.94 0.68 -2.74
C ILE A 67 -16.26 -0.37 -3.79
N SER A 68 -17.30 -0.12 -4.57
CA SER A 68 -17.71 -1.05 -5.62
C SER A 68 -16.84 -0.89 -6.86
N TYR A 69 -16.07 -1.92 -7.18
CA TYR A 69 -15.19 -1.89 -8.33
C TYR A 69 -14.50 -3.24 -8.53
N GLN A 70 -13.76 -3.37 -9.62
CA GLN A 70 -13.04 -4.60 -9.93
C GLN A 70 -11.53 -4.37 -9.93
N PRO A 71 -10.81 -5.17 -9.13
CA PRO A 71 -9.34 -5.07 -9.03
C PRO A 71 -8.64 -5.54 -10.30
N GLU A 72 -9.43 -5.99 -11.27
CA GLU A 72 -8.88 -6.47 -12.55
C GLU A 72 -8.52 -5.30 -13.44
N ASN A 73 -9.23 -4.19 -13.29
CA ASN A 73 -8.98 -3.00 -14.10
C ASN A 73 -8.44 -1.87 -13.24
N ILE A 74 -7.15 -1.92 -12.94
CA ILE A 74 -6.50 -0.90 -12.13
C ILE A 74 -5.02 -0.82 -12.41
N ARG A 75 -4.48 0.39 -12.46
CA ARG A 75 -3.07 0.61 -12.73
C ARG A 75 -2.61 1.96 -12.18
N PRO A 76 -1.35 2.00 -11.73
CA PRO A 76 -0.75 3.22 -11.16
C PRO A 76 -0.53 4.30 -12.23
N ASN A 77 -0.77 5.55 -11.86
CA ASN A 77 -0.58 6.66 -12.78
C ASN A 77 0.53 7.59 -12.29
N ARG A 78 1.71 7.45 -12.87
CA ARG A 78 2.86 8.28 -12.50
C ARG A 78 3.39 9.04 -13.70
N HIS A 79 3.28 10.36 -13.66
CA HIS A 79 3.75 11.20 -14.75
C HIS A 79 4.76 12.23 -14.24
N VAL A 80 5.72 11.77 -13.45
CA VAL A 80 6.75 12.64 -12.90
C VAL A 80 8.15 12.12 -13.21
N ALA A 81 9.16 12.93 -12.93
CA ALA A 81 10.54 12.54 -13.18
C ALA A 81 11.06 11.61 -12.08
N ASN A 82 10.26 10.59 -11.76
CA ASN A 82 10.64 9.63 -10.73
C ASN A 82 10.86 8.25 -11.34
N ILE A 83 12.05 8.03 -11.89
CA ILE A 83 12.39 6.75 -12.50
C ILE A 83 12.91 5.76 -11.46
N VAL A 84 12.54 4.50 -11.61
CA VAL A 84 12.97 3.45 -10.69
C VAL A 84 14.46 3.14 -10.87
N GLU A 85 15.29 4.07 -10.42
CA GLU A 85 16.74 3.89 -10.53
C GLU A 85 17.44 4.37 -9.25
N GLY A 1 42.15 -3.01 36.23
CA GLY A 1 40.89 -2.51 36.75
C GLY A 1 39.70 -3.25 36.17
N SER A 2 38.59 -3.26 36.89
CA SER A 2 37.38 -3.94 36.44
C SER A 2 36.32 -2.94 36.00
N SER A 3 35.86 -3.09 34.76
CA SER A 3 34.84 -2.19 34.22
C SER A 3 34.01 -2.89 33.15
N GLY A 4 32.82 -2.36 32.89
CA GLY A 4 31.95 -2.95 31.90
C GLY A 4 31.68 -2.01 30.73
N SER A 5 30.67 -2.33 29.94
CA SER A 5 30.31 -1.52 28.78
C SER A 5 28.81 -1.26 28.74
N SER A 6 28.44 0.02 28.75
CA SER A 6 27.03 0.41 28.71
C SER A 6 26.82 1.57 27.75
N GLY A 7 25.56 1.75 27.32
CA GLY A 7 25.25 2.82 26.40
C GLY A 7 24.34 2.37 25.27
N MET A 8 23.29 3.14 25.01
CA MET A 8 22.35 2.81 23.94
C MET A 8 22.85 3.32 22.59
N ALA A 9 23.39 2.42 21.78
CA ALA A 9 23.91 2.79 20.46
C ALA A 9 22.79 2.85 19.43
N SER A 10 21.70 3.53 19.79
CA SER A 10 20.55 3.66 18.90
C SER A 10 20.83 4.67 17.79
N GLY A 11 21.11 4.17 16.60
CA GLY A 11 21.39 5.04 15.47
C GLY A 11 20.13 5.61 14.85
N ILE A 12 19.28 6.20 15.68
CA ILE A 12 18.03 6.79 15.20
C ILE A 12 18.19 8.27 14.90
N LEU A 13 17.62 8.72 13.80
CA LEU A 13 17.70 10.12 13.40
C LEU A 13 16.34 10.81 13.54
N VAL A 14 16.35 12.02 14.06
CA VAL A 14 15.12 12.79 14.24
C VAL A 14 14.28 12.78 12.96
N ASN A 15 13.11 12.15 13.04
CA ASN A 15 12.21 12.08 11.89
C ASN A 15 10.87 11.49 12.29
N VAL A 16 9.81 11.95 11.64
CA VAL A 16 8.47 11.46 11.93
C VAL A 16 7.98 10.51 10.83
N LYS A 17 6.78 9.98 11.01
CA LYS A 17 6.20 9.06 10.04
C LYS A 17 6.33 9.61 8.63
N GLU A 18 6.10 8.75 7.64
CA GLU A 18 6.20 9.16 6.24
C GLU A 18 4.92 9.86 5.78
N GLU A 19 5.08 10.90 4.98
CA GLU A 19 3.93 11.65 4.47
C GLU A 19 2.76 10.72 4.17
N VAL A 20 3.06 9.56 3.59
CA VAL A 20 2.04 8.59 3.25
C VAL A 20 2.37 7.22 3.83
N THR A 21 1.48 6.71 4.68
CA THR A 21 1.68 5.41 5.31
C THR A 21 0.59 4.42 4.88
N CYS A 22 0.97 3.15 4.78
CA CYS A 22 0.02 2.11 4.39
C CYS A 22 -0.87 1.71 5.56
N PRO A 23 -2.20 1.76 5.33
CA PRO A 23 -3.18 1.41 6.35
C PRO A 23 -3.20 -0.08 6.65
N ILE A 24 -2.32 -0.82 5.98
CA ILE A 24 -2.24 -2.27 6.17
C ILE A 24 -0.98 -2.64 6.94
N CYS A 25 0.17 -2.50 6.30
CA CYS A 25 1.45 -2.82 6.92
C CYS A 25 1.90 -1.68 7.84
N LEU A 26 1.16 -0.58 7.82
CA LEU A 26 1.49 0.57 8.66
C LEU A 26 3.01 0.79 8.71
N GLU A 27 3.65 0.74 7.55
CA GLU A 27 5.09 0.93 7.47
C GLU A 27 5.42 2.19 6.68
N LEU A 28 5.28 2.11 5.36
CA LEU A 28 5.58 3.25 4.49
C LEU A 28 4.97 3.04 3.11
N LEU A 29 4.47 4.11 2.51
CA LEU A 29 3.88 4.05 1.18
C LEU A 29 4.65 4.92 0.19
N THR A 30 5.62 4.31 -0.50
CA THR A 30 6.43 5.03 -1.47
C THR A 30 5.71 5.15 -2.80
N GLN A 31 5.50 4.01 -3.47
CA GLN A 31 4.82 3.99 -4.75
C GLN A 31 3.52 3.20 -4.67
N PRO A 32 2.59 3.68 -3.81
CA PRO A 32 1.29 3.04 -3.61
C PRO A 32 0.38 3.18 -4.82
N LEU A 33 -0.76 2.50 -4.80
CA LEU A 33 -1.71 2.55 -5.90
C LEU A 33 -2.90 3.43 -5.54
N SER A 34 -3.65 3.86 -6.56
CA SER A 34 -4.82 4.71 -6.34
C SER A 34 -6.10 3.91 -6.53
N LEU A 35 -7.17 4.39 -5.90
CA LEU A 35 -8.46 3.72 -5.98
C LEU A 35 -9.56 4.71 -6.35
N ASP A 36 -10.79 4.21 -6.46
CA ASP A 36 -11.93 5.06 -6.79
C ASP A 36 -12.33 5.93 -5.59
N CYS A 37 -11.76 5.64 -4.43
CA CYS A 37 -12.06 6.39 -3.22
C CYS A 37 -10.88 7.28 -2.83
N GLY A 38 -9.68 6.89 -3.27
CA GLY A 38 -8.50 7.68 -2.96
C GLY A 38 -7.49 6.90 -2.13
N HIS A 39 -7.95 6.38 -0.98
CA HIS A 39 -7.09 5.61 -0.10
C HIS A 39 -6.06 4.80 -0.90
N SER A 40 -4.79 4.98 -0.57
CA SER A 40 -3.72 4.28 -1.26
C SER A 40 -3.30 3.03 -0.49
N PHE A 41 -2.54 2.17 -1.14
CA PHE A 41 -2.07 0.93 -0.51
C PHE A 41 -0.85 0.38 -1.24
N CYS A 42 -0.36 -0.76 -0.77
CA CYS A 42 0.80 -1.40 -1.38
C CYS A 42 0.38 -2.38 -2.47
N GLN A 43 1.12 -2.40 -3.55
CA GLN A 43 0.83 -3.29 -4.68
C GLN A 43 0.67 -4.72 -4.19
N ALA A 44 1.26 -5.03 -3.04
CA ALA A 44 1.17 -6.37 -2.47
C ALA A 44 0.05 -6.46 -1.44
N CYS A 45 0.10 -5.59 -0.44
CA CYS A 45 -0.92 -5.57 0.61
C CYS A 45 -2.32 -5.66 0.01
N LEU A 46 -2.53 -4.94 -1.09
CA LEU A 46 -3.83 -4.94 -1.76
C LEU A 46 -4.20 -6.34 -2.24
N THR A 47 -3.25 -7.00 -2.89
CA THR A 47 -3.47 -8.35 -3.41
C THR A 47 -3.85 -9.31 -2.28
N ALA A 48 -3.31 -9.05 -1.08
CA ALA A 48 -3.59 -9.89 0.07
C ALA A 48 -4.91 -9.50 0.73
N ASN A 49 -5.21 -8.21 0.74
CA ASN A 49 -6.44 -7.70 1.35
C ASN A 49 -7.65 -8.09 0.49
N HIS A 50 -7.49 -8.01 -0.82
CA HIS A 50 -8.58 -8.35 -1.74
C HIS A 50 -8.79 -9.85 -1.78
N LYS A 51 -7.69 -10.60 -1.84
CA LYS A 51 -7.76 -12.06 -1.89
C LYS A 51 -8.15 -12.63 -0.52
N LYS A 52 -7.78 -11.92 0.53
CA LYS A 52 -8.09 -12.36 1.89
C LYS A 52 -9.57 -12.69 2.03
N SER A 53 -10.43 -11.71 1.75
CA SER A 53 -11.87 -11.90 1.84
C SER A 53 -12.26 -13.33 1.48
N MET A 54 -11.67 -13.85 0.40
CA MET A 54 -11.95 -15.20 -0.05
C MET A 54 -12.20 -16.13 1.14
N LEU A 55 -11.32 -16.06 2.13
CA LEU A 55 -11.45 -16.89 3.32
C LEU A 55 -12.80 -16.67 4.00
N ASP A 56 -13.17 -15.41 4.18
CA ASP A 56 -14.44 -15.08 4.81
C ASP A 56 -15.58 -15.13 3.81
N LYS A 57 -15.67 -14.11 2.96
CA LYS A 57 -16.72 -14.04 1.95
C LYS A 57 -16.12 -14.01 0.55
N GLY A 58 -15.13 -13.13 0.35
CA GLY A 58 -14.49 -13.02 -0.94
C GLY A 58 -14.56 -11.61 -1.51
N GLU A 59 -15.78 -11.12 -1.69
CA GLU A 59 -15.99 -9.79 -2.23
C GLU A 59 -15.00 -8.79 -1.62
N SER A 60 -13.93 -8.49 -2.35
CA SER A 60 -12.92 -7.56 -1.88
C SER A 60 -13.49 -6.15 -1.75
N SER A 61 -12.93 -5.37 -0.83
CA SER A 61 -13.38 -4.00 -0.60
C SER A 61 -12.33 -3.20 0.16
N CYS A 62 -12.44 -1.88 0.09
CA CYS A 62 -11.50 -1.01 0.78
C CYS A 62 -11.45 -1.33 2.27
N PRO A 63 -10.27 -1.77 2.74
CA PRO A 63 -10.07 -2.12 4.14
C PRO A 63 -10.06 -0.89 5.05
N VAL A 64 -10.34 0.26 4.47
CA VAL A 64 -10.37 1.50 5.23
C VAL A 64 -11.80 2.05 5.32
N CYS A 65 -12.44 2.25 4.18
CA CYS A 65 -13.80 2.76 4.14
C CYS A 65 -14.76 1.71 3.58
N ARG A 66 -14.20 0.64 3.02
CA ARG A 66 -15.00 -0.43 2.46
C ARG A 66 -16.03 0.13 1.46
N ILE A 67 -15.60 1.12 0.68
CA ILE A 67 -16.48 1.74 -0.31
C ILE A 67 -16.86 0.75 -1.40
N SER A 68 -17.88 1.09 -2.17
CA SER A 68 -18.35 0.24 -3.27
C SER A 68 -17.51 0.47 -4.52
N TYR A 69 -16.69 -0.52 -4.85
CA TYR A 69 -15.83 -0.44 -6.04
C TYR A 69 -15.23 -1.80 -6.37
N GLN A 70 -14.64 -1.91 -7.56
CA GLN A 70 -14.04 -3.15 -8.00
C GLN A 70 -12.58 -2.92 -8.41
N PRO A 71 -11.70 -3.85 -7.99
CA PRO A 71 -10.26 -3.77 -8.31
C PRO A 71 -9.98 -4.02 -9.78
N GLU A 72 -11.02 -4.37 -10.54
CA GLU A 72 -10.88 -4.62 -11.97
C GLU A 72 -10.72 -3.32 -12.74
N ASN A 73 -11.51 -2.33 -12.37
CA ASN A 73 -11.46 -1.02 -13.04
C ASN A 73 -10.51 -0.07 -12.31
N ILE A 74 -9.34 -0.58 -11.95
CA ILE A 74 -8.35 0.22 -11.24
C ILE A 74 -6.94 -0.07 -11.76
N ARG A 75 -6.13 0.98 -11.88
CA ARG A 75 -4.76 0.84 -12.38
C ARG A 75 -3.90 2.00 -11.91
N PRO A 76 -2.59 1.75 -11.78
CA PRO A 76 -1.63 2.77 -11.34
C PRO A 76 -1.41 3.85 -12.38
N ASN A 77 -1.03 5.04 -11.93
CA ASN A 77 -0.79 6.17 -12.82
C ASN A 77 0.08 5.74 -14.01
N ARG A 78 1.35 5.45 -13.73
CA ARG A 78 2.28 5.04 -14.77
C ARG A 78 3.13 3.87 -14.30
N HIS A 79 2.85 2.67 -14.83
CA HIS A 79 3.60 1.48 -14.46
C HIS A 79 3.17 0.29 -15.31
N VAL A 80 4.06 -0.14 -16.20
CA VAL A 80 3.77 -1.27 -17.09
C VAL A 80 4.77 -2.41 -16.86
N ALA A 81 4.93 -2.81 -15.61
CA ALA A 81 5.84 -3.88 -15.27
C ALA A 81 7.18 -3.73 -16.00
N ASN A 82 7.67 -2.49 -16.06
CA ASN A 82 8.93 -2.20 -16.74
C ASN A 82 10.02 -1.89 -15.73
N ILE A 83 10.11 -2.71 -14.69
CA ILE A 83 11.11 -2.52 -13.64
C ILE A 83 11.24 -1.05 -13.26
N VAL A 84 10.17 -0.30 -13.47
CA VAL A 84 10.15 1.12 -13.15
C VAL A 84 8.80 1.54 -12.56
N GLU A 85 8.81 2.62 -11.79
CA GLU A 85 7.59 3.12 -11.17
C GLU A 85 6.79 3.96 -12.15
N GLY A 1 34.27 21.83 42.70
CA GLY A 1 34.04 20.79 41.71
C GLY A 1 32.83 19.94 42.04
N SER A 2 31.81 20.02 41.18
CA SER A 2 30.59 19.25 41.39
C SER A 2 30.48 18.11 40.38
N SER A 3 30.19 16.92 40.88
CA SER A 3 30.06 15.73 40.04
C SER A 3 28.70 15.70 39.34
N GLY A 4 28.64 15.01 38.21
CA GLY A 4 27.39 14.91 37.47
C GLY A 4 27.57 14.27 36.12
N SER A 5 26.96 13.11 35.92
CA SER A 5 27.06 12.40 34.65
C SER A 5 25.78 12.54 33.84
N SER A 6 25.94 12.81 32.54
CA SER A 6 24.80 12.99 31.66
C SER A 6 25.20 12.82 30.20
N GLY A 7 24.35 12.17 29.42
CA GLY A 7 24.64 11.95 28.01
C GLY A 7 24.87 13.25 27.26
N MET A 8 25.00 13.15 25.94
CA MET A 8 25.23 14.32 25.10
C MET A 8 23.92 14.87 24.57
N ALA A 9 23.90 16.16 24.25
CA ALA A 9 22.70 16.80 23.72
C ALA A 9 22.87 17.14 22.24
N SER A 10 22.64 16.14 21.39
CA SER A 10 22.76 16.32 19.95
C SER A 10 21.48 16.87 19.35
N GLY A 11 21.60 17.81 18.42
CA GLY A 11 20.44 18.40 17.79
C GLY A 11 19.79 17.47 16.78
N ILE A 12 19.22 16.37 17.27
CA ILE A 12 18.58 15.40 16.41
C ILE A 12 17.09 15.70 16.26
N LEU A 13 16.52 15.32 15.12
CA LEU A 13 15.10 15.55 14.85
C LEU A 13 14.32 14.25 14.94
N VAL A 14 13.00 14.37 14.97
CA VAL A 14 12.13 13.20 15.05
C VAL A 14 11.18 13.13 13.85
N ASN A 15 11.46 12.22 12.93
CA ASN A 15 10.64 12.06 11.74
C ASN A 15 9.17 11.89 12.12
N VAL A 16 8.28 12.39 11.26
CA VAL A 16 6.85 12.30 11.51
C VAL A 16 6.15 11.52 10.39
N LYS A 17 4.97 10.99 10.69
CA LYS A 17 4.21 10.23 9.72
C LYS A 17 4.46 10.73 8.31
N GLU A 18 5.04 9.88 7.47
CA GLU A 18 5.34 10.24 6.09
C GLU A 18 4.11 10.82 5.40
N GLU A 19 4.35 11.69 4.42
CA GLU A 19 3.26 12.32 3.68
C GLU A 19 2.18 11.30 3.33
N VAL A 20 2.61 10.10 2.98
CA VAL A 20 1.68 9.03 2.61
C VAL A 20 2.07 7.72 3.27
N THR A 21 1.12 7.10 3.96
CA THR A 21 1.36 5.84 4.64
C THR A 21 0.30 4.81 4.26
N CYS A 22 0.68 3.53 4.32
CA CYS A 22 -0.23 2.44 3.99
C CYS A 22 -1.13 2.11 5.18
N PRO A 23 -2.46 2.16 4.95
CA PRO A 23 -3.45 1.86 5.99
C PRO A 23 -3.48 0.38 6.35
N ILE A 24 -2.61 -0.40 5.71
CA ILE A 24 -2.54 -1.84 5.96
C ILE A 24 -1.30 -2.18 6.79
N CYS A 25 -0.14 -2.03 6.18
CA CYS A 25 1.13 -2.32 6.85
C CYS A 25 1.58 -1.14 7.70
N LEU A 26 0.89 -0.01 7.55
CA LEU A 26 1.22 1.19 8.31
C LEU A 26 2.65 1.63 8.02
N GLU A 27 3.16 1.30 6.83
CA GLU A 27 4.51 1.66 6.45
C GLU A 27 4.50 2.75 5.38
N LEU A 28 5.65 3.36 5.15
CA LEU A 28 5.77 4.41 4.16
C LEU A 28 5.32 3.93 2.78
N LEU A 29 4.40 4.68 2.16
CA LEU A 29 3.89 4.33 0.85
C LEU A 29 4.63 5.08 -0.25
N THR A 30 5.71 4.48 -0.74
CA THR A 30 6.51 5.10 -1.80
C THR A 30 5.87 4.91 -3.16
N GLN A 31 5.53 3.67 -3.49
CA GLN A 31 4.90 3.35 -4.76
C GLN A 31 3.50 2.79 -4.55
N PRO A 32 2.66 3.54 -3.84
CA PRO A 32 1.28 3.15 -3.55
C PRO A 32 0.40 3.18 -4.80
N LEU A 33 -0.78 2.56 -4.69
CA LEU A 33 -1.71 2.51 -5.81
C LEU A 33 -2.87 3.49 -5.60
N SER A 34 -3.65 3.72 -6.64
CA SER A 34 -4.79 4.62 -6.57
C SER A 34 -6.10 3.89 -6.86
N LEU A 35 -7.17 4.32 -6.20
CA LEU A 35 -8.47 3.71 -6.39
C LEU A 35 -9.55 4.76 -6.62
N ASP A 36 -10.73 4.32 -7.03
CA ASP A 36 -11.84 5.23 -7.30
C ASP A 36 -12.63 5.48 -6.02
N CYS A 37 -11.94 5.52 -4.88
CA CYS A 37 -12.57 5.77 -3.61
C CYS A 37 -11.87 6.89 -2.85
N GLY A 38 -10.56 6.98 -3.01
CA GLY A 38 -9.79 8.01 -2.34
C GLY A 38 -8.86 7.45 -1.27
N HIS A 39 -8.25 6.31 -1.56
CA HIS A 39 -7.34 5.67 -0.63
C HIS A 39 -6.27 4.86 -1.36
N SER A 40 -5.01 5.11 -1.01
CA SER A 40 -3.90 4.41 -1.64
C SER A 40 -3.50 3.18 -0.84
N PHE A 41 -2.69 2.31 -1.45
CA PHE A 41 -2.24 1.10 -0.79
C PHE A 41 -1.01 0.52 -1.48
N CYS A 42 -0.47 -0.55 -0.91
CA CYS A 42 0.71 -1.20 -1.49
C CYS A 42 0.31 -2.19 -2.57
N GLN A 43 1.02 -2.13 -3.70
CA GLN A 43 0.74 -3.02 -4.82
C GLN A 43 0.59 -4.46 -4.34
N ALA A 44 1.12 -4.74 -3.16
CA ALA A 44 1.05 -6.09 -2.59
C ALA A 44 -0.09 -6.19 -1.57
N CYS A 45 -0.05 -5.33 -0.57
CA CYS A 45 -1.07 -5.32 0.47
C CYS A 45 -2.47 -5.41 -0.15
N LEU A 46 -2.64 -4.80 -1.31
CA LEU A 46 -3.93 -4.82 -2.00
C LEU A 46 -4.25 -6.22 -2.51
N THR A 47 -3.27 -6.84 -3.16
CA THR A 47 -3.46 -8.19 -3.71
C THR A 47 -3.69 -9.20 -2.59
N ALA A 48 -3.02 -8.99 -1.46
CA ALA A 48 -3.16 -9.89 -0.31
C ALA A 48 -4.47 -9.64 0.42
N ASN A 49 -4.72 -8.39 0.78
CA ASN A 49 -5.94 -8.02 1.49
C ASN A 49 -7.17 -8.59 0.81
N HIS A 50 -7.18 -8.53 -0.52
CA HIS A 50 -8.30 -9.05 -1.30
C HIS A 50 -8.53 -10.53 -1.00
N LYS A 51 -7.50 -11.34 -1.20
CA LYS A 51 -7.60 -12.77 -0.95
C LYS A 51 -8.06 -13.04 0.49
N LYS A 52 -7.79 -12.09 1.38
CA LYS A 52 -8.17 -12.22 2.78
C LYS A 52 -9.67 -12.46 2.91
N SER A 53 -10.47 -11.51 2.42
CA SER A 53 -11.91 -11.61 2.49
C SER A 53 -12.45 -12.43 1.32
N MET A 54 -11.66 -13.40 0.87
CA MET A 54 -12.05 -14.25 -0.24
C MET A 54 -12.53 -15.61 0.27
N LEU A 55 -11.81 -16.16 1.24
CA LEU A 55 -12.16 -17.46 1.82
C LEU A 55 -13.41 -17.35 2.68
N ASP A 56 -13.59 -16.18 3.30
CA ASP A 56 -14.75 -15.95 4.16
C ASP A 56 -16.03 -15.87 3.33
N LYS A 57 -16.08 -14.89 2.43
CA LYS A 57 -17.24 -14.68 1.58
C LYS A 57 -16.87 -14.88 0.11
N GLY A 58 -15.78 -14.27 -0.32
CA GLY A 58 -15.34 -14.40 -1.70
C GLY A 58 -15.39 -13.08 -2.44
N GLU A 59 -15.03 -12.00 -1.75
CA GLU A 59 -15.04 -10.67 -2.36
C GLU A 59 -14.10 -9.72 -1.61
N SER A 60 -13.59 -8.73 -2.32
CA SER A 60 -12.67 -7.76 -1.71
C SER A 60 -13.26 -6.35 -1.77
N SER A 61 -12.91 -5.52 -0.79
CA SER A 61 -13.41 -4.16 -0.73
C SER A 61 -12.48 -3.28 0.11
N CYS A 62 -12.32 -2.02 -0.31
CA CYS A 62 -11.46 -1.09 0.39
C CYS A 62 -11.50 -1.33 1.90
N PRO A 63 -10.34 -1.70 2.46
CA PRO A 63 -10.21 -1.97 3.90
C PRO A 63 -10.34 -0.70 4.74
N VAL A 64 -10.66 0.41 4.09
CA VAL A 64 -10.82 1.69 4.78
C VAL A 64 -12.27 2.15 4.74
N CYS A 65 -12.84 2.21 3.53
CA CYS A 65 -14.22 2.65 3.36
C CYS A 65 -15.08 1.52 2.82
N ARG A 66 -14.43 0.43 2.43
CA ARG A 66 -15.14 -0.73 1.88
C ARG A 66 -16.14 -0.30 0.81
N ILE A 67 -15.66 0.46 -0.16
CA ILE A 67 -16.52 0.93 -1.25
C ILE A 67 -16.68 -0.14 -2.32
N SER A 68 -17.71 0.03 -3.15
CA SER A 68 -17.99 -0.93 -4.22
C SER A 68 -17.13 -0.65 -5.44
N TYR A 69 -16.38 -1.65 -5.88
CA TYR A 69 -15.51 -1.50 -7.04
C TYR A 69 -14.86 -2.84 -7.40
N GLN A 70 -14.50 -2.99 -8.67
CA GLN A 70 -13.86 -4.21 -9.16
C GLN A 70 -12.35 -4.05 -9.22
N PRO A 71 -11.63 -5.04 -8.67
CA PRO A 71 -10.16 -5.04 -8.65
C PRO A 71 -9.56 -5.25 -10.04
N GLU A 72 -10.44 -5.38 -11.03
CA GLU A 72 -9.99 -5.60 -12.41
C GLU A 72 -9.54 -4.29 -13.04
N ASN A 73 -10.44 -3.31 -13.07
CA ASN A 73 -10.14 -2.01 -13.65
C ASN A 73 -9.51 -1.09 -12.62
N ILE A 74 -8.18 -1.04 -12.59
CA ILE A 74 -7.45 -0.21 -11.64
C ILE A 74 -6.06 0.12 -12.16
N ARG A 75 -5.61 1.34 -11.91
CA ARG A 75 -4.29 1.77 -12.35
C ARG A 75 -3.73 2.84 -11.41
N PRO A 76 -2.40 2.82 -11.21
CA PRO A 76 -1.72 3.78 -10.35
C PRO A 76 -1.71 5.19 -10.93
N ASN A 77 -1.02 6.11 -10.25
CA ASN A 77 -0.94 7.49 -10.70
C ASN A 77 -0.38 7.57 -12.12
N ARG A 78 0.72 6.85 -12.37
CA ARG A 78 1.35 6.84 -13.67
C ARG A 78 2.24 5.60 -13.83
N HIS A 79 2.15 4.95 -14.98
CA HIS A 79 2.95 3.76 -15.26
C HIS A 79 3.68 3.89 -16.59
N VAL A 80 4.85 4.53 -16.56
CA VAL A 80 5.64 4.72 -17.76
C VAL A 80 7.05 4.17 -17.58
N ALA A 81 7.52 3.41 -18.57
CA ALA A 81 8.86 2.83 -18.52
C ALA A 81 9.93 3.91 -18.59
N ASN A 82 10.38 4.35 -17.41
CA ASN A 82 11.41 5.38 -17.34
C ASN A 82 12.65 4.87 -16.61
N ILE A 83 13.77 5.54 -16.82
CA ILE A 83 15.02 5.15 -16.18
C ILE A 83 15.23 5.89 -14.87
N VAL A 84 15.61 5.15 -13.83
CA VAL A 84 15.84 5.74 -12.51
C VAL A 84 16.88 4.94 -11.73
N GLU A 85 17.78 5.65 -11.07
CA GLU A 85 18.83 5.01 -10.28
C GLU A 85 18.47 5.00 -8.80
N GLY A 1 11.73 -1.88 -15.49
CA GLY A 1 13.14 -1.70 -15.22
C GLY A 1 13.51 -0.22 -15.15
N SER A 2 13.89 0.22 -13.96
CA SER A 2 14.27 1.61 -13.75
C SER A 2 15.79 1.78 -13.81
N SER A 3 16.50 0.87 -13.14
CA SER A 3 17.95 0.91 -13.11
C SER A 3 18.54 -0.50 -13.15
N GLY A 4 19.81 -0.59 -13.53
CA GLY A 4 20.47 -1.89 -13.60
C GLY A 4 21.17 -2.25 -12.30
N SER A 5 21.94 -1.31 -11.77
CA SER A 5 22.68 -1.54 -10.53
C SER A 5 23.39 -0.28 -10.07
N SER A 6 22.93 0.28 -8.95
CA SER A 6 23.52 1.50 -8.41
C SER A 6 23.69 1.39 -6.90
N GLY A 7 24.53 2.26 -6.35
CA GLY A 7 24.78 2.25 -4.92
C GLY A 7 23.57 2.67 -4.11
N MET A 8 23.80 3.20 -2.92
CA MET A 8 22.71 3.64 -2.05
C MET A 8 22.04 4.89 -2.62
N ALA A 9 22.85 5.84 -3.08
CA ALA A 9 22.34 7.07 -3.65
C ALA A 9 21.07 7.53 -2.91
N SER A 10 21.08 7.41 -1.59
CA SER A 10 19.95 7.81 -0.78
C SER A 10 19.29 9.07 -1.33
N GLY A 11 20.09 10.14 -1.45
CA GLY A 11 19.57 11.39 -1.96
C GLY A 11 18.38 11.90 -1.17
N ILE A 12 18.52 11.96 0.15
CA ILE A 12 17.46 12.42 1.02
C ILE A 12 17.61 13.91 1.33
N LEU A 13 16.53 14.53 1.79
CA LEU A 13 16.55 15.95 2.13
C LEU A 13 15.74 16.22 3.39
N VAL A 14 16.03 17.33 4.06
CA VAL A 14 15.32 17.70 5.28
C VAL A 14 13.83 17.84 5.03
N ASN A 15 13.05 16.90 5.56
CA ASN A 15 11.60 16.92 5.40
C ASN A 15 10.90 16.42 6.65
N VAL A 16 9.61 16.69 6.75
CA VAL A 16 8.82 16.28 7.91
C VAL A 16 8.56 14.77 7.87
N LYS A 17 7.78 14.29 8.85
CA LYS A 17 7.45 12.87 8.92
C LYS A 17 6.46 12.49 7.82
N GLU A 18 6.63 11.28 7.28
CA GLU A 18 5.76 10.79 6.22
C GLU A 18 4.32 11.22 6.46
N GLU A 19 3.57 11.41 5.37
CA GLU A 19 2.18 11.83 5.47
C GLU A 19 1.25 10.72 4.97
N VAL A 20 1.65 10.06 3.90
CA VAL A 20 0.85 8.98 3.33
C VAL A 20 1.29 7.61 3.87
N THR A 21 0.42 6.99 4.64
CA THR A 21 0.72 5.68 5.22
C THR A 21 -0.26 4.62 4.74
N CYS A 22 0.20 3.37 4.70
CA CYS A 22 -0.64 2.27 4.25
C CYS A 22 -1.57 1.79 5.38
N PRO A 23 -2.88 1.78 5.10
CA PRO A 23 -3.88 1.34 6.08
C PRO A 23 -3.82 -0.15 6.36
N ILE A 24 -2.88 -0.83 5.71
CA ILE A 24 -2.71 -2.27 5.89
C ILE A 24 -1.47 -2.58 6.71
N CYS A 25 -0.30 -2.36 6.12
CA CYS A 25 0.96 -2.61 6.79
C CYS A 25 1.31 -1.47 7.75
N LEU A 26 0.57 -0.37 7.64
CA LEU A 26 0.80 0.80 8.49
C LEU A 26 2.20 1.35 8.29
N GLU A 27 2.76 1.13 7.09
CA GLU A 27 4.09 1.61 6.77
C GLU A 27 4.02 2.83 5.86
N LEU A 28 5.15 3.52 5.73
CA LEU A 28 5.22 4.71 4.89
C LEU A 28 4.94 4.36 3.43
N LEU A 29 3.84 4.91 2.89
CA LEU A 29 3.46 4.66 1.50
C LEU A 29 4.20 5.59 0.56
N THR A 30 5.03 5.01 -0.32
CA THR A 30 5.79 5.80 -1.27
C THR A 30 5.29 5.57 -2.69
N GLN A 31 5.06 4.32 -3.04
CA GLN A 31 4.57 3.97 -4.37
C GLN A 31 3.24 3.21 -4.28
N PRO A 32 2.29 3.77 -3.53
CA PRO A 32 0.97 3.16 -3.35
C PRO A 32 0.12 3.22 -4.62
N LEU A 33 -1.06 2.62 -4.56
CA LEU A 33 -1.95 2.60 -5.71
C LEU A 33 -3.18 3.46 -5.45
N SER A 34 -3.91 3.80 -6.52
CA SER A 34 -5.11 4.61 -6.40
C SER A 34 -6.35 3.81 -6.73
N LEU A 35 -7.50 4.26 -6.23
CA LEU A 35 -8.76 3.58 -6.48
C LEU A 35 -9.90 4.58 -6.71
N ASP A 36 -11.08 4.07 -7.00
CA ASP A 36 -12.24 4.92 -7.25
C ASP A 36 -13.01 5.17 -5.95
N CYS A 37 -12.35 4.96 -4.82
CA CYS A 37 -12.98 5.15 -3.52
C CYS A 37 -12.37 6.35 -2.80
N GLY A 38 -11.05 6.45 -2.84
CA GLY A 38 -10.37 7.55 -2.18
C GLY A 38 -9.38 7.08 -1.13
N HIS A 39 -8.75 5.94 -1.40
CA HIS A 39 -7.77 5.38 -0.47
C HIS A 39 -6.62 4.72 -1.21
N SER A 40 -5.40 4.89 -0.72
CA SER A 40 -4.22 4.30 -1.34
C SER A 40 -3.80 3.04 -0.61
N PHE A 41 -2.97 2.24 -1.27
CA PHE A 41 -2.48 0.99 -0.69
C PHE A 41 -1.22 0.51 -1.41
N CYS A 42 -0.62 -0.54 -0.88
CA CYS A 42 0.60 -1.10 -1.46
C CYS A 42 0.26 -2.10 -2.57
N GLN A 43 0.91 -1.93 -3.72
CA GLN A 43 0.68 -2.82 -4.86
C GLN A 43 0.62 -4.27 -4.41
N ALA A 44 1.24 -4.56 -3.27
CA ALA A 44 1.26 -5.91 -2.74
C ALA A 44 0.13 -6.13 -1.73
N CYS A 45 0.11 -5.30 -0.69
CA CYS A 45 -0.91 -5.40 0.34
C CYS A 45 -2.29 -5.60 -0.28
N LEU A 46 -2.58 -4.84 -1.34
CA LEU A 46 -3.86 -4.94 -2.02
C LEU A 46 -4.10 -6.35 -2.54
N THR A 47 -3.10 -6.92 -3.20
CA THR A 47 -3.20 -8.27 -3.74
C THR A 47 -3.47 -9.29 -2.63
N ALA A 48 -2.74 -9.16 -1.53
CA ALA A 48 -2.90 -10.06 -0.40
C ALA A 48 -4.28 -9.89 0.25
N ASN A 49 -4.51 -8.71 0.81
CA ASN A 49 -5.78 -8.41 1.46
C ASN A 49 -6.95 -8.96 0.65
N HIS A 50 -6.93 -8.70 -0.65
CA HIS A 50 -7.99 -9.17 -1.54
C HIS A 50 -8.30 -10.64 -1.29
N LYS A 51 -7.25 -11.45 -1.14
CA LYS A 51 -7.41 -12.88 -0.90
C LYS A 51 -8.04 -13.12 0.47
N LYS A 52 -7.75 -12.25 1.42
CA LYS A 52 -8.29 -12.37 2.77
C LYS A 52 -9.81 -12.46 2.74
N SER A 53 -10.44 -11.53 2.03
CA SER A 53 -11.90 -11.51 1.93
C SER A 53 -12.40 -12.71 1.15
N MET A 54 -11.54 -13.26 0.30
CA MET A 54 -11.90 -14.42 -0.51
C MET A 54 -12.56 -15.50 0.36
N LEU A 55 -12.23 -15.50 1.64
CA LEU A 55 -12.79 -16.48 2.58
C LEU A 55 -13.64 -15.79 3.64
N ASP A 56 -13.22 -14.61 4.05
CA ASP A 56 -13.94 -13.84 5.07
C ASP A 56 -15.37 -13.56 4.61
N LYS A 57 -15.50 -12.96 3.44
CA LYS A 57 -16.81 -12.63 2.89
C LYS A 57 -17.05 -13.36 1.57
N GLY A 58 -16.06 -13.28 0.68
CA GLY A 58 -16.19 -13.94 -0.61
C GLY A 58 -15.59 -13.12 -1.74
N GLU A 59 -15.87 -11.82 -1.74
CA GLU A 59 -15.36 -10.92 -2.77
C GLU A 59 -14.32 -9.97 -2.19
N SER A 60 -13.51 -9.38 -3.07
CA SER A 60 -12.47 -8.46 -2.65
C SER A 60 -12.94 -7.00 -2.80
N SER A 61 -12.44 -6.14 -1.94
CA SER A 61 -12.81 -4.72 -1.98
C SER A 61 -11.99 -3.92 -0.97
N CYS A 62 -11.85 -2.62 -1.24
CA CYS A 62 -11.08 -1.74 -0.35
C CYS A 62 -11.31 -2.12 1.11
N PRO A 63 -10.21 -2.44 1.81
CA PRO A 63 -10.26 -2.84 3.22
C PRO A 63 -10.61 -1.66 4.13
N VAL A 64 -10.83 -0.49 3.53
CA VAL A 64 -11.18 0.70 4.28
C VAL A 64 -12.66 1.03 4.15
N CYS A 65 -13.15 0.98 2.92
CA CYS A 65 -14.56 1.28 2.66
C CYS A 65 -15.23 0.10 1.97
N ARG A 66 -14.43 -0.75 1.32
CA ARG A 66 -14.96 -1.92 0.62
C ARG A 66 -15.85 -1.49 -0.54
N ILE A 67 -15.31 -0.66 -1.43
CA ILE A 67 -16.07 -0.18 -2.58
C ILE A 67 -16.30 -1.31 -3.58
N SER A 68 -17.30 -1.12 -4.44
CA SER A 68 -17.64 -2.11 -5.45
C SER A 68 -16.74 -1.97 -6.68
N TYR A 69 -15.58 -2.60 -6.63
CA TYR A 69 -14.64 -2.55 -7.74
C TYR A 69 -13.75 -3.80 -7.77
N GLN A 70 -13.17 -4.06 -8.93
CA GLN A 70 -12.30 -5.22 -9.10
C GLN A 70 -10.89 -4.81 -9.49
N PRO A 71 -9.90 -5.60 -9.06
CA PRO A 71 -8.49 -5.33 -9.35
C PRO A 71 -8.14 -5.54 -10.82
N GLU A 72 -9.16 -5.86 -11.61
CA GLU A 72 -8.97 -6.10 -13.04
C GLU A 72 -8.99 -4.78 -13.81
N ASN A 73 -9.80 -3.83 -13.33
CA ASN A 73 -9.92 -2.53 -13.98
C ASN A 73 -9.28 -1.45 -13.12
N ILE A 74 -7.96 -1.53 -12.95
CA ILE A 74 -7.23 -0.55 -12.15
C ILE A 74 -5.86 -0.26 -12.75
N ARG A 75 -5.42 0.98 -12.63
CA ARG A 75 -4.11 1.39 -13.16
C ARG A 75 -3.41 2.35 -12.21
N PRO A 76 -2.09 2.19 -12.09
CA PRO A 76 -1.27 3.04 -11.21
C PRO A 76 -1.16 4.47 -11.74
N ASN A 77 -0.39 5.30 -11.03
CA ASN A 77 -0.20 6.69 -11.42
C ASN A 77 1.28 7.00 -11.61
N ARG A 78 2.01 6.05 -12.18
CA ARG A 78 3.44 6.22 -12.43
C ARG A 78 3.71 7.49 -13.22
N HIS A 79 4.56 8.36 -12.66
CA HIS A 79 4.91 9.61 -13.32
C HIS A 79 6.38 9.64 -13.70
N VAL A 80 6.67 10.10 -14.91
CA VAL A 80 8.04 10.19 -15.40
C VAL A 80 8.15 11.13 -16.58
N ALA A 81 9.24 11.89 -16.63
CA ALA A 81 9.47 12.83 -17.72
C ALA A 81 10.01 12.13 -18.95
N ASN A 82 9.43 10.98 -19.28
CA ASN A 82 9.85 10.22 -20.45
C ASN A 82 9.35 10.86 -21.74
N ILE A 83 10.16 11.75 -22.31
CA ILE A 83 9.80 12.43 -23.54
C ILE A 83 10.74 12.04 -24.68
N VAL A 84 11.20 10.80 -24.65
CA VAL A 84 12.10 10.30 -25.69
C VAL A 84 12.13 8.77 -25.70
N GLU A 85 12.12 8.20 -26.90
CA GLU A 85 12.14 6.76 -27.06
C GLU A 85 13.15 6.12 -26.10
N GLY A 1 14.84 -24.75 12.44
CA GLY A 1 15.93 -23.96 12.96
C GLY A 1 15.58 -22.50 13.11
N SER A 2 16.57 -21.67 13.41
CA SER A 2 16.36 -20.24 13.58
C SER A 2 17.65 -19.46 13.36
N SER A 3 17.54 -18.14 13.38
CA SER A 3 18.71 -17.28 13.17
C SER A 3 18.62 -16.03 14.05
N GLY A 4 19.75 -15.37 14.24
CA GLY A 4 19.79 -14.17 15.06
C GLY A 4 20.45 -13.00 14.35
N SER A 5 21.00 -12.08 15.13
CA SER A 5 21.66 -10.90 14.57
C SER A 5 23.03 -10.70 15.20
N SER A 6 23.86 -9.88 14.56
CA SER A 6 25.20 -9.60 15.05
C SER A 6 25.36 -8.12 15.36
N GLY A 7 26.22 -7.82 16.34
CA GLY A 7 26.46 -6.43 16.72
C GLY A 7 25.63 -6.01 17.91
N MET A 8 25.62 -4.71 18.19
CA MET A 8 24.86 -4.17 19.31
C MET A 8 23.37 -4.04 18.96
N ALA A 9 22.54 -4.79 19.66
CA ALA A 9 21.09 -4.76 19.41
C ALA A 9 20.47 -3.51 20.00
N SER A 10 20.51 -2.42 19.25
CA SER A 10 19.94 -1.14 19.70
C SER A 10 18.55 -0.93 19.13
N GLY A 11 17.57 -0.75 20.02
CA GLY A 11 16.20 -0.54 19.58
C GLY A 11 15.96 0.89 19.13
N ILE A 12 16.76 1.35 18.17
CA ILE A 12 16.61 2.70 17.65
C ILE A 12 16.36 2.68 16.15
N LEU A 13 15.31 3.39 15.73
CA LEU A 13 14.94 3.45 14.32
C LEU A 13 15.10 4.87 13.78
N VAL A 14 15.84 5.00 12.68
CA VAL A 14 16.07 6.31 12.07
C VAL A 14 15.07 6.57 10.95
N ASN A 15 14.02 7.32 11.27
CA ASN A 15 12.99 7.65 10.30
C ASN A 15 12.00 8.67 10.86
N VAL A 16 11.27 9.32 9.97
CA VAL A 16 10.29 10.33 10.38
C VAL A 16 8.87 9.89 10.01
N LYS A 17 7.91 10.78 10.26
CA LYS A 17 6.51 10.49 9.95
C LYS A 17 6.23 10.69 8.47
N GLU A 18 6.58 9.67 7.67
CA GLU A 18 6.35 9.74 6.23
C GLU A 18 5.06 10.49 5.90
N GLU A 19 5.02 11.08 4.72
CA GLU A 19 3.85 11.84 4.29
C GLU A 19 2.67 10.90 4.02
N VAL A 20 2.95 9.79 3.36
CA VAL A 20 1.91 8.80 3.05
C VAL A 20 2.22 7.46 3.69
N THR A 21 1.29 6.97 4.51
CA THR A 21 1.46 5.70 5.19
C THR A 21 0.40 4.70 4.76
N CYS A 22 0.77 3.42 4.67
CA CYS A 22 -0.14 2.37 4.27
C CYS A 22 -1.07 1.98 5.43
N PRO A 23 -2.38 2.03 5.18
CA PRO A 23 -3.38 1.68 6.19
C PRO A 23 -3.40 0.19 6.51
N ILE A 24 -2.52 -0.55 5.85
CA ILE A 24 -2.43 -2.00 6.06
C ILE A 24 -1.18 -2.35 6.86
N CYS A 25 -0.02 -2.21 6.23
CA CYS A 25 1.24 -2.52 6.88
C CYS A 25 1.68 -1.38 7.80
N LEU A 26 0.95 -0.27 7.74
CA LEU A 26 1.26 0.90 8.55
C LEU A 26 2.76 1.11 8.66
N GLU A 27 3.43 1.07 7.51
CA GLU A 27 4.88 1.26 7.46
C GLU A 27 5.23 2.54 6.69
N LEU A 28 5.08 2.49 5.37
CA LEU A 28 5.38 3.64 4.54
C LEU A 28 4.84 3.44 3.12
N LEU A 29 4.40 4.53 2.50
CA LEU A 29 3.86 4.47 1.15
C LEU A 29 4.57 5.46 0.23
N THR A 30 5.55 4.96 -0.52
CA THR A 30 6.31 5.80 -1.43
C THR A 30 5.74 5.74 -2.84
N GLN A 31 5.40 4.54 -3.28
CA GLN A 31 4.83 4.33 -4.61
C GLN A 31 3.57 3.49 -4.54
N PRO A 32 2.59 3.95 -3.74
CA PRO A 32 1.31 3.25 -3.57
C PRO A 32 0.45 3.32 -4.83
N LEU A 33 -0.71 2.65 -4.79
CA LEU A 33 -1.63 2.64 -5.92
C LEU A 33 -2.82 3.55 -5.66
N SER A 34 -3.58 3.83 -6.71
CA SER A 34 -4.75 4.70 -6.60
C SER A 34 -6.03 3.91 -6.86
N LEU A 35 -7.12 4.35 -6.23
CA LEU A 35 -8.42 3.69 -6.39
C LEU A 35 -9.51 4.70 -6.67
N ASP A 36 -10.69 4.20 -7.05
CA ASP A 36 -11.82 5.06 -7.34
C ASP A 36 -12.62 5.37 -6.07
N CYS A 37 -11.97 5.20 -4.92
CA CYS A 37 -12.61 5.46 -3.64
C CYS A 37 -11.96 6.64 -2.93
N GLY A 38 -10.66 6.78 -3.11
CA GLY A 38 -9.94 7.87 -2.47
C GLY A 38 -8.99 7.39 -1.38
N HIS A 39 -8.23 6.35 -1.68
CA HIS A 39 -7.29 5.80 -0.71
C HIS A 39 -6.16 5.05 -1.43
N SER A 40 -4.94 5.22 -0.91
CA SER A 40 -3.77 4.56 -1.50
C SER A 40 -3.40 3.31 -0.70
N PHE A 41 -2.60 2.45 -1.32
CA PHE A 41 -2.16 1.22 -0.67
C PHE A 41 -0.92 0.66 -1.36
N CYS A 42 -0.47 -0.51 -0.89
CA CYS A 42 0.71 -1.15 -1.45
C CYS A 42 0.32 -2.14 -2.54
N GLN A 43 1.00 -2.08 -3.67
CA GLN A 43 0.72 -2.97 -4.79
C GLN A 43 0.56 -4.41 -4.31
N ALA A 44 1.13 -4.71 -3.15
CA ALA A 44 1.05 -6.05 -2.58
C ALA A 44 -0.09 -6.15 -1.57
N CYS A 45 -0.03 -5.31 -0.54
CA CYS A 45 -1.06 -5.30 0.50
C CYS A 45 -2.44 -5.38 -0.11
N LEU A 46 -2.63 -4.70 -1.24
CA LEU A 46 -3.92 -4.70 -1.93
C LEU A 46 -4.27 -6.10 -2.43
N THR A 47 -3.30 -6.76 -3.05
CA THR A 47 -3.51 -8.10 -3.58
C THR A 47 -3.72 -9.11 -2.45
N ALA A 48 -2.90 -9.01 -1.41
CA ALA A 48 -3.01 -9.91 -0.27
C ALA A 48 -4.33 -9.71 0.47
N ASN A 49 -4.66 -8.44 0.73
CA ASN A 49 -5.89 -8.11 1.43
C ASN A 49 -7.10 -8.71 0.73
N HIS A 50 -7.13 -8.59 -0.60
CA HIS A 50 -8.23 -9.11 -1.40
C HIS A 50 -8.42 -10.60 -1.14
N LYS A 51 -7.41 -11.39 -1.50
CA LYS A 51 -7.46 -12.84 -1.30
C LYS A 51 -7.94 -13.18 0.10
N LYS A 52 -7.75 -12.26 1.04
CA LYS A 52 -8.16 -12.46 2.41
C LYS A 52 -9.68 -12.58 2.51
N SER A 53 -10.37 -11.57 2.02
CA SER A 53 -11.83 -11.55 2.05
C SER A 53 -12.41 -12.48 0.99
N MET A 54 -11.85 -13.69 0.89
CA MET A 54 -12.32 -14.66 -0.08
C MET A 54 -12.83 -15.92 0.63
N LEU A 55 -12.25 -16.23 1.78
CA LEU A 55 -12.64 -17.41 2.55
C LEU A 55 -13.61 -17.02 3.66
N ASP A 56 -13.43 -15.83 4.22
CA ASP A 56 -14.28 -15.34 5.29
C ASP A 56 -15.52 -14.65 4.73
N LYS A 57 -15.31 -13.50 4.08
CA LYS A 57 -16.40 -12.74 3.50
C LYS A 57 -16.68 -13.20 2.07
N GLY A 58 -15.65 -13.15 1.22
CA GLY A 58 -15.81 -13.57 -0.16
C GLY A 58 -15.56 -12.44 -1.14
N GLU A 59 -16.00 -11.23 -0.77
CA GLU A 59 -15.82 -10.07 -1.63
C GLU A 59 -14.78 -9.12 -1.04
N SER A 60 -13.95 -8.55 -1.90
CA SER A 60 -12.91 -7.62 -1.47
C SER A 60 -13.38 -6.18 -1.60
N SER A 61 -12.99 -5.35 -0.63
CA SER A 61 -13.38 -3.94 -0.64
C SER A 61 -12.41 -3.11 0.20
N CYS A 62 -12.22 -1.87 -0.19
CA CYS A 62 -11.31 -0.96 0.52
C CYS A 62 -11.37 -1.21 2.01
N PRO A 63 -10.22 -1.63 2.59
CA PRO A 63 -10.12 -1.92 4.02
C PRO A 63 -10.20 -0.66 4.87
N VAL A 64 -10.44 0.47 4.22
CA VAL A 64 -10.54 1.75 4.91
C VAL A 64 -11.98 2.26 4.93
N CYS A 65 -12.58 2.34 3.74
CA CYS A 65 -13.95 2.82 3.61
C CYS A 65 -14.88 1.67 3.20
N ARG A 66 -14.41 0.45 3.38
CA ARG A 66 -15.20 -0.73 3.02
C ARG A 66 -16.11 -0.43 1.84
N ILE A 67 -15.53 0.04 0.75
CA ILE A 67 -16.30 0.37 -0.45
C ILE A 67 -16.19 -0.74 -1.48
N SER A 68 -17.23 -0.90 -2.29
CA SER A 68 -17.27 -1.93 -3.33
C SER A 68 -16.55 -1.45 -4.59
N TYR A 69 -15.69 -2.29 -5.13
CA TYR A 69 -14.94 -1.95 -6.34
C TYR A 69 -14.11 -3.14 -6.81
N GLN A 70 -14.51 -3.72 -7.94
CA GLN A 70 -13.80 -4.86 -8.51
C GLN A 70 -12.30 -4.59 -8.58
N PRO A 71 -11.51 -5.55 -8.09
CA PRO A 71 -10.05 -5.44 -8.07
C PRO A 71 -9.46 -5.54 -9.48
N GLU A 72 -9.89 -6.56 -10.23
CA GLU A 72 -9.40 -6.77 -11.59
C GLU A 72 -9.36 -5.46 -12.36
N ASN A 73 -10.30 -4.56 -12.06
CA ASN A 73 -10.37 -3.28 -12.73
C ASN A 73 -9.15 -2.42 -12.40
N ILE A 74 -9.04 -2.00 -11.15
CA ILE A 74 -7.92 -1.18 -10.71
C ILE A 74 -6.66 -1.54 -11.47
N ARG A 75 -5.89 -0.51 -11.86
CA ARG A 75 -4.65 -0.72 -12.59
C ARG A 75 -3.69 0.44 -12.36
N PRO A 76 -2.38 0.12 -12.32
CA PRO A 76 -1.33 1.13 -12.10
C PRO A 76 -1.17 2.05 -13.31
N ASN A 77 -0.34 3.08 -13.14
CA ASN A 77 -0.10 4.05 -14.21
C ASN A 77 0.52 3.37 -15.43
N ARG A 78 1.67 2.74 -15.21
CA ARG A 78 2.37 2.05 -16.29
C ARG A 78 3.32 0.99 -15.73
N HIS A 79 3.38 -0.16 -16.40
CA HIS A 79 4.26 -1.25 -15.97
C HIS A 79 5.72 -0.87 -16.14
N VAL A 80 6.40 -0.62 -15.03
CA VAL A 80 7.81 -0.25 -15.05
C VAL A 80 8.62 -1.14 -14.12
N ALA A 81 9.89 -1.33 -14.46
CA ALA A 81 10.78 -2.16 -13.65
C ALA A 81 11.69 -1.30 -12.78
N ASN A 82 11.15 -0.19 -12.27
CA ASN A 82 11.90 0.72 -11.43
C ASN A 82 11.88 0.25 -9.97
N ILE A 83 12.74 -0.70 -9.64
CA ILE A 83 12.81 -1.23 -8.28
C ILE A 83 13.91 -0.54 -7.48
N VAL A 84 13.54 0.02 -6.33
CA VAL A 84 14.49 0.71 -5.48
C VAL A 84 14.60 0.02 -4.12
N GLU A 85 15.78 -0.53 -3.84
CA GLU A 85 16.01 -1.22 -2.58
C GLU A 85 17.07 -0.49 -1.75
N GLY A 1 22.83 -12.37 24.93
CA GLY A 1 23.90 -12.00 25.84
C GLY A 1 25.24 -11.86 25.13
N SER A 2 25.27 -11.01 24.10
CA SER A 2 26.49 -10.78 23.34
C SER A 2 27.69 -10.63 24.27
N SER A 3 28.89 -10.83 23.72
CA SER A 3 30.11 -10.72 24.50
C SER A 3 30.84 -9.42 24.17
N GLY A 4 30.94 -9.12 22.88
CA GLY A 4 31.62 -7.90 22.46
C GLY A 4 32.49 -8.12 21.23
N SER A 5 31.96 -7.76 20.07
CA SER A 5 32.69 -7.91 18.82
C SER A 5 32.92 -6.56 18.15
N SER A 6 33.74 -6.57 17.10
CA SER A 6 34.05 -5.33 16.37
C SER A 6 32.91 -4.96 15.43
N GLY A 7 32.55 -3.68 15.44
CA GLY A 7 31.47 -3.21 14.59
C GLY A 7 30.89 -1.88 15.06
N MET A 8 30.15 -1.22 14.18
CA MET A 8 29.53 0.05 14.51
C MET A 8 28.04 -0.10 14.78
N ALA A 9 27.52 0.69 15.70
CA ALA A 9 26.11 0.63 16.06
C ALA A 9 25.39 1.90 15.63
N SER A 10 25.70 2.39 14.43
CA SER A 10 25.08 3.60 13.90
C SER A 10 23.89 3.26 13.00
N GLY A 11 22.72 3.13 13.61
CA GLY A 11 21.53 2.81 12.85
C GLY A 11 20.98 4.01 12.09
N ILE A 12 21.78 4.53 11.17
CA ILE A 12 21.37 5.68 10.38
C ILE A 12 21.04 5.27 8.94
N LEU A 13 20.03 5.91 8.36
CA LEU A 13 19.61 5.62 7.01
C LEU A 13 19.64 6.88 6.14
N VAL A 14 19.79 6.70 4.83
CA VAL A 14 19.84 7.82 3.91
C VAL A 14 18.47 8.02 3.23
N ASN A 15 17.64 8.86 3.84
CA ASN A 15 16.32 9.14 3.30
C ASN A 15 15.62 10.24 4.10
N VAL A 16 14.57 10.82 3.52
CA VAL A 16 13.83 11.89 4.17
C VAL A 16 12.63 11.33 4.93
N LYS A 17 11.82 12.23 5.48
CA LYS A 17 10.64 11.83 6.23
C LYS A 17 9.44 11.64 5.30
N GLU A 18 9.10 10.38 5.04
CA GLU A 18 7.97 10.06 4.17
C GLU A 18 6.67 10.65 4.71
N GLU A 19 5.75 10.96 3.81
CA GLU A 19 4.47 11.53 4.20
C GLU A 19 3.35 10.51 4.02
N VAL A 20 3.45 9.71 2.96
CA VAL A 20 2.44 8.70 2.68
C VAL A 20 2.85 7.34 3.26
N THR A 21 2.01 6.82 4.16
CA THR A 21 2.28 5.53 4.79
C THR A 21 1.16 4.53 4.49
N CYS A 22 1.53 3.26 4.40
CA CYS A 22 0.56 2.20 4.12
C CYS A 22 -0.22 1.84 5.37
N PRO A 23 -1.56 1.89 5.27
CA PRO A 23 -2.44 1.56 6.39
C PRO A 23 -2.43 0.08 6.72
N ILE A 24 -1.65 -0.69 5.97
CA ILE A 24 -1.55 -2.13 6.19
C ILE A 24 -0.24 -2.48 6.87
N CYS A 25 0.86 -2.41 6.13
CA CYS A 25 2.18 -2.72 6.66
C CYS A 25 2.68 -1.60 7.55
N LEU A 26 2.11 -0.41 7.39
CA LEU A 26 2.50 0.75 8.18
C LEU A 26 4.00 0.99 8.07
N GLU A 27 4.56 0.76 6.89
CA GLU A 27 5.98 0.95 6.66
C GLU A 27 6.22 2.22 5.84
N LEU A 28 5.88 2.18 4.57
CA LEU A 28 6.06 3.32 3.68
C LEU A 28 5.33 3.10 2.35
N LEU A 29 4.88 4.19 1.75
CA LEU A 29 4.18 4.12 0.47
C LEU A 29 4.81 5.05 -0.55
N THR A 30 5.68 4.49 -1.39
CA THR A 30 6.36 5.27 -2.42
C THR A 30 5.58 5.24 -3.74
N GLN A 31 5.24 4.03 -4.19
CA GLN A 31 4.49 3.88 -5.43
C GLN A 31 3.21 3.09 -5.20
N PRO A 32 2.36 3.60 -4.28
CA PRO A 32 1.09 2.97 -3.94
C PRO A 32 0.07 3.06 -5.07
N LEU A 33 -1.07 2.40 -4.90
CA LEU A 33 -2.13 2.42 -5.91
C LEU A 33 -3.23 3.41 -5.53
N SER A 34 -4.17 3.61 -6.45
CA SER A 34 -5.27 4.53 -6.21
C SER A 34 -6.61 3.82 -6.30
N LEU A 35 -7.61 4.34 -5.60
CA LEU A 35 -8.94 3.74 -5.61
C LEU A 35 -10.02 4.82 -5.75
N ASP A 36 -11.25 4.38 -6.01
CA ASP A 36 -12.36 5.31 -6.17
C ASP A 36 -12.95 5.70 -4.81
N CYS A 37 -12.23 5.37 -3.75
CA CYS A 37 -12.68 5.67 -2.40
C CYS A 37 -11.87 6.83 -1.81
N GLY A 38 -10.56 6.83 -2.08
CA GLY A 38 -9.71 7.88 -1.57
C GLY A 38 -8.67 7.36 -0.60
N HIS A 39 -8.13 6.18 -0.89
CA HIS A 39 -7.11 5.57 -0.05
C HIS A 39 -6.10 4.81 -0.89
N SER A 40 -4.82 4.97 -0.55
CA SER A 40 -3.75 4.31 -1.28
C SER A 40 -3.25 3.09 -0.51
N PHE A 41 -2.56 2.20 -1.21
CA PHE A 41 -2.01 0.99 -0.59
C PHE A 41 -0.88 0.42 -1.43
N CYS A 42 -0.33 -0.71 -0.98
CA CYS A 42 0.78 -1.36 -1.67
C CYS A 42 0.24 -2.37 -2.69
N GLN A 43 0.91 -2.45 -3.84
CA GLN A 43 0.51 -3.37 -4.90
C GLN A 43 0.46 -4.80 -4.37
N ALA A 44 1.17 -5.06 -3.28
CA ALA A 44 1.19 -6.38 -2.68
C ALA A 44 0.18 -6.50 -1.54
N CYS A 45 0.23 -5.54 -0.61
CA CYS A 45 -0.68 -5.53 0.52
C CYS A 45 -2.13 -5.64 0.06
N LEU A 46 -2.47 -4.92 -1.00
CA LEU A 46 -3.83 -4.94 -1.55
C LEU A 46 -4.20 -6.35 -2.01
N THR A 47 -3.29 -7.01 -2.70
CA THR A 47 -3.52 -8.35 -3.21
C THR A 47 -3.82 -9.32 -2.06
N ALA A 48 -3.11 -9.14 -0.95
CA ALA A 48 -3.31 -9.99 0.22
C ALA A 48 -4.52 -9.55 1.02
N ASN A 49 -4.88 -8.29 0.91
CA ASN A 49 -6.03 -7.74 1.63
C ASN A 49 -7.33 -8.03 0.88
N HIS A 50 -7.22 -8.23 -0.43
CA HIS A 50 -8.39 -8.53 -1.25
C HIS A 50 -8.67 -10.03 -1.27
N LYS A 51 -7.63 -10.82 -1.45
CA LYS A 51 -7.75 -12.28 -1.49
C LYS A 51 -8.21 -12.82 -0.14
N LYS A 52 -7.74 -12.19 0.94
CA LYS A 52 -8.11 -12.61 2.29
C LYS A 52 -9.61 -12.84 2.40
N SER A 53 -10.38 -11.77 2.26
CA SER A 53 -11.84 -11.85 2.35
C SER A 53 -12.36 -13.02 1.52
N MET A 54 -11.81 -13.18 0.32
CA MET A 54 -12.22 -14.25 -0.58
C MET A 54 -12.39 -15.56 0.19
N LEU A 55 -11.57 -15.75 1.22
CA LEU A 55 -11.63 -16.96 2.03
C LEU A 55 -12.90 -16.99 2.88
N ASP A 56 -13.31 -15.81 3.35
CA ASP A 56 -14.51 -15.70 4.17
C ASP A 56 -15.43 -14.62 3.62
N LYS A 57 -14.99 -13.37 3.69
CA LYS A 57 -15.77 -12.25 3.21
C LYS A 57 -15.71 -12.16 1.68
N GLY A 58 -15.78 -13.31 1.03
CA GLY A 58 -15.73 -13.34 -0.43
C GLY A 58 -15.18 -12.05 -1.01
N GLU A 59 -16.08 -11.16 -1.44
CA GLU A 59 -15.66 -9.89 -2.02
C GLU A 59 -14.91 -9.04 -1.01
N SER A 60 -13.79 -8.47 -1.44
CA SER A 60 -12.98 -7.63 -0.56
C SER A 60 -13.62 -6.26 -0.36
N SER A 61 -12.95 -5.41 0.40
CA SER A 61 -13.45 -4.07 0.66
C SER A 61 -12.39 -3.21 1.36
N CYS A 62 -12.22 -1.99 0.86
CA CYS A 62 -11.23 -1.08 1.43
C CYS A 62 -11.09 -1.30 2.93
N PRO A 63 -9.87 -1.68 3.36
CA PRO A 63 -9.56 -1.93 4.77
C PRO A 63 -9.56 -0.65 5.60
N VAL A 64 -9.89 0.47 4.95
CA VAL A 64 -9.93 1.76 5.63
C VAL A 64 -11.37 2.26 5.78
N CYS A 65 -12.13 2.20 4.70
CA CYS A 65 -13.52 2.64 4.71
C CYS A 65 -14.46 1.51 4.28
N ARG A 66 -13.88 0.45 3.73
CA ARG A 66 -14.66 -0.70 3.28
C ARG A 66 -15.81 -0.25 2.38
N ILE A 67 -15.47 0.50 1.33
CA ILE A 67 -16.48 0.99 0.40
C ILE A 67 -16.80 -0.07 -0.66
N SER A 68 -17.93 0.12 -1.35
CA SER A 68 -18.35 -0.81 -2.38
C SER A 68 -17.57 -0.58 -3.68
N TYR A 69 -16.73 -1.55 -4.04
CA TYR A 69 -15.92 -1.45 -5.24
C TYR A 69 -15.30 -2.80 -5.59
N GLN A 70 -14.95 -2.97 -6.87
CA GLN A 70 -14.35 -4.21 -7.33
C GLN A 70 -12.91 -3.98 -7.80
N PRO A 71 -12.00 -4.86 -7.36
CA PRO A 71 -10.58 -4.76 -7.72
C PRO A 71 -10.34 -5.10 -9.19
N GLU A 72 -11.01 -6.13 -9.67
CA GLU A 72 -10.87 -6.56 -11.06
C GLU A 72 -10.68 -5.35 -11.99
N ASN A 73 -11.59 -4.39 -11.88
CA ASN A 73 -11.53 -3.19 -12.70
C ASN A 73 -10.30 -2.36 -12.36
N ILE A 74 -10.22 -1.93 -11.10
CA ILE A 74 -9.10 -1.12 -10.62
C ILE A 74 -7.80 -1.56 -11.29
N ARG A 75 -6.91 -0.60 -11.53
CA ARG A 75 -5.62 -0.89 -12.16
C ARG A 75 -4.60 0.21 -11.84
N PRO A 76 -3.32 -0.17 -11.79
CA PRO A 76 -2.23 0.76 -11.51
C PRO A 76 -2.00 1.76 -12.65
N ASN A 77 -1.03 2.64 -12.46
CA ASN A 77 -0.71 3.64 -13.47
C ASN A 77 -0.91 3.08 -14.88
N ARG A 78 -0.13 2.07 -15.23
CA ARG A 78 -0.22 1.44 -16.54
C ARG A 78 0.62 0.17 -16.60
N HIS A 79 0.63 -0.48 -17.76
CA HIS A 79 1.40 -1.69 -17.95
C HIS A 79 1.70 -1.93 -19.43
N VAL A 80 2.97 -2.14 -19.75
CA VAL A 80 3.39 -2.37 -21.12
C VAL A 80 4.58 -3.32 -21.18
N ALA A 81 4.45 -4.38 -21.99
CA ALA A 81 5.53 -5.36 -22.14
C ALA A 81 6.55 -4.89 -23.15
N ASN A 82 6.94 -3.62 -23.07
CA ASN A 82 7.92 -3.06 -23.99
C ASN A 82 9.17 -2.61 -23.24
N ILE A 83 10.26 -2.42 -23.97
CA ILE A 83 11.52 -2.00 -23.37
C ILE A 83 11.88 -0.58 -23.81
N VAL A 84 12.34 0.23 -22.86
CA VAL A 84 12.72 1.60 -23.14
C VAL A 84 13.76 1.67 -24.26
N GLU A 85 13.37 2.29 -25.38
CA GLU A 85 14.27 2.42 -26.52
C GLU A 85 15.23 3.59 -26.33
N GLY A 1 5.25 -1.22 -13.15
CA GLY A 1 5.45 -2.62 -13.46
C GLY A 1 6.88 -3.07 -13.27
N SER A 2 7.26 -3.31 -12.01
CA SER A 2 8.61 -3.74 -11.69
C SER A 2 8.72 -5.26 -11.68
N SER A 3 9.90 -5.77 -12.03
CA SER A 3 10.12 -7.21 -12.07
C SER A 3 9.85 -7.83 -10.70
N GLY A 4 10.38 -7.21 -9.66
CA GLY A 4 10.18 -7.72 -8.30
C GLY A 4 11.39 -8.46 -7.78
N SER A 5 12.49 -7.74 -7.62
CA SER A 5 13.73 -8.33 -7.12
C SER A 5 14.47 -7.36 -6.20
N SER A 6 14.65 -7.77 -4.95
CA SER A 6 15.34 -6.93 -3.97
C SER A 6 16.72 -6.52 -4.48
N GLY A 7 17.01 -5.23 -4.40
CA GLY A 7 18.30 -4.74 -4.86
C GLY A 7 19.37 -4.83 -3.79
N MET A 8 19.03 -4.40 -2.58
CA MET A 8 19.97 -4.44 -1.46
C MET A 8 19.33 -5.06 -0.23
N ALA A 9 20.14 -5.69 0.61
CA ALA A 9 19.65 -6.33 1.83
C ALA A 9 19.60 -5.33 2.98
N SER A 10 19.21 -4.10 2.68
CA SER A 10 19.12 -3.05 3.68
C SER A 10 18.00 -2.07 3.36
N GLY A 11 17.11 -1.85 4.32
CA GLY A 11 16.01 -0.93 4.11
C GLY A 11 16.30 0.46 4.66
N ILE A 12 17.50 0.94 4.42
CA ILE A 12 17.91 2.27 4.89
C ILE A 12 17.80 3.29 3.78
N LEU A 13 17.23 4.45 4.09
CA LEU A 13 17.07 5.52 3.12
C LEU A 13 17.01 6.88 3.81
N VAL A 14 17.38 7.93 3.07
CA VAL A 14 17.37 9.28 3.62
C VAL A 14 16.22 10.10 3.02
N ASN A 15 15.25 10.44 3.86
CA ASN A 15 14.09 11.22 3.42
C ASN A 15 13.42 11.91 4.60
N VAL A 16 12.43 12.74 4.31
CA VAL A 16 11.71 13.47 5.34
C VAL A 16 10.65 12.60 5.98
N LYS A 17 10.04 13.10 7.05
CA LYS A 17 9.01 12.36 7.77
C LYS A 17 7.84 12.02 6.84
N GLU A 18 7.98 10.93 6.10
CA GLU A 18 6.94 10.50 5.17
C GLU A 18 5.56 10.85 5.71
N GLU A 19 4.63 11.16 4.80
CA GLU A 19 3.27 11.51 5.18
C GLU A 19 2.29 10.40 4.81
N VAL A 20 2.38 9.93 3.58
CA VAL A 20 1.51 8.85 3.10
C VAL A 20 1.91 7.51 3.70
N THR A 21 1.02 6.92 4.47
CA THR A 21 1.29 5.63 5.10
C THR A 21 0.24 4.60 4.69
N CYS A 22 0.67 3.34 4.61
CA CYS A 22 -0.22 2.25 4.22
C CYS A 22 -1.08 1.80 5.41
N PRO A 23 -2.40 1.80 5.20
CA PRO A 23 -3.36 1.40 6.24
C PRO A 23 -3.30 -0.09 6.53
N ILE A 24 -2.41 -0.80 5.84
CA ILE A 24 -2.25 -2.23 6.02
C ILE A 24 -0.95 -2.56 6.76
N CYS A 25 0.17 -2.32 6.10
CA CYS A 25 1.48 -2.59 6.71
C CYS A 25 1.91 -1.43 7.60
N LEU A 26 1.11 -0.36 7.60
CA LEU A 26 1.41 0.81 8.42
C LEU A 26 2.91 1.08 8.47
N GLU A 27 3.56 1.02 7.30
CA GLU A 27 4.99 1.26 7.20
C GLU A 27 5.28 2.54 6.43
N LEU A 28 5.06 2.50 5.12
CA LEU A 28 5.30 3.66 4.27
C LEU A 28 4.65 3.48 2.90
N LEU A 29 4.24 4.59 2.30
CA LEU A 29 3.60 4.55 0.99
C LEU A 29 4.23 5.56 0.04
N THR A 30 5.27 5.14 -0.67
CA THR A 30 5.98 6.00 -1.61
C THR A 30 5.42 5.85 -3.02
N GLN A 31 5.01 4.63 -3.35
CA GLN A 31 4.46 4.35 -4.68
C GLN A 31 3.19 3.50 -4.57
N PRO A 32 2.24 3.96 -3.75
CA PRO A 32 0.96 3.26 -3.54
C PRO A 32 0.07 3.30 -4.77
N LEU A 33 -1.06 2.60 -4.70
CA LEU A 33 -2.00 2.56 -5.81
C LEU A 33 -3.23 3.42 -5.52
N SER A 34 -3.95 3.78 -6.58
CA SER A 34 -5.14 4.60 -6.43
C SER A 34 -6.41 3.77 -6.61
N LEU A 35 -7.52 4.26 -6.05
CA LEU A 35 -8.78 3.54 -6.13
C LEU A 35 -9.94 4.53 -6.34
N ASP A 36 -11.13 3.99 -6.60
CA ASP A 36 -12.30 4.82 -6.82
C ASP A 36 -13.04 5.07 -5.52
N CYS A 37 -12.35 4.90 -4.40
CA CYS A 37 -12.93 5.10 -3.08
C CYS A 37 -12.29 6.30 -2.38
N GLY A 38 -10.97 6.40 -2.48
CA GLY A 38 -10.26 7.50 -1.86
C GLY A 38 -9.23 7.03 -0.84
N HIS A 39 -8.63 5.87 -1.10
CA HIS A 39 -7.63 5.31 -0.22
C HIS A 39 -6.53 4.60 -1.01
N SER A 40 -5.28 4.90 -0.67
CA SER A 40 -4.15 4.30 -1.36
C SER A 40 -3.64 3.09 -0.59
N PHE A 41 -2.92 2.20 -1.28
CA PHE A 41 -2.39 1.00 -0.66
C PHE A 41 -1.16 0.50 -1.43
N CYS A 42 -0.55 -0.57 -0.93
CA CYS A 42 0.63 -1.14 -1.57
C CYS A 42 0.23 -2.13 -2.66
N GLN A 43 0.92 -2.06 -3.80
CA GLN A 43 0.64 -2.95 -4.91
C GLN A 43 0.55 -4.40 -4.44
N ALA A 44 1.19 -4.69 -3.32
CA ALA A 44 1.19 -6.05 -2.76
C ALA A 44 0.10 -6.20 -1.71
N CYS A 45 0.16 -5.37 -0.68
CA CYS A 45 -0.83 -5.42 0.40
C CYS A 45 -2.24 -5.58 -0.15
N LEU A 46 -2.51 -4.90 -1.27
CA LEU A 46 -3.82 -4.97 -1.90
C LEU A 46 -4.10 -6.38 -2.41
N THR A 47 -3.10 -6.99 -3.04
CA THR A 47 -3.24 -8.34 -3.58
C THR A 47 -3.47 -9.36 -2.47
N ALA A 48 -2.68 -9.24 -1.40
CA ALA A 48 -2.78 -10.14 -0.27
C ALA A 48 -4.08 -9.91 0.50
N ASN A 49 -4.42 -8.64 0.72
CA ASN A 49 -5.63 -8.29 1.43
C ASN A 49 -6.87 -8.83 0.72
N HIS A 50 -6.94 -8.58 -0.58
CA HIS A 50 -8.08 -9.05 -1.38
C HIS A 50 -8.37 -10.52 -1.10
N LYS A 51 -7.35 -11.35 -1.20
CA LYS A 51 -7.49 -12.78 -0.95
C LYS A 51 -8.11 -13.04 0.41
N LYS A 52 -7.74 -12.21 1.39
CA LYS A 52 -8.26 -12.34 2.75
C LYS A 52 -9.79 -12.39 2.75
N SER A 53 -10.41 -11.34 2.22
CA SER A 53 -11.86 -11.26 2.16
C SER A 53 -12.41 -12.09 0.99
N MET A 54 -11.81 -13.25 0.78
CA MET A 54 -12.23 -14.14 -0.30
C MET A 54 -12.66 -15.49 0.24
N LEU A 55 -12.23 -15.80 1.47
CA LEU A 55 -12.58 -17.06 2.10
C LEU A 55 -13.82 -16.92 2.98
N ASP A 56 -13.96 -15.76 3.60
CA ASP A 56 -15.11 -15.48 4.46
C ASP A 56 -16.35 -15.20 3.64
N LYS A 57 -16.23 -14.30 2.68
CA LYS A 57 -17.35 -13.95 1.81
C LYS A 57 -17.02 -14.22 0.35
N GLY A 58 -15.87 -13.72 -0.10
CA GLY A 58 -15.46 -13.93 -1.47
C GLY A 58 -15.00 -12.66 -2.14
N GLU A 59 -15.93 -11.73 -2.35
CA GLU A 59 -15.62 -10.45 -2.99
C GLU A 59 -14.75 -9.59 -2.07
N SER A 60 -13.71 -8.99 -2.65
CA SER A 60 -12.81 -8.14 -1.88
C SER A 60 -13.23 -6.68 -1.96
N SER A 61 -12.78 -5.88 -0.99
CA SER A 61 -13.13 -4.46 -0.95
C SER A 61 -12.14 -3.70 -0.06
N CYS A 62 -12.04 -2.39 -0.30
CA CYS A 62 -11.15 -1.55 0.47
C CYS A 62 -11.22 -1.88 1.96
N PRO A 63 -10.08 -2.26 2.55
CA PRO A 63 -9.99 -2.60 3.96
C PRO A 63 -10.17 -1.39 4.87
N VAL A 64 -10.51 -0.26 4.27
CA VAL A 64 -10.72 0.98 5.03
C VAL A 64 -12.18 1.40 4.99
N CYS A 65 -12.79 1.28 3.82
CA CYS A 65 -14.20 1.66 3.65
C CYS A 65 -14.97 0.56 2.94
N ARG A 66 -14.25 -0.32 2.25
CA ARG A 66 -14.88 -1.42 1.53
C ARG A 66 -15.78 -0.90 0.42
N ILE A 67 -15.24 -0.02 -0.41
CA ILE A 67 -16.01 0.55 -1.52
C ILE A 67 -16.53 -0.53 -2.45
N SER A 68 -17.61 -0.22 -3.15
CA SER A 68 -18.22 -1.17 -4.09
C SER A 68 -17.44 -1.21 -5.40
N TYR A 69 -16.46 -2.11 -5.47
CA TYR A 69 -15.65 -2.26 -6.67
C TYR A 69 -14.93 -3.61 -6.68
N GLN A 70 -14.30 -3.92 -7.80
CA GLN A 70 -13.58 -5.18 -7.95
C GLN A 70 -12.07 -4.95 -7.95
N PRO A 71 -11.32 -5.93 -7.44
CA PRO A 71 -9.85 -5.86 -7.38
C PRO A 71 -9.21 -5.96 -8.75
N GLU A 72 -9.83 -6.73 -9.64
CA GLU A 72 -9.31 -6.91 -10.99
C GLU A 72 -9.52 -5.64 -11.83
N ASN A 73 -10.55 -4.87 -11.47
CA ASN A 73 -10.87 -3.65 -12.18
C ASN A 73 -10.05 -2.47 -11.65
N ILE A 74 -8.73 -2.69 -11.54
CA ILE A 74 -7.84 -1.65 -11.04
C ILE A 74 -6.56 -1.58 -11.88
N ARG A 75 -6.04 -0.36 -12.04
CA ARG A 75 -4.83 -0.16 -12.82
C ARG A 75 -4.07 1.08 -12.34
N PRO A 76 -2.74 1.02 -12.40
CA PRO A 76 -1.87 2.13 -11.98
C PRO A 76 -1.96 3.33 -12.91
N ASN A 77 -1.08 4.30 -12.71
CA ASN A 77 -1.06 5.50 -13.54
C ASN A 77 0.35 5.80 -14.04
N ARG A 78 1.01 4.79 -14.57
CA ARG A 78 2.38 4.94 -15.06
C ARG A 78 2.39 5.14 -16.58
N HIS A 79 1.70 4.24 -17.28
CA HIS A 79 1.63 4.30 -18.74
C HIS A 79 1.03 5.62 -19.19
N VAL A 80 1.88 6.53 -19.67
CA VAL A 80 1.42 7.84 -20.14
C VAL A 80 1.57 7.96 -21.65
N ALA A 81 0.77 8.84 -22.24
CA ALA A 81 0.81 9.05 -23.68
C ALA A 81 1.82 10.14 -24.04
N ASN A 82 3.07 9.73 -24.27
CA ASN A 82 4.13 10.65 -24.62
C ASN A 82 4.92 10.15 -25.83
N ILE A 83 4.43 10.45 -27.02
CA ILE A 83 5.09 10.03 -28.25
C ILE A 83 5.71 11.23 -28.98
N VAL A 84 6.98 11.11 -29.32
CA VAL A 84 7.69 12.18 -30.02
C VAL A 84 7.63 11.96 -31.53
N GLU A 85 7.46 13.05 -32.27
CA GLU A 85 7.40 12.98 -33.72
C GLU A 85 8.71 13.46 -34.36
N GLY A 1 20.64 4.93 -3.19
CA GLY A 1 21.15 3.58 -3.18
C GLY A 1 22.26 3.37 -2.19
N SER A 2 23.27 2.59 -2.57
CA SER A 2 24.41 2.31 -1.69
C SER A 2 23.93 2.04 -0.27
N SER A 3 22.85 1.27 -0.15
CA SER A 3 22.30 0.93 1.16
C SER A 3 22.97 -0.32 1.73
N GLY A 4 23.46 -0.21 2.96
CA GLY A 4 24.12 -1.34 3.60
C GLY A 4 24.72 -0.97 4.94
N SER A 5 25.32 0.21 5.02
CA SER A 5 25.94 0.67 6.25
C SER A 5 24.97 0.58 7.42
N SER A 6 25.52 0.55 8.63
CA SER A 6 24.69 0.46 9.83
C SER A 6 25.51 0.82 11.07
N GLY A 7 24.96 1.72 11.88
CA GLY A 7 25.66 2.14 13.09
C GLY A 7 25.23 1.34 14.31
N MET A 8 23.99 1.56 14.74
CA MET A 8 23.47 0.85 15.91
C MET A 8 22.54 -0.28 15.48
N ALA A 9 22.59 -1.39 16.21
CA ALA A 9 21.74 -2.55 15.91
C ALA A 9 20.37 -2.10 15.42
N SER A 10 19.66 -1.35 16.26
CA SER A 10 18.33 -0.87 15.92
C SER A 10 18.35 -0.07 14.62
N GLY A 11 17.77 -0.64 13.57
CA GLY A 11 17.74 0.03 12.28
C GLY A 11 16.60 1.02 12.18
N ILE A 12 16.45 1.85 13.20
CA ILE A 12 15.39 2.86 13.22
C ILE A 12 15.91 4.21 12.74
N LEU A 13 15.14 4.87 11.89
CA LEU A 13 15.50 6.17 11.36
C LEU A 13 14.62 7.28 11.94
N VAL A 14 15.26 8.32 12.48
CA VAL A 14 14.52 9.44 13.06
C VAL A 14 13.93 10.33 11.98
N ASN A 15 12.59 10.33 11.90
CA ASN A 15 11.89 11.14 10.90
C ASN A 15 10.48 11.46 11.36
N VAL A 16 9.80 12.33 10.62
CA VAL A 16 8.44 12.71 10.95
C VAL A 16 7.42 11.81 10.24
N LYS A 17 6.15 12.15 10.39
CA LYS A 17 5.08 11.37 9.76
C LYS A 17 4.99 11.67 8.28
N GLU A 18 5.30 10.66 7.46
CA GLU A 18 5.26 10.82 6.01
C GLU A 18 3.91 11.36 5.56
N GLU A 19 3.89 11.99 4.39
CA GLU A 19 2.66 12.55 3.84
C GLU A 19 1.66 11.45 3.52
N VAL A 20 2.16 10.32 3.06
CA VAL A 20 1.30 9.18 2.71
C VAL A 20 1.90 7.87 3.20
N THR A 21 1.16 7.16 4.04
CA THR A 21 1.62 5.89 4.59
C THR A 21 0.61 4.78 4.29
N CYS A 22 1.11 3.55 4.26
CA CYS A 22 0.27 2.39 3.99
C CYS A 22 -0.47 1.94 5.25
N PRO A 23 -1.81 1.92 5.18
CA PRO A 23 -2.65 1.52 6.31
C PRO A 23 -2.54 0.03 6.61
N ILE A 24 -1.69 -0.66 5.86
CA ILE A 24 -1.50 -2.09 6.05
C ILE A 24 -0.16 -2.37 6.72
N CYS A 25 0.92 -2.13 5.99
CA CYS A 25 2.27 -2.36 6.52
C CYS A 25 2.73 -1.17 7.35
N LEU A 26 1.97 -0.08 7.29
CA LEU A 26 2.31 1.13 8.04
C LEU A 26 3.67 1.68 7.61
N GLU A 27 4.02 1.46 6.34
CA GLU A 27 5.28 1.93 5.80
C GLU A 27 5.07 3.07 4.81
N LEU A 28 6.11 3.85 4.57
CA LEU A 28 6.03 4.98 3.65
C LEU A 28 5.54 4.52 2.28
N LEU A 29 4.33 4.94 1.92
CA LEU A 29 3.75 4.59 0.64
C LEU A 29 4.44 5.32 -0.50
N THR A 30 5.42 4.66 -1.12
CA THR A 30 6.17 5.24 -2.22
C THR A 30 5.34 5.23 -3.51
N GLN A 31 5.05 4.04 -4.00
CA GLN A 31 4.26 3.89 -5.22
C GLN A 31 2.93 3.20 -4.94
N PRO A 32 2.09 3.85 -4.12
CA PRO A 32 0.78 3.32 -3.74
C PRO A 32 -0.20 3.35 -4.90
N LEU A 33 -1.31 2.62 -4.76
CA LEU A 33 -2.33 2.56 -5.80
C LEU A 33 -3.50 3.47 -5.47
N SER A 34 -4.53 3.45 -6.32
CA SER A 34 -5.71 4.28 -6.12
C SER A 34 -6.98 3.42 -6.17
N LEU A 35 -8.02 3.90 -5.51
CA LEU A 35 -9.29 3.19 -5.48
C LEU A 35 -10.46 4.15 -5.64
N ASP A 36 -11.68 3.61 -5.60
CA ASP A 36 -12.88 4.43 -5.74
C ASP A 36 -13.53 4.68 -4.39
N CYS A 37 -12.70 4.80 -3.35
CA CYS A 37 -13.19 5.04 -2.00
C CYS A 37 -12.47 6.23 -1.36
N GLY A 38 -11.19 6.37 -1.68
CA GLY A 38 -10.41 7.48 -1.13
C GLY A 38 -9.30 7.00 -0.22
N HIS A 39 -8.63 5.93 -0.63
CA HIS A 39 -7.53 5.36 0.16
C HIS A 39 -6.53 4.63 -0.74
N SER A 40 -5.25 4.81 -0.46
CA SER A 40 -4.20 4.18 -1.24
C SER A 40 -3.60 2.99 -0.49
N PHE A 41 -2.87 2.15 -1.21
CA PHE A 41 -2.26 0.97 -0.60
C PHE A 41 -1.10 0.47 -1.46
N CYS A 42 -0.39 -0.54 -0.96
CA CYS A 42 0.75 -1.11 -1.69
C CYS A 42 0.27 -2.09 -2.75
N GLN A 43 0.90 -2.06 -3.91
CA GLN A 43 0.54 -2.95 -5.01
C GLN A 43 0.51 -4.40 -4.55
N ALA A 44 1.18 -4.67 -3.43
CA ALA A 44 1.24 -6.02 -2.88
C ALA A 44 0.23 -6.18 -1.74
N CYS A 45 0.35 -5.32 -0.73
CA CYS A 45 -0.54 -5.37 0.42
C CYS A 45 -2.00 -5.54 -0.02
N LEU A 46 -2.34 -4.93 -1.15
CA LEU A 46 -3.69 -5.01 -1.69
C LEU A 46 -4.00 -6.42 -2.16
N THR A 47 -3.11 -6.99 -2.95
CA THR A 47 -3.29 -8.34 -3.47
C THR A 47 -3.55 -9.34 -2.35
N ALA A 48 -2.79 -9.20 -1.26
CA ALA A 48 -2.95 -10.08 -0.11
C ALA A 48 -4.25 -9.80 0.63
N ASN A 49 -4.60 -8.53 0.74
CA ASN A 49 -5.82 -8.12 1.42
C ASN A 49 -7.06 -8.74 0.76
N HIS A 50 -6.99 -8.90 -0.57
CA HIS A 50 -8.10 -9.48 -1.31
C HIS A 50 -8.32 -10.93 -0.92
N LYS A 51 -7.31 -11.76 -1.15
CA LYS A 51 -7.39 -13.18 -0.82
C LYS A 51 -7.99 -13.38 0.56
N LYS A 52 -7.62 -12.51 1.50
CA LYS A 52 -8.13 -12.58 2.86
C LYS A 52 -9.65 -12.55 2.88
N SER A 53 -10.22 -11.46 2.38
CA SER A 53 -11.68 -11.30 2.35
C SER A 53 -12.26 -12.00 1.13
N MET A 54 -11.54 -12.98 0.60
CA MET A 54 -11.98 -13.72 -0.57
C MET A 54 -12.58 -15.07 -0.16
N LEU A 55 -12.43 -15.41 1.12
CA LEU A 55 -12.95 -16.68 1.63
C LEU A 55 -14.12 -16.44 2.58
N ASP A 56 -14.29 -15.19 2.99
CA ASP A 56 -15.38 -14.84 3.91
C ASP A 56 -16.50 -14.12 3.16
N LYS A 57 -16.17 -13.00 2.54
CA LYS A 57 -17.15 -12.22 1.79
C LYS A 57 -16.70 -12.02 0.35
N GLY A 58 -16.20 -13.08 -0.27
CA GLY A 58 -15.73 -13.00 -1.64
C GLY A 58 -15.12 -11.65 -1.96
N GLU A 59 -15.92 -10.77 -2.56
CA GLU A 59 -15.45 -9.44 -2.93
C GLU A 59 -14.85 -8.72 -1.73
N SER A 60 -13.55 -8.45 -1.78
CA SER A 60 -12.87 -7.78 -0.70
C SER A 60 -13.43 -6.38 -0.49
N SER A 61 -13.02 -5.74 0.61
CA SER A 61 -13.50 -4.39 0.93
C SER A 61 -12.40 -3.59 1.62
N CYS A 62 -12.28 -2.32 1.22
CA CYS A 62 -11.27 -1.44 1.80
C CYS A 62 -11.07 -1.73 3.28
N PRO A 63 -9.84 -2.13 3.64
CA PRO A 63 -9.47 -2.44 5.02
C PRO A 63 -9.44 -1.21 5.91
N VAL A 64 -9.81 -0.07 5.35
CA VAL A 64 -9.82 1.19 6.08
C VAL A 64 -11.24 1.67 6.33
N CYS A 65 -12.02 1.80 5.25
CA CYS A 65 -13.40 2.25 5.36
C CYS A 65 -14.36 1.09 5.08
N ARG A 66 -13.87 -0.14 5.22
CA ARG A 66 -14.69 -1.32 5.00
C ARG A 66 -15.76 -1.04 3.94
N ILE A 67 -15.34 -0.52 2.80
CA ILE A 67 -16.27 -0.21 1.72
C ILE A 67 -16.24 -1.30 0.64
N SER A 68 -17.30 -1.37 -0.15
CA SER A 68 -17.41 -2.36 -1.22
C SER A 68 -16.76 -1.84 -2.50
N TYR A 69 -16.06 -2.72 -3.19
CA TYR A 69 -15.39 -2.36 -4.44
C TYR A 69 -14.75 -3.58 -5.10
N GLN A 70 -14.84 -3.65 -6.42
CA GLN A 70 -14.27 -4.77 -7.16
C GLN A 70 -12.82 -4.49 -7.52
N PRO A 71 -11.92 -5.40 -7.12
CA PRO A 71 -10.49 -5.29 -7.38
C PRO A 71 -10.15 -5.46 -8.86
N GLU A 72 -11.18 -5.69 -9.68
CA GLU A 72 -11.00 -5.87 -11.11
C GLU A 72 -10.75 -4.54 -11.80
N ASN A 73 -11.75 -3.67 -11.79
CA ASN A 73 -11.66 -2.36 -12.41
C ASN A 73 -11.03 -1.35 -11.46
N ILE A 74 -9.70 -1.24 -11.51
CA ILE A 74 -8.98 -0.31 -10.66
C ILE A 74 -7.68 0.15 -11.32
N ARG A 75 -7.31 1.40 -11.07
CA ARG A 75 -6.08 1.95 -11.63
C ARG A 75 -5.45 2.96 -10.67
N PRO A 76 -4.12 3.02 -10.67
CA PRO A 76 -3.36 3.93 -9.81
C PRO A 76 -3.51 5.38 -10.23
N ASN A 77 -3.21 6.30 -9.32
CA ASN A 77 -3.31 7.73 -9.60
C ASN A 77 -2.89 8.04 -11.04
N ARG A 78 -1.70 7.59 -11.41
CA ARG A 78 -1.18 7.81 -12.75
C ARG A 78 -1.13 6.51 -13.54
N HIS A 79 -1.46 6.58 -14.83
CA HIS A 79 -1.45 5.41 -15.69
C HIS A 79 -0.53 5.63 -16.90
N VAL A 80 0.75 5.31 -16.72
CA VAL A 80 1.72 5.47 -17.79
C VAL A 80 2.47 4.16 -18.05
N ALA A 81 3.20 4.12 -19.16
CA ALA A 81 3.96 2.93 -19.52
C ALA A 81 5.39 3.29 -19.90
N ASN A 82 5.99 4.20 -19.14
CA ASN A 82 7.35 4.63 -19.41
C ASN A 82 8.34 3.92 -18.48
N ILE A 83 9.40 3.38 -19.05
CA ILE A 83 10.41 2.67 -18.27
C ILE A 83 11.58 3.59 -17.93
N VAL A 84 11.93 3.66 -16.65
CA VAL A 84 13.03 4.50 -16.20
C VAL A 84 14.22 3.66 -15.78
N GLU A 85 15.38 3.95 -16.35
CA GLU A 85 16.61 3.22 -16.03
C GLU A 85 17.17 3.67 -14.68
N GLY A 1 16.24 7.62 53.82
CA GLY A 1 16.61 8.76 53.01
C GLY A 1 16.21 8.60 51.55
N SER A 2 16.50 9.62 50.75
CA SER A 2 16.16 9.59 49.33
C SER A 2 16.98 10.60 48.55
N SER A 3 17.29 10.28 47.30
CA SER A 3 18.07 11.16 46.44
C SER A 3 18.11 10.65 45.01
N GLY A 4 17.48 11.38 44.11
CA GLY A 4 17.45 10.98 42.71
C GLY A 4 18.73 11.35 41.97
N SER A 5 19.74 10.49 42.08
CA SER A 5 21.02 10.74 41.43
C SER A 5 20.81 11.40 40.06
N SER A 6 20.01 10.76 39.22
CA SER A 6 19.73 11.28 37.89
C SER A 6 18.28 11.00 37.49
N GLY A 7 17.63 12.02 36.96
CA GLY A 7 16.24 11.87 36.53
C GLY A 7 16.08 10.83 35.46
N MET A 8 15.78 11.29 34.23
CA MET A 8 15.60 10.38 33.11
C MET A 8 16.35 10.89 31.87
N ALA A 9 17.29 10.09 31.39
CA ALA A 9 18.09 10.46 30.23
C ALA A 9 17.37 10.06 28.94
N SER A 10 16.06 10.27 28.91
CA SER A 10 15.25 9.93 27.74
C SER A 10 15.07 11.15 26.83
N GLY A 11 15.84 11.18 25.74
CA GLY A 11 15.75 12.29 24.81
C GLY A 11 14.60 12.15 23.84
N ILE A 12 13.38 12.14 24.37
CA ILE A 12 12.19 12.01 23.54
C ILE A 12 11.71 13.36 23.02
N LEU A 13 11.39 13.43 21.74
CA LEU A 13 10.92 14.66 21.13
C LEU A 13 9.61 14.44 20.37
N VAL A 14 9.04 15.52 19.86
CA VAL A 14 7.78 15.44 19.13
C VAL A 14 8.02 15.00 17.69
N ASN A 15 7.87 13.70 17.44
CA ASN A 15 8.07 13.15 16.11
C ASN A 15 6.88 13.46 15.21
N VAL A 16 7.09 13.38 13.90
CA VAL A 16 6.04 13.65 12.93
C VAL A 16 5.34 12.36 12.49
N LYS A 17 4.29 12.51 11.69
CA LYS A 17 3.55 11.36 11.21
C LYS A 17 3.52 11.33 9.69
N GLU A 18 4.03 10.25 9.11
CA GLU A 18 4.07 10.10 7.67
C GLU A 18 2.83 10.69 7.02
N GLU A 19 3.02 11.51 6.00
CA GLU A 19 1.92 12.15 5.30
C GLU A 19 0.96 11.10 4.72
N VAL A 20 1.53 10.05 4.14
CA VAL A 20 0.73 8.98 3.55
C VAL A 20 1.17 7.62 4.08
N THR A 21 0.28 6.98 4.85
CA THR A 21 0.58 5.67 5.43
C THR A 21 -0.38 4.61 4.88
N CYS A 22 0.05 3.36 4.94
CA CYS A 22 -0.76 2.25 4.46
C CYS A 22 -1.73 1.77 5.55
N PRO A 23 -3.03 1.76 5.22
CA PRO A 23 -4.07 1.32 6.15
C PRO A 23 -4.03 -0.18 6.42
N ILE A 24 -3.07 -0.85 5.80
CA ILE A 24 -2.91 -2.29 5.97
C ILE A 24 -1.69 -2.62 6.84
N CYS A 25 -0.51 -2.36 6.29
CA CYS A 25 0.73 -2.62 7.02
C CYS A 25 1.06 -1.47 7.96
N LEU A 26 0.29 -0.39 7.87
CA LEU A 26 0.51 0.77 8.72
C LEU A 26 1.93 1.31 8.55
N GLU A 27 2.44 1.24 7.34
CA GLU A 27 3.79 1.72 7.04
C GLU A 27 3.76 2.91 6.08
N LEU A 28 4.89 3.60 5.96
CA LEU A 28 4.98 4.76 5.07
C LEU A 28 4.72 4.34 3.62
N LEU A 29 3.51 4.62 3.14
CA LEU A 29 3.14 4.28 1.77
C LEU A 29 4.11 4.90 0.78
N THR A 30 5.19 4.20 0.49
CA THR A 30 6.20 4.68 -0.45
C THR A 30 5.63 4.79 -1.86
N GLN A 31 5.36 3.64 -2.47
CA GLN A 31 4.82 3.60 -3.83
C GLN A 31 3.40 3.06 -3.82
N PRO A 32 2.48 3.80 -3.18
CA PRO A 32 1.07 3.41 -3.08
C PRO A 32 0.35 3.52 -4.42
N LEU A 33 -0.82 2.88 -4.52
CA LEU A 33 -1.60 2.91 -5.74
C LEU A 33 -2.82 3.83 -5.58
N SER A 34 -3.60 3.95 -6.66
CA SER A 34 -4.78 4.80 -6.64
C SER A 34 -6.03 3.99 -6.99
N LEU A 35 -7.15 4.35 -6.38
CA LEU A 35 -8.41 3.65 -6.63
C LEU A 35 -9.53 4.65 -6.89
N ASP A 36 -10.69 4.13 -7.32
CA ASP A 36 -11.84 4.98 -7.61
C ASP A 36 -12.71 5.16 -6.38
N CYS A 37 -12.07 5.18 -5.21
CA CYS A 37 -12.78 5.35 -3.95
C CYS A 37 -12.20 6.50 -3.13
N GLY A 38 -10.87 6.60 -3.14
CA GLY A 38 -10.21 7.66 -2.40
C GLY A 38 -9.31 7.12 -1.31
N HIS A 39 -8.67 5.99 -1.57
CA HIS A 39 -7.77 5.38 -0.60
C HIS A 39 -6.62 4.65 -1.30
N SER A 40 -5.40 4.95 -0.88
CA SER A 40 -4.21 4.34 -1.46
C SER A 40 -3.79 3.10 -0.68
N PHE A 41 -2.96 2.26 -1.30
CA PHE A 41 -2.48 1.05 -0.66
C PHE A 41 -1.20 0.55 -1.32
N CYS A 42 -0.61 -0.48 -0.74
CA CYS A 42 0.63 -1.04 -1.27
C CYS A 42 0.34 -2.01 -2.42
N GLN A 43 1.10 -1.86 -3.51
CA GLN A 43 0.92 -2.71 -4.67
C GLN A 43 0.85 -4.18 -4.27
N ALA A 44 1.32 -4.49 -3.07
CA ALA A 44 1.31 -5.86 -2.57
C ALA A 44 0.14 -6.07 -1.61
N CYS A 45 0.07 -5.26 -0.57
CA CYS A 45 -1.00 -5.36 0.41
C CYS A 45 -2.35 -5.53 -0.26
N LEU A 46 -2.55 -4.79 -1.36
CA LEU A 46 -3.81 -4.86 -2.10
C LEU A 46 -4.06 -6.27 -2.61
N THR A 47 -3.07 -6.86 -3.27
CA THR A 47 -3.19 -8.21 -3.80
C THR A 47 -3.46 -9.22 -2.68
N ALA A 48 -2.74 -9.09 -1.58
CA ALA A 48 -2.91 -9.99 -0.45
C ALA A 48 -4.31 -9.86 0.15
N ASN A 49 -4.74 -8.62 0.37
CA ASN A 49 -6.06 -8.36 0.93
C ASN A 49 -7.15 -9.02 0.11
N HIS A 50 -7.03 -8.91 -1.22
CA HIS A 50 -8.01 -9.50 -2.13
C HIS A 50 -8.32 -10.95 -1.73
N LYS A 51 -7.28 -11.71 -1.43
CA LYS A 51 -7.43 -13.10 -1.03
C LYS A 51 -8.05 -13.21 0.37
N LYS A 52 -7.67 -12.28 1.24
CA LYS A 52 -8.19 -12.26 2.61
C LYS A 52 -9.71 -12.24 2.60
N SER A 53 -10.30 -11.41 1.74
CA SER A 53 -11.74 -11.30 1.65
C SER A 53 -12.32 -12.41 0.77
N MET A 54 -11.80 -13.63 0.96
CA MET A 54 -12.27 -14.77 0.18
C MET A 54 -12.84 -15.85 1.09
N LEU A 55 -12.37 -15.86 2.34
CA LEU A 55 -12.84 -16.85 3.31
C LEU A 55 -13.81 -16.21 4.31
N ASP A 56 -13.69 -14.90 4.48
CA ASP A 56 -14.56 -14.18 5.41
C ASP A 56 -15.81 -13.66 4.70
N LYS A 57 -15.60 -12.78 3.72
CA LYS A 57 -16.70 -12.21 2.96
C LYS A 57 -16.90 -12.96 1.64
N GLY A 58 -15.81 -13.10 0.89
CA GLY A 58 -15.89 -13.80 -0.39
C GLY A 58 -15.44 -12.94 -1.55
N GLU A 59 -15.74 -11.64 -1.47
CA GLU A 59 -15.38 -10.70 -2.53
C GLU A 59 -14.29 -9.75 -2.04
N SER A 60 -13.50 -9.23 -2.99
CA SER A 60 -12.42 -8.31 -2.66
C SER A 60 -12.83 -6.87 -2.93
N SER A 61 -12.57 -6.00 -1.97
CA SER A 61 -12.92 -4.59 -2.10
C SER A 61 -12.12 -3.74 -1.12
N CYS A 62 -12.13 -2.43 -1.33
CA CYS A 62 -11.41 -1.50 -0.47
C CYS A 62 -11.62 -1.86 1.00
N PRO A 63 -10.52 -2.22 1.68
CA PRO A 63 -10.54 -2.59 3.10
C PRO A 63 -10.83 -1.40 4.00
N VAL A 64 -11.05 -0.23 3.39
CA VAL A 64 -11.34 0.98 4.14
C VAL A 64 -12.81 1.36 4.04
N CYS A 65 -13.25 1.67 2.84
CA CYS A 65 -14.65 2.05 2.60
C CYS A 65 -15.43 0.89 1.99
N ARG A 66 -14.71 -0.05 1.39
CA ARG A 66 -15.33 -1.21 0.76
C ARG A 66 -16.28 -0.78 -0.36
N ILE A 67 -15.84 0.19 -1.16
CA ILE A 67 -16.64 0.69 -2.26
C ILE A 67 -17.04 -0.44 -3.22
N SER A 68 -18.11 -0.23 -3.96
CA SER A 68 -18.59 -1.22 -4.91
C SER A 68 -17.86 -1.10 -6.25
N TYR A 69 -16.62 -0.66 -6.18
CA TYR A 69 -15.81 -0.49 -7.39
C TYR A 69 -15.19 -1.81 -7.81
N GLN A 70 -14.62 -1.83 -9.02
CA GLN A 70 -14.00 -3.05 -9.55
C GLN A 70 -12.50 -3.05 -9.25
N PRO A 71 -12.06 -4.04 -8.45
CA PRO A 71 -10.66 -4.20 -8.07
C PRO A 71 -9.78 -4.63 -9.24
N GLU A 72 -10.39 -4.74 -10.42
CA GLU A 72 -9.67 -5.15 -11.61
C GLU A 72 -9.40 -3.95 -12.52
N ASN A 73 -10.41 -3.12 -12.71
CA ASN A 73 -10.28 -1.93 -13.55
C ASN A 73 -9.56 -0.81 -12.81
N ILE A 74 -8.31 -1.07 -12.44
CA ILE A 74 -7.51 -0.08 -11.73
C ILE A 74 -6.08 -0.02 -12.29
N ARG A 75 -5.51 1.18 -12.30
CA ARG A 75 -4.16 1.37 -12.80
C ARG A 75 -3.45 2.51 -12.06
N PRO A 76 -2.15 2.35 -11.82
CA PRO A 76 -1.34 3.35 -11.12
C PRO A 76 -1.13 4.60 -11.97
N ASN A 77 -0.55 5.63 -11.34
CA ASN A 77 -0.30 6.89 -12.04
C ASN A 77 1.07 6.86 -12.72
N ARG A 78 1.39 5.73 -13.34
CA ARG A 78 2.66 5.57 -14.03
C ARG A 78 2.45 5.37 -15.54
N HIS A 79 1.53 4.48 -15.88
CA HIS A 79 1.22 4.20 -17.27
C HIS A 79 0.83 5.47 -18.02
N VAL A 80 1.78 6.03 -18.77
CA VAL A 80 1.53 7.25 -19.53
C VAL A 80 1.61 7.00 -21.03
N ALA A 81 0.62 6.26 -21.54
CA ALA A 81 0.57 5.94 -22.96
C ALA A 81 1.96 5.61 -23.50
N ASN A 82 2.74 4.87 -22.72
CA ASN A 82 4.08 4.49 -23.12
C ASN A 82 4.58 3.31 -22.29
N ILE A 83 4.66 2.14 -22.92
CA ILE A 83 5.11 0.93 -22.25
C ILE A 83 6.57 0.63 -22.59
N VAL A 84 7.13 -0.39 -21.95
CA VAL A 84 8.51 -0.78 -22.18
C VAL A 84 8.86 -0.72 -23.67
N GLU A 85 10.07 -0.32 -23.98
CA GLU A 85 10.53 -0.23 -25.36
C GLU A 85 11.43 -1.41 -25.73
N GLY A 1 7.02 -4.29 -18.44
CA GLY A 1 8.24 -4.42 -17.67
C GLY A 1 8.18 -5.57 -16.68
N SER A 2 9.22 -5.69 -15.86
CA SER A 2 9.28 -6.77 -14.87
C SER A 2 9.31 -6.20 -13.45
N SER A 3 8.28 -6.53 -12.67
CA SER A 3 8.18 -6.06 -11.30
C SER A 3 9.11 -6.85 -10.38
N GLY A 4 9.93 -6.13 -9.62
CA GLY A 4 10.84 -6.79 -8.70
C GLY A 4 11.16 -5.95 -7.49
N SER A 5 11.70 -6.58 -6.45
CA SER A 5 12.04 -5.88 -5.22
C SER A 5 13.15 -6.61 -4.46
N SER A 6 14.06 -5.84 -3.86
CA SER A 6 15.17 -6.42 -3.11
C SER A 6 15.60 -5.48 -1.98
N GLY A 7 16.12 -6.07 -0.91
CA GLY A 7 16.57 -5.27 0.22
C GLY A 7 17.16 -3.94 -0.20
N MET A 8 16.85 -2.89 0.55
CA MET A 8 17.35 -1.55 0.24
C MET A 8 18.29 -1.07 1.34
N ALA A 9 19.52 -0.76 0.97
CA ALA A 9 20.51 -0.27 1.92
C ALA A 9 20.43 1.24 2.09
N SER A 10 19.20 1.76 2.14
CA SER A 10 18.99 3.20 2.30
C SER A 10 19.39 3.66 3.69
N GLY A 11 20.18 4.74 3.74
CA GLY A 11 20.63 5.26 5.01
C GLY A 11 19.64 6.26 5.61
N ILE A 12 18.50 5.75 6.07
CA ILE A 12 17.48 6.61 6.65
C ILE A 12 17.47 6.48 8.18
N LEU A 13 16.70 7.35 8.83
CA LEU A 13 16.60 7.35 10.28
C LEU A 13 15.16 7.56 10.73
N VAL A 14 14.71 6.73 11.66
CA VAL A 14 13.34 6.83 12.19
C VAL A 14 12.91 8.28 12.30
N ASN A 15 11.88 8.65 11.55
CA ASN A 15 11.37 10.02 11.57
C ASN A 15 9.86 10.03 11.81
N VAL A 16 9.29 11.22 11.90
CA VAL A 16 7.85 11.37 12.12
C VAL A 16 7.05 10.65 11.03
N LYS A 17 5.81 10.29 11.36
CA LYS A 17 4.94 9.60 10.41
C LYS A 17 5.13 10.16 9.00
N GLU A 18 5.01 9.28 8.01
CA GLU A 18 5.15 9.69 6.61
C GLU A 18 3.84 10.25 6.07
N GLU A 19 3.95 11.30 5.26
CA GLU A 19 2.77 11.94 4.67
C GLU A 19 1.68 10.90 4.40
N VAL A 20 2.03 9.85 3.66
CA VAL A 20 1.08 8.80 3.35
C VAL A 20 1.52 7.46 3.93
N THR A 21 0.63 6.84 4.72
CA THR A 21 0.94 5.56 5.34
C THR A 21 -0.02 4.48 4.84
N CYS A 22 0.41 3.23 4.92
CA CYS A 22 -0.40 2.10 4.49
C CYS A 22 -1.28 1.60 5.63
N PRO A 23 -2.60 1.54 5.37
CA PRO A 23 -3.58 1.09 6.36
C PRO A 23 -3.47 -0.41 6.63
N ILE A 24 -2.55 -1.07 5.94
CA ILE A 24 -2.35 -2.50 6.10
C ILE A 24 -1.09 -2.79 6.91
N CYS A 25 0.07 -2.50 6.32
CA CYS A 25 1.34 -2.73 6.98
C CYS A 25 1.68 -1.58 7.94
N LEU A 26 0.85 -0.54 7.91
CA LEU A 26 1.05 0.62 8.77
C LEU A 26 2.54 0.98 8.87
N GLU A 27 3.20 1.05 7.72
CA GLU A 27 4.62 1.37 7.67
C GLU A 27 4.85 2.65 6.88
N LEU A 28 4.64 2.57 5.57
CA LEU A 28 4.83 3.73 4.69
C LEU A 28 4.28 3.44 3.30
N LEU A 29 3.60 4.43 2.73
CA LEU A 29 3.02 4.30 1.40
C LEU A 29 3.80 5.12 0.37
N THR A 30 4.76 4.47 -0.29
CA THR A 30 5.58 5.14 -1.29
C THR A 30 5.09 4.83 -2.70
N GLN A 31 4.31 5.73 -3.27
CA GLN A 31 3.78 5.55 -4.62
C GLN A 31 2.78 4.39 -4.66
N PRO A 32 1.79 4.44 -3.75
CA PRO A 32 0.75 3.41 -3.66
C PRO A 32 -0.19 3.43 -4.86
N LEU A 33 -1.29 2.68 -4.76
CA LEU A 33 -2.27 2.62 -5.83
C LEU A 33 -3.52 3.43 -5.48
N SER A 34 -4.32 3.74 -6.49
CA SER A 34 -5.54 4.51 -6.30
C SER A 34 -6.77 3.67 -6.58
N LEU A 35 -7.87 3.98 -5.90
CA LEU A 35 -9.12 3.25 -6.07
C LEU A 35 -10.29 4.21 -6.24
N ASP A 36 -11.45 3.67 -6.60
CA ASP A 36 -12.65 4.47 -6.79
C ASP A 36 -13.39 4.66 -5.47
N CYS A 37 -12.64 4.67 -4.37
CA CYS A 37 -13.22 4.83 -3.05
C CYS A 37 -12.58 6.00 -2.31
N GLY A 38 -11.28 6.17 -2.51
CA GLY A 38 -10.56 7.26 -1.86
C GLY A 38 -9.56 6.76 -0.84
N HIS A 39 -8.83 5.70 -1.20
CA HIS A 39 -7.83 5.13 -0.30
C HIS A 39 -6.71 4.46 -1.09
N SER A 40 -5.48 4.64 -0.63
CA SER A 40 -4.32 4.06 -1.29
C SER A 40 -3.79 2.84 -0.53
N PHE A 41 -2.95 2.06 -1.19
CA PHE A 41 -2.37 0.87 -0.57
C PHE A 41 -1.12 0.42 -1.31
N CYS A 42 -0.48 -0.63 -0.80
CA CYS A 42 0.73 -1.15 -1.41
C CYS A 42 0.40 -2.16 -2.51
N GLN A 43 0.99 -1.96 -3.69
CA GLN A 43 0.75 -2.86 -4.82
C GLN A 43 0.77 -4.31 -4.37
N ALA A 44 1.40 -4.58 -3.24
CA ALA A 44 1.49 -5.94 -2.72
C ALA A 44 0.41 -6.19 -1.67
N CYS A 45 0.42 -5.39 -0.61
CA CYS A 45 -0.57 -5.52 0.46
C CYS A 45 -1.97 -5.76 -0.12
N LEU A 46 -2.30 -5.02 -1.17
CA LEU A 46 -3.60 -5.15 -1.81
C LEU A 46 -3.82 -6.58 -2.33
N THR A 47 -2.81 -7.10 -3.03
CA THR A 47 -2.89 -8.44 -3.57
C THR A 47 -3.24 -9.46 -2.49
N ALA A 48 -2.62 -9.33 -1.33
CA ALA A 48 -2.86 -10.24 -0.22
C ALA A 48 -4.26 -10.02 0.36
N ASN A 49 -4.59 -8.77 0.65
CA ASN A 49 -5.90 -8.43 1.22
C ASN A 49 -7.01 -9.01 0.35
N HIS A 50 -6.92 -8.80 -0.96
CA HIS A 50 -7.92 -9.31 -1.89
C HIS A 50 -8.29 -10.75 -1.57
N LYS A 51 -7.29 -11.54 -1.19
CA LYS A 51 -7.51 -12.94 -0.85
C LYS A 51 -8.09 -13.08 0.56
N LYS A 52 -7.81 -12.09 1.41
CA LYS A 52 -8.30 -12.11 2.78
C LYS A 52 -9.83 -12.17 2.81
N SER A 53 -10.46 -11.07 2.41
CA SER A 53 -11.92 -11.00 2.39
C SER A 53 -12.49 -11.75 1.19
N MET A 54 -11.99 -12.98 0.98
CA MET A 54 -12.45 -13.80 -0.13
C MET A 54 -12.90 -15.18 0.36
N LEU A 55 -12.17 -15.71 1.33
CA LEU A 55 -12.50 -17.02 1.89
C LEU A 55 -13.58 -16.90 2.96
N ASP A 56 -13.74 -15.71 3.50
CA ASP A 56 -14.74 -15.46 4.54
C ASP A 56 -16.11 -15.26 3.92
N LYS A 57 -16.25 -14.24 3.08
CA LYS A 57 -17.51 -13.94 2.42
C LYS A 57 -17.40 -14.15 0.92
N GLY A 58 -16.35 -13.59 0.32
CA GLY A 58 -16.16 -13.73 -1.11
C GLY A 58 -16.14 -12.39 -1.83
N GLU A 59 -15.54 -11.39 -1.19
CA GLU A 59 -15.46 -10.06 -1.78
C GLU A 59 -14.50 -9.17 -0.99
N SER A 60 -13.42 -8.75 -1.64
CA SER A 60 -12.42 -7.91 -0.99
C SER A 60 -12.12 -6.68 -1.86
N SER A 61 -12.81 -5.58 -1.56
CA SER A 61 -12.61 -4.34 -2.31
C SER A 61 -11.61 -3.43 -1.60
N CYS A 62 -12.07 -2.79 -0.52
CA CYS A 62 -11.22 -1.89 0.25
C CYS A 62 -11.30 -2.22 1.74
N PRO A 63 -10.15 -2.58 2.32
CA PRO A 63 -10.05 -2.92 3.74
C PRO A 63 -10.23 -1.71 4.65
N VAL A 64 -10.64 -0.59 4.05
CA VAL A 64 -10.85 0.64 4.81
C VAL A 64 -12.32 1.05 4.78
N CYS A 65 -12.95 0.89 3.62
CA CYS A 65 -14.36 1.24 3.47
C CYS A 65 -15.15 0.07 2.88
N ARG A 66 -14.45 -0.82 2.20
CA ARG A 66 -15.09 -1.98 1.58
C ARG A 66 -16.22 -1.56 0.66
N ILE A 67 -15.94 -0.56 -0.18
CA ILE A 67 -16.94 -0.06 -1.13
C ILE A 67 -17.09 -1.00 -2.32
N SER A 68 -18.28 -1.01 -2.92
CA SER A 68 -18.55 -1.86 -4.06
C SER A 68 -17.86 -1.34 -5.32
N TYR A 69 -16.63 -1.79 -5.53
CA TYR A 69 -15.85 -1.37 -6.70
C TYR A 69 -14.96 -2.50 -7.19
N GLN A 70 -15.18 -2.93 -8.43
CA GLN A 70 -14.40 -4.00 -9.03
C GLN A 70 -12.91 -3.82 -8.71
N PRO A 71 -12.39 -4.65 -7.81
CA PRO A 71 -10.98 -4.60 -7.41
C PRO A 71 -10.05 -5.08 -8.53
N GLU A 72 -10.58 -5.18 -9.73
CA GLU A 72 -9.80 -5.61 -10.88
C GLU A 72 -9.59 -4.48 -11.87
N ASN A 73 -10.62 -3.64 -12.02
CA ASN A 73 -10.55 -2.51 -12.94
C ASN A 73 -9.96 -1.28 -12.24
N ILE A 74 -8.70 -1.41 -11.80
CA ILE A 74 -8.03 -0.31 -11.12
C ILE A 74 -6.80 0.15 -11.90
N ARG A 75 -6.49 1.44 -11.80
CA ARG A 75 -5.35 2.01 -12.51
C ARG A 75 -4.68 3.09 -11.67
N PRO A 76 -3.33 3.10 -11.68
CA PRO A 76 -2.55 4.07 -10.92
C PRO A 76 -2.66 5.48 -11.49
N ASN A 77 -2.43 6.48 -10.64
CA ASN A 77 -2.51 7.88 -11.05
C ASN A 77 -1.55 8.15 -12.21
N ARG A 78 -0.30 7.75 -12.05
CA ARG A 78 0.71 7.96 -13.07
C ARG A 78 1.76 6.85 -13.03
N HIS A 79 2.01 6.25 -14.19
CA HIS A 79 3.00 5.17 -14.29
C HIS A 79 4.14 5.56 -15.23
N VAL A 80 5.32 5.72 -14.67
CA VAL A 80 6.50 6.09 -15.45
C VAL A 80 7.47 4.92 -15.56
N ALA A 81 7.91 4.65 -16.78
CA ALA A 81 8.86 3.56 -17.02
C ALA A 81 10.29 4.08 -17.11
N ASN A 82 10.68 4.88 -16.13
CA ASN A 82 12.03 5.45 -16.09
C ASN A 82 12.48 5.68 -14.66
N ILE A 83 13.68 5.19 -14.34
CA ILE A 83 14.23 5.34 -12.99
C ILE A 83 14.54 6.80 -12.69
N VAL A 84 13.78 7.38 -11.78
CA VAL A 84 13.97 8.79 -11.40
C VAL A 84 14.35 8.90 -9.93
N GLU A 85 15.06 9.98 -9.59
CA GLU A 85 15.49 10.20 -8.22
C GLU A 85 15.77 11.68 -7.97
N GLY A 1 22.89 -24.16 -3.25
CA GLY A 1 23.00 -22.71 -3.24
C GLY A 1 23.36 -22.17 -1.88
N SER A 2 24.09 -21.05 -1.86
CA SER A 2 24.51 -20.43 -0.61
C SER A 2 24.70 -18.93 -0.79
N SER A 3 24.43 -18.17 0.27
CA SER A 3 24.57 -16.72 0.24
C SER A 3 24.99 -16.18 1.60
N GLY A 4 26.17 -15.55 1.63
CA GLY A 4 26.68 -15.00 2.87
C GLY A 4 26.48 -13.49 2.96
N SER A 5 25.97 -13.03 4.09
CA SER A 5 25.73 -11.61 4.29
C SER A 5 25.41 -11.31 5.76
N SER A 6 26.19 -10.42 6.36
CA SER A 6 25.99 -10.06 7.76
C SER A 6 24.96 -8.94 7.88
N GLY A 7 23.88 -9.06 7.12
CA GLY A 7 22.83 -8.06 7.16
C GLY A 7 23.06 -6.94 6.18
N MET A 8 21.98 -6.32 5.73
CA MET A 8 22.07 -5.22 4.77
C MET A 8 22.28 -3.89 5.50
N ALA A 9 23.36 -3.19 5.16
CA ALA A 9 23.66 -1.91 5.78
C ALA A 9 22.88 -0.78 5.12
N SER A 10 21.59 -1.00 4.92
CA SER A 10 20.73 0.00 4.29
C SER A 10 21.05 1.40 4.82
N GLY A 11 21.54 2.25 3.93
CA GLY A 11 21.88 3.62 4.33
C GLY A 11 20.66 4.51 4.42
N ILE A 12 19.63 4.04 5.10
CA ILE A 12 18.39 4.80 5.27
C ILE A 12 18.40 5.59 6.57
N LEU A 13 18.03 6.86 6.49
CA LEU A 13 18.00 7.73 7.67
C LEU A 13 16.56 8.05 8.06
N VAL A 14 16.27 8.00 9.35
CA VAL A 14 14.94 8.30 9.86
C VAL A 14 14.53 9.74 9.54
N ASN A 15 13.76 9.89 8.47
CA ASN A 15 13.30 11.22 8.06
C ASN A 15 12.04 11.62 8.83
N VAL A 16 11.59 12.85 8.59
CA VAL A 16 10.39 13.36 9.25
C VAL A 16 9.16 12.53 8.90
N LYS A 17 8.12 12.65 9.71
CA LYS A 17 6.88 11.91 9.47
C LYS A 17 6.63 11.71 7.98
N GLU A 18 6.12 10.54 7.62
CA GLU A 18 5.84 10.23 6.23
C GLU A 18 4.56 10.93 5.75
N GLU A 19 4.59 11.47 4.55
CA GLU A 19 3.43 12.15 3.99
C GLU A 19 2.34 11.16 3.60
N VAL A 20 2.76 9.98 3.16
CA VAL A 20 1.82 8.93 2.76
C VAL A 20 2.26 7.57 3.28
N THR A 21 1.46 7.01 4.19
CA THR A 21 1.76 5.71 4.77
C THR A 21 0.71 4.68 4.40
N CYS A 22 1.07 3.40 4.49
CA CYS A 22 0.14 2.33 4.17
C CYS A 22 -0.69 1.93 5.38
N PRO A 23 -2.02 1.95 5.22
CA PRO A 23 -2.95 1.60 6.30
C PRO A 23 -2.91 0.12 6.63
N ILE A 24 -2.06 -0.63 5.93
CA ILE A 24 -1.93 -2.06 6.15
C ILE A 24 -0.64 -2.39 6.89
N CYS A 25 0.49 -2.21 6.21
CA CYS A 25 1.80 -2.48 6.79
C CYS A 25 2.26 -1.31 7.66
N LEU A 26 1.59 -0.17 7.51
CA LEU A 26 1.93 1.02 8.29
C LEU A 26 3.34 1.49 7.96
N GLU A 27 3.73 1.35 6.69
CA GLU A 27 5.05 1.76 6.25
C GLU A 27 4.95 2.87 5.21
N LEU A 28 6.07 3.54 4.95
CA LEU A 28 6.11 4.61 3.97
C LEU A 28 5.65 4.12 2.60
N LEU A 29 4.43 4.50 2.21
CA LEU A 29 3.89 4.09 0.92
C LEU A 29 4.70 4.68 -0.23
N THR A 30 5.45 3.83 -0.91
CA THR A 30 6.27 4.27 -2.04
C THR A 30 5.63 3.90 -3.37
N GLN A 31 5.05 4.88 -4.04
CA GLN A 31 4.40 4.66 -5.33
C GLN A 31 3.22 3.71 -5.17
N PRO A 32 2.30 4.04 -4.27
CA PRO A 32 1.11 3.22 -4.01
C PRO A 32 0.12 3.26 -5.17
N LEU A 33 -1.03 2.61 -4.99
CA LEU A 33 -2.06 2.57 -6.03
C LEU A 33 -3.21 3.52 -5.68
N SER A 34 -4.06 3.78 -6.67
CA SER A 34 -5.20 4.67 -6.47
C SER A 34 -6.51 3.91 -6.65
N LEU A 35 -7.53 4.34 -5.92
CA LEU A 35 -8.84 3.70 -6.00
C LEU A 35 -9.94 4.74 -6.22
N ASP A 36 -11.16 4.27 -6.44
CA ASP A 36 -12.30 5.14 -6.67
C ASP A 36 -13.00 5.49 -5.36
N CYS A 37 -12.25 5.44 -4.27
CA CYS A 37 -12.79 5.74 -2.95
C CYS A 37 -12.04 6.89 -2.30
N GLY A 38 -10.71 6.88 -2.42
CA GLY A 38 -9.91 7.94 -1.84
C GLY A 38 -8.89 7.43 -0.84
N HIS A 39 -8.26 6.31 -1.19
CA HIS A 39 -7.26 5.70 -0.32
C HIS A 39 -6.23 4.92 -1.12
N SER A 40 -4.96 5.05 -0.75
CA SER A 40 -3.88 4.36 -1.45
C SER A 40 -3.41 3.15 -0.64
N PHE A 41 -2.69 2.25 -1.31
CA PHE A 41 -2.18 1.05 -0.67
C PHE A 41 -0.98 0.49 -1.44
N CYS A 42 -0.43 -0.62 -0.95
CA CYS A 42 0.71 -1.26 -1.58
C CYS A 42 0.24 -2.25 -2.65
N GLN A 43 0.91 -2.22 -3.81
CA GLN A 43 0.57 -3.12 -4.90
C GLN A 43 0.47 -4.56 -4.42
N ALA A 44 1.05 -4.82 -3.25
CA ALA A 44 1.04 -6.17 -2.67
C ALA A 44 -0.02 -6.27 -1.57
N CYS A 45 0.07 -5.40 -0.58
CA CYS A 45 -0.87 -5.40 0.53
C CYS A 45 -2.30 -5.51 0.03
N LEU A 46 -2.57 -4.87 -1.10
CA LEU A 46 -3.91 -4.89 -1.69
C LEU A 46 -4.28 -6.31 -2.16
N THR A 47 -3.36 -6.94 -2.88
CA THR A 47 -3.58 -8.29 -3.38
C THR A 47 -3.76 -9.28 -2.23
N ALA A 48 -2.97 -9.10 -1.18
CA ALA A 48 -3.04 -9.98 -0.02
C ALA A 48 -4.34 -9.75 0.76
N ASN A 49 -4.67 -8.48 0.99
CA ASN A 49 -5.87 -8.13 1.72
C ASN A 49 -7.12 -8.66 1.01
N HIS A 50 -7.10 -8.63 -0.32
CA HIS A 50 -8.21 -9.11 -1.11
C HIS A 50 -8.44 -10.61 -0.90
N LYS A 51 -7.41 -11.39 -1.20
CA LYS A 51 -7.48 -12.84 -1.04
C LYS A 51 -8.02 -13.21 0.35
N LYS A 52 -7.50 -12.54 1.36
CA LYS A 52 -7.93 -12.80 2.75
C LYS A 52 -9.46 -12.82 2.84
N SER A 53 -10.08 -11.70 2.50
CA SER A 53 -11.53 -11.59 2.56
C SER A 53 -12.17 -12.16 1.29
N MET A 54 -11.50 -13.14 0.69
CA MET A 54 -11.99 -13.76 -0.54
C MET A 54 -12.59 -15.14 -0.24
N LEU A 55 -12.25 -15.68 0.94
CA LEU A 55 -12.75 -16.99 1.34
C LEU A 55 -13.88 -16.85 2.37
N ASP A 56 -13.55 -16.23 3.51
CA ASP A 56 -14.52 -16.02 4.57
C ASP A 56 -15.76 -15.32 4.04
N LYS A 57 -15.63 -14.02 3.76
CA LYS A 57 -16.74 -13.23 3.25
C LYS A 57 -17.08 -13.62 1.81
N GLY A 58 -16.12 -13.43 0.91
CA GLY A 58 -16.32 -13.78 -0.48
C GLY A 58 -16.00 -12.63 -1.42
N GLU A 59 -15.98 -11.41 -0.88
CA GLU A 59 -15.68 -10.24 -1.67
C GLU A 59 -14.99 -9.17 -0.83
N SER A 60 -13.69 -8.97 -1.09
CA SER A 60 -12.91 -7.99 -0.35
C SER A 60 -13.53 -6.60 -0.45
N SER A 61 -12.90 -5.62 0.19
CA SER A 61 -13.40 -4.25 0.18
C SER A 61 -12.43 -3.32 0.89
N CYS A 62 -12.32 -2.09 0.38
CA CYS A 62 -11.43 -1.09 0.96
C CYS A 62 -11.33 -1.27 2.47
N PRO A 63 -10.15 -1.65 2.96
CA PRO A 63 -9.89 -1.85 4.39
C PRO A 63 -9.91 -0.55 5.18
N VAL A 64 -10.37 0.52 4.53
CA VAL A 64 -10.44 1.83 5.17
C VAL A 64 -11.88 2.31 5.29
N CYS A 65 -12.56 2.42 4.15
CA CYS A 65 -13.95 2.87 4.12
C CYS A 65 -14.87 1.74 3.65
N ARG A 66 -14.29 0.74 3.01
CA ARG A 66 -15.06 -0.40 2.51
C ARG A 66 -16.18 0.08 1.59
N ILE A 67 -15.82 0.87 0.59
CA ILE A 67 -16.80 1.39 -0.36
C ILE A 67 -17.16 0.34 -1.40
N SER A 68 -18.23 0.59 -2.14
CA SER A 68 -18.69 -0.34 -3.17
C SER A 68 -17.91 -0.12 -4.47
N TYR A 69 -16.84 -0.90 -4.63
CA TYR A 69 -16.01 -0.80 -5.82
C TYR A 69 -15.58 -2.19 -6.30
N GLN A 70 -15.04 -2.24 -7.52
CA GLN A 70 -14.58 -3.50 -8.09
C GLN A 70 -13.07 -3.50 -8.27
N PRO A 71 -12.40 -4.50 -7.66
CA PRO A 71 -10.94 -4.63 -7.74
C PRO A 71 -10.47 -5.03 -9.13
N GLU A 72 -11.42 -5.39 -9.99
CA GLU A 72 -11.10 -5.79 -11.36
C GLU A 72 -10.74 -4.59 -12.21
N ASN A 73 -11.56 -3.54 -12.13
CA ASN A 73 -11.31 -2.33 -12.90
C ASN A 73 -10.51 -1.32 -12.10
N ILE A 74 -9.20 -1.50 -12.06
CA ILE A 74 -8.31 -0.61 -11.32
C ILE A 74 -6.90 -0.62 -11.91
N ARG A 75 -6.23 0.52 -11.82
CA ARG A 75 -4.87 0.63 -12.33
C ARG A 75 -4.13 1.79 -11.67
N PRO A 76 -2.80 1.67 -11.59
CA PRO A 76 -1.95 2.70 -10.98
C PRO A 76 -1.89 3.98 -11.81
N ASN A 77 -1.03 4.91 -11.41
CA ASN A 77 -0.88 6.17 -12.12
C ASN A 77 -0.15 5.97 -13.44
N ARG A 78 0.94 5.20 -13.39
CA ARG A 78 1.73 4.92 -14.58
C ARG A 78 2.75 3.82 -14.32
N HIS A 79 2.68 2.75 -15.11
CA HIS A 79 3.59 1.63 -14.95
C HIS A 79 4.13 1.19 -16.31
N VAL A 80 4.52 2.16 -17.13
CA VAL A 80 5.06 1.88 -18.45
C VAL A 80 6.39 2.58 -18.66
N ALA A 81 7.28 1.95 -19.43
CA ALA A 81 8.59 2.52 -19.71
C ALA A 81 8.48 3.71 -20.66
N ASN A 82 7.72 3.53 -21.73
CA ASN A 82 7.53 4.59 -22.71
C ASN A 82 7.26 5.93 -22.04
N ILE A 83 7.87 6.98 -22.57
CA ILE A 83 7.69 8.32 -22.01
C ILE A 83 6.80 9.17 -22.91
N VAL A 84 5.55 9.38 -22.50
CA VAL A 84 4.60 10.17 -23.26
C VAL A 84 3.36 10.49 -22.44
N GLU A 85 3.08 11.78 -22.27
CA GLU A 85 1.92 12.21 -21.51
C GLU A 85 0.63 11.80 -22.19
#